data_6Y88
#
_entry.id   6Y88
#
_cell.length_a   164.705
_cell.length_b   150.683
_cell.length_c   114.380
_cell.angle_alpha   90.000
_cell.angle_beta   90.000
_cell.angle_gamma   90.000
#
_symmetry.space_group_name_H-M   'P 21 21 2'
#
loop_
_entity.id
_entity.type
_entity.pdbx_description
1 polymer 'Indole-3-glycerol phosphate synthase'
2 polymer 'Indole-3-glycerol phosphate synthase,Indole-3-glycerol phosphate synthase'
3 non-polymer 1-(O-CARBOXY-PHENYLAMINO)-1-DEOXY-D-RIBULOSE-5-PHOSPHATE
4 non-polymer GLYCEROL
5 non-polymer 'CITRIC ACID'
6 non-polymer 'PHOSPHATE ION'
7 water water
#
loop_
_entity_poly.entity_id
_entity_poly.type
_entity_poly.pdbx_seq_one_letter_code
_entity_poly.pdbx_strand_id
1 'polypeptide(L)'
;MSVPTVLQKILARKAEEVAERRARVNLAEVERLARSADAPRGFANALLERAKRKEPAVIAEIKKASPSKGVLREHFVPAE
IARSYEAGGAACLSVLTDVDFFQGADAYLKEARAACALPVIRKDFMIDPYQIVEARAIGADCILLIVSALDDVLMAELAA
TAKSVGLDVLVEVHDGTELERALKTLDTPLVGINNRNLHTFEVSLETTLDLLPEIPRDRLVVTESGILNRADVELMEVSE
VYAFLVGEAFMRADDPGLELKRLFFQERGAVVLGADPDTSGHHHHHH
;
A,B,C,D,E,F,H
2 'polypeptide(L)'
;(UNK)(UNK)(UNK)(UNK)(UNK)(UNK)(UNK)(UNK)(UNK)(UNK)(UNK)(UNK)(UNK)(UNK)VNLAEVERLA
RSADAPRGFANALLERAKRKEPAVIAEIKKASPSKGVLREHFVPAEIARSYEAGGAACLSVLTDVDFFQGADAYLKEARA
ACALPVIRKDFMIDPYQIVEARAIGADCILLIVSALDDVLMAELAATAKSVGLDVLVEVHDGTELERALKTLDTPLVGIN
NRNLHTFEVSLETTLDLLPEIPRDRLVVTESGILNRADVELMEVSEVYAFLVGEAFMRADDPGLELKRLFFQERGAVVLG
ADPDTSGHHHHHH
;
G
#
# COMPACT_ATOMS: atom_id res chain seq x y z
N VAL A 3 -31.06 19.05 27.27
CA VAL A 3 -30.96 19.64 28.61
C VAL A 3 -29.56 19.39 29.19
N PRO A 4 -29.13 18.13 29.34
CA PRO A 4 -27.79 17.90 29.90
C PRO A 4 -26.77 18.76 29.20
N THR A 5 -25.91 19.41 30.00
CA THR A 5 -24.93 20.37 29.46
C THR A 5 -24.12 19.74 28.34
N VAL A 6 -23.54 18.57 28.58
CA VAL A 6 -22.70 17.95 27.56
C VAL A 6 -23.51 17.68 26.31
N LEU A 7 -24.77 17.29 26.49
CA LEU A 7 -25.62 17.04 25.34
C LEU A 7 -25.89 18.34 24.57
N GLN A 8 -26.14 19.45 25.26
CA GLN A 8 -26.32 20.72 24.55
C GLN A 8 -25.11 21.05 23.71
N LYS A 9 -23.91 20.82 24.27
CA LYS A 9 -22.72 21.15 23.50
C LYS A 9 -22.60 20.24 22.29
N ILE A 10 -22.89 18.95 22.46
CA ILE A 10 -22.80 18.03 21.32
C ILE A 10 -23.79 18.44 20.23
N LEU A 11 -25.01 18.77 20.63
CA LEU A 11 -26.06 19.05 19.64
C LEU A 11 -25.77 20.36 18.90
N ALA A 12 -25.22 21.35 19.60
CA ALA A 12 -24.80 22.60 18.95
C ALA A 12 -23.75 22.34 17.88
N ARG A 13 -22.72 21.55 18.23
CA ARG A 13 -21.75 21.14 17.22
C ARG A 13 -22.40 20.34 16.11
N LYS A 14 -23.31 19.43 16.47
CA LYS A 14 -23.93 18.60 15.45
C LYS A 14 -24.62 19.45 14.38
N ALA A 15 -25.29 20.54 14.77
CA ALA A 15 -25.98 21.35 13.76
C ALA A 15 -25.00 21.93 12.75
N GLU A 16 -23.84 22.39 13.23
CA GLU A 16 -22.78 22.89 12.36
C GLU A 16 -22.31 21.80 11.41
N GLU A 17 -22.00 20.61 11.94
CA GLU A 17 -21.49 19.56 11.06
C GLU A 17 -22.49 19.20 9.99
N VAL A 18 -23.79 19.14 10.35
CA VAL A 18 -24.80 18.80 9.36
C VAL A 18 -24.81 19.86 8.25
N ALA A 19 -24.78 21.13 8.65
CA ALA A 19 -24.80 22.20 7.65
C ALA A 19 -23.60 22.09 6.73
N GLU A 20 -22.42 21.89 7.32
CA GLU A 20 -21.19 21.74 6.55
C GLU A 20 -21.29 20.60 5.55
N ARG A 21 -21.83 19.46 5.98
CA ARG A 21 -21.87 18.31 5.07
C ARG A 21 -22.88 18.50 3.98
N ARG A 22 -24.05 19.04 4.35
CA ARG A 22 -25.09 19.32 3.37
C ARG A 22 -24.59 20.29 2.31
N ALA A 23 -23.77 21.25 2.70
CA ALA A 23 -23.16 22.16 1.72
C ALA A 23 -22.33 21.41 0.69
N ARG A 24 -21.57 20.39 1.13
CA ARG A 24 -20.74 19.63 0.20
C ARG A 24 -21.50 18.52 -0.52
N VAL A 25 -22.36 17.80 0.19
CA VAL A 25 -23.14 16.68 -0.36
C VAL A 25 -24.59 16.93 0.03
N ASN A 26 -25.42 17.28 -0.97
CA ASN A 26 -26.78 17.72 -0.67
C ASN A 26 -27.70 16.51 -0.49
N LEU A 27 -28.91 16.80 0.01
CA LEU A 27 -29.80 15.74 0.44
C LEU A 27 -30.13 14.81 -0.71
N ALA A 28 -30.30 15.36 -1.93
CA ALA A 28 -30.70 14.49 -3.03
C ALA A 28 -29.60 13.48 -3.32
N GLU A 29 -28.35 13.88 -3.17
CA GLU A 29 -27.29 12.94 -3.43
C GLU A 29 -27.22 11.88 -2.33
N VAL A 30 -27.33 12.28 -1.07
CA VAL A 30 -27.34 11.30 0.03
CA VAL A 30 -27.30 11.25 -0.02
C VAL A 30 -28.48 10.31 -0.18
N GLU A 31 -29.64 10.82 -0.65
CA GLU A 31 -30.77 9.94 -0.93
C GLU A 31 -30.45 8.95 -2.05
N ARG A 32 -29.70 9.39 -3.08
CA ARG A 32 -29.34 8.43 -4.12
C ARG A 32 -28.38 7.37 -3.58
N LEU A 33 -27.44 7.78 -2.74
CA LEU A 33 -26.49 6.82 -2.18
C LEU A 33 -27.19 5.83 -1.27
N ALA A 34 -28.21 6.28 -0.53
CA ALA A 34 -28.96 5.38 0.35
C ALA A 34 -29.74 4.36 -0.45
N ARG A 35 -30.37 4.77 -1.56
CA ARG A 35 -31.07 3.80 -2.39
C ARG A 35 -30.13 2.75 -2.94
N SER A 36 -28.85 3.07 -3.14
CA SER A 36 -27.89 2.15 -3.73
C SER A 36 -27.19 1.24 -2.73
N ALA A 37 -27.26 1.53 -1.44
CA ALA A 37 -26.50 0.79 -0.43
C ALA A 37 -26.98 -0.67 -0.32
N ASP A 38 -26.07 -1.54 0.19
CA ASP A 38 -26.40 -2.92 0.54
C ASP A 38 -27.67 -2.99 1.39
N ALA A 39 -28.44 -4.05 1.21
CA ALA A 39 -29.66 -4.24 1.97
C ALA A 39 -29.39 -4.16 3.47
N PRO A 40 -30.30 -3.58 4.24
CA PRO A 40 -30.19 -3.60 5.71
C PRO A 40 -30.16 -5.02 6.22
N ARG A 41 -29.37 -5.25 7.26
CA ARG A 41 -29.15 -6.62 7.72
C ARG A 41 -30.16 -7.13 8.74
N GLY A 42 -31.07 -6.29 9.24
CA GLY A 42 -32.03 -6.72 10.25
C GLY A 42 -31.58 -6.57 11.70
N PHE A 43 -31.42 -5.32 12.17
CA PHE A 43 -30.84 -5.07 13.50
C PHE A 43 -31.78 -5.52 14.61
N ALA A 44 -33.04 -5.10 14.53
CA ALA A 44 -34.02 -5.49 15.53
C ALA A 44 -34.22 -7.00 15.53
N ASN A 45 -34.32 -7.58 14.34
CA ASN A 45 -34.55 -9.03 14.27
C ASN A 45 -33.46 -9.81 14.97
N ALA A 46 -32.21 -9.41 14.80
CA ALA A 46 -31.12 -10.15 15.43
C ALA A 46 -31.21 -10.15 16.96
N LEU A 47 -31.68 -9.05 17.54
CA LEU A 47 -31.85 -9.00 18.99
C LEU A 47 -33.08 -9.79 19.40
N LEU A 48 -34.18 -9.61 18.67
CA LEU A 48 -35.45 -10.20 19.04
C LEU A 48 -35.38 -11.72 19.01
N GLU A 49 -34.72 -12.29 18.00
CA GLU A 49 -34.67 -13.74 17.89
C GLU A 49 -33.86 -14.36 19.03
N ARG A 50 -32.82 -13.69 19.53
CA ARG A 50 -32.13 -14.21 20.70
C ARG A 50 -32.93 -13.97 21.98
N ALA A 51 -33.41 -12.75 22.17
CA ALA A 51 -34.05 -12.42 23.44
C ALA A 51 -35.25 -13.31 23.67
N LYS A 52 -36.02 -13.60 22.62
CA LYS A 52 -37.19 -14.43 22.77
C LYS A 52 -36.83 -15.83 23.19
N ARG A 53 -35.59 -16.28 22.95
CA ARG A 53 -35.10 -17.56 23.44
C ARG A 53 -34.36 -17.42 24.75
N LYS A 54 -34.44 -16.27 25.41
CA LYS A 54 -33.72 -16.04 26.65
C LYS A 54 -32.23 -16.23 26.43
N GLU A 55 -31.75 -15.82 25.29
CA GLU A 55 -30.33 -15.82 25.03
C GLU A 55 -29.80 -14.39 25.00
N PRO A 56 -28.57 -14.17 25.45
CA PRO A 56 -28.02 -12.81 25.45
C PRO A 56 -27.97 -12.25 24.04
N ALA A 57 -28.45 -11.04 23.89
CA ALA A 57 -28.47 -10.33 22.62
C ALA A 57 -27.56 -9.11 22.78
N VAL A 58 -26.28 -9.24 22.45
CA VAL A 58 -25.30 -8.21 22.80
C VAL A 58 -25.05 -7.31 21.61
N ILE A 59 -25.29 -6.02 21.78
CA ILE A 59 -24.82 -5.01 20.84
C ILE A 59 -23.43 -4.59 21.33
N ALA A 60 -22.38 -5.00 20.60
CA ALA A 60 -21.01 -4.71 21.00
C ALA A 60 -20.55 -3.40 20.37
N GLU A 61 -20.06 -2.48 21.19
CA GLU A 61 -19.81 -1.12 20.73
C GLU A 61 -18.32 -0.86 20.46
N ILE A 62 -18.05 -0.25 19.31
CA ILE A 62 -16.71 0.16 18.87
C ILE A 62 -16.55 1.65 19.16
N LYS A 63 -15.81 1.98 20.22
CA LYS A 63 -15.77 3.33 20.77
C LYS A 63 -14.35 3.63 21.21
N LYS A 64 -13.74 4.62 20.58
CA LYS A 64 -12.35 4.97 20.82
C LYS A 64 -12.18 5.81 22.08
N ALA A 65 -13.13 6.70 22.34
CA ALA A 65 -13.05 7.61 23.47
C ALA A 65 -14.47 8.01 23.85
N SER A 66 -14.60 8.67 25.00
CA SER A 66 -15.93 9.10 25.40
C SER A 66 -15.81 10.34 26.28
N PRO A 67 -16.86 11.13 26.38
CA PRO A 67 -16.81 12.28 27.30
C PRO A 67 -16.54 11.88 28.73
N SER A 68 -17.09 10.76 29.22
CA SER A 68 -16.95 10.41 30.63
C SER A 68 -15.59 9.77 30.95
N LYS A 69 -14.92 9.17 29.97
CA LYS A 69 -13.74 8.36 30.23
C LYS A 69 -12.46 8.79 29.51
N GLY A 70 -12.52 9.70 28.56
CA GLY A 70 -11.36 9.92 27.71
C GLY A 70 -11.09 8.74 26.79
N VAL A 71 -9.82 8.54 26.44
CA VAL A 71 -9.47 7.53 25.47
C VAL A 71 -9.63 6.18 26.14
N LEU A 72 -10.32 5.25 25.47
CA LEU A 72 -10.61 3.92 26.00
C LEU A 72 -9.76 2.83 25.39
N ARG A 73 -9.25 3.03 24.18
CA ARG A 73 -8.46 1.99 23.56
C ARG A 73 -7.40 2.68 22.73
N GLU A 74 -6.14 2.36 23.01
CA GLU A 74 -5.05 3.02 22.31
C GLU A 74 -4.94 2.54 20.87
N HIS A 75 -4.89 1.23 20.67
CA HIS A 75 -4.74 0.63 19.35
C HIS A 75 -6.14 0.22 18.85
N PHE A 76 -6.66 1.00 17.90
CA PHE A 76 -8.09 1.00 17.57
C PHE A 76 -8.23 0.67 16.08
N VAL A 77 -8.61 -0.55 15.76
CA VAL A 77 -8.80 -1.00 14.39
C VAL A 77 -10.22 -1.55 14.28
N PRO A 78 -11.16 -0.77 13.75
CA PRO A 78 -12.56 -1.23 13.74
C PRO A 78 -12.82 -2.59 13.09
N ALA A 79 -12.22 -2.89 11.93
CA ALA A 79 -12.44 -4.19 11.29
C ALA A 79 -12.02 -5.35 12.20
N GLU A 80 -10.90 -5.20 12.89
CA GLU A 80 -10.44 -6.27 13.78
C GLU A 80 -11.34 -6.37 15.00
N ILE A 81 -11.76 -5.25 15.58
CA ILE A 81 -12.69 -5.30 16.72
C ILE A 81 -13.99 -5.98 16.30
N ALA A 82 -14.51 -5.59 15.14
CA ALA A 82 -15.74 -6.19 14.64
C ALA A 82 -15.62 -7.70 14.53
N ARG A 83 -14.49 -8.20 13.99
CA ARG A 83 -14.38 -9.64 13.79
C ARG A 83 -14.27 -10.35 15.11
N SER A 84 -13.56 -9.74 16.06
CA SER A 84 -13.46 -10.32 17.38
C SER A 84 -14.83 -10.40 18.05
N TYR A 85 -15.59 -9.29 17.97
CA TYR A 85 -16.94 -9.24 18.50
C TYR A 85 -17.82 -10.35 17.92
N GLU A 86 -17.78 -10.53 16.60
CA GLU A 86 -18.63 -11.53 15.97
C GLU A 86 -18.26 -12.92 16.45
N ALA A 87 -16.96 -13.19 16.52
CA ALA A 87 -16.50 -14.52 16.94
C ALA A 87 -16.87 -14.80 18.39
N GLY A 88 -16.91 -13.77 19.23
CA GLY A 88 -17.24 -13.92 20.63
C GLY A 88 -18.73 -14.03 20.92
N GLY A 89 -19.55 -13.81 19.94
CA GLY A 89 -20.98 -14.01 20.07
C GLY A 89 -21.88 -12.77 20.09
N ALA A 90 -21.39 -11.60 19.67
CA ALA A 90 -22.23 -10.42 19.57
C ALA A 90 -23.35 -10.65 18.55
N ALA A 91 -24.51 -10.06 18.81
CA ALA A 91 -25.61 -10.08 17.87
C ALA A 91 -25.58 -8.93 16.88
N CYS A 92 -25.08 -7.79 17.32
CA CYS A 92 -25.03 -6.58 16.52
C CYS A 92 -23.84 -5.78 16.99
N LEU A 93 -23.47 -4.80 16.19
CA LEU A 93 -22.48 -3.83 16.56
C LEU A 93 -23.08 -2.45 16.65
N SER A 94 -22.39 -1.64 17.45
CA SER A 94 -22.60 -0.22 17.56
C SER A 94 -21.27 0.44 17.25
N VAL A 95 -21.28 1.40 16.32
CA VAL A 95 -20.05 2.09 15.92
C VAL A 95 -20.26 3.58 16.05
N LEU A 96 -19.49 4.21 16.93
CA LEU A 96 -19.55 5.65 17.08
C LEU A 96 -19.03 6.33 15.81
N THR A 97 -19.83 7.22 15.26
CA THR A 97 -19.40 8.01 14.11
C THR A 97 -19.25 9.47 14.48
N ASP A 98 -19.52 9.84 15.73
CA ASP A 98 -19.26 11.20 16.19
C ASP A 98 -17.77 11.45 16.31
N VAL A 99 -17.30 12.56 15.73
CA VAL A 99 -15.86 12.84 15.59
C VAL A 99 -15.30 13.58 16.80
N ASP A 100 -15.96 14.63 17.29
CA ASP A 100 -15.33 15.52 18.28
C ASP A 100 -15.50 15.10 19.73
N PHE A 101 -16.40 14.18 20.02
CA PHE A 101 -16.62 13.79 21.40
C PHE A 101 -16.38 12.33 21.67
N PHE A 102 -16.37 11.48 20.63
CA PHE A 102 -16.11 10.04 20.78
C PHE A 102 -14.94 9.61 19.89
N GLN A 103 -14.25 10.57 19.26
CA GLN A 103 -13.11 10.27 18.43
C GLN A 103 -13.45 9.17 17.43
N GLY A 104 -14.67 9.25 16.87
CA GLY A 104 -15.15 8.28 15.91
C GLY A 104 -15.10 8.81 14.48
N ALA A 105 -15.67 8.04 13.58
CA ALA A 105 -15.69 8.38 12.16
C ALA A 105 -16.64 7.47 11.42
N ASP A 106 -17.28 8.03 10.37
CA ASP A 106 -18.14 7.25 9.49
C ASP A 106 -17.38 6.07 8.90
N ALA A 107 -16.12 6.29 8.52
CA ALA A 107 -15.32 5.22 7.95
C ALA A 107 -15.23 4.03 8.88
N TYR A 108 -15.24 4.25 10.21
CA TYR A 108 -15.15 3.13 11.14
C TYR A 108 -16.37 2.23 11.04
N LEU A 109 -17.54 2.82 10.74
CA LEU A 109 -18.75 2.03 10.56
C LEU A 109 -18.68 1.20 9.28
N LYS A 110 -18.31 1.84 8.17
CA LYS A 110 -18.13 1.09 6.93
C LYS A 110 -17.15 -0.06 7.13
N GLU A 111 -16.02 0.19 7.78
CA GLU A 111 -15.00 -0.84 7.94
C GLU A 111 -15.48 -1.98 8.85
N ALA A 112 -16.10 -1.63 9.98
CA ALA A 112 -16.60 -2.67 10.87
C ALA A 112 -17.66 -3.50 10.17
N ARG A 113 -18.53 -2.85 9.41
CA ARG A 113 -19.62 -3.60 8.83
C ARG A 113 -19.13 -4.53 7.72
N ALA A 114 -18.20 -4.06 6.90
CA ALA A 114 -17.64 -4.88 5.83
C ALA A 114 -16.92 -6.10 6.38
N ALA A 115 -16.40 -6.00 7.61
CA ALA A 115 -15.59 -7.05 8.22
C ALA A 115 -16.39 -8.19 8.79
N CYS A 116 -17.70 -8.05 8.96
CA CYS A 116 -18.47 -9.11 9.59
C CYS A 116 -19.83 -9.18 8.94
N ALA A 117 -20.67 -10.08 9.44
CA ALA A 117 -22.01 -10.22 8.92
C ALA A 117 -23.09 -9.69 9.86
N LEU A 118 -22.73 -8.95 10.88
CA LEU A 118 -23.67 -8.50 11.89
C LEU A 118 -24.32 -7.17 11.51
N PRO A 119 -25.56 -6.93 11.94
CA PRO A 119 -26.14 -5.58 11.79
C PRO A 119 -25.45 -4.57 12.69
N VAL A 120 -25.49 -3.31 12.25
CA VAL A 120 -24.70 -2.25 12.82
C VAL A 120 -25.60 -1.05 13.03
N ILE A 121 -25.57 -0.48 14.24
CA ILE A 121 -26.26 0.78 14.54
C ILE A 121 -25.23 1.91 14.42
N ARG A 122 -25.60 2.96 13.70
CA ARG A 122 -24.80 4.17 13.71
C ARG A 122 -25.01 4.86 15.04
N LYS A 123 -23.97 4.92 15.85
CA LYS A 123 -24.05 5.58 17.15
C LYS A 123 -23.57 7.03 16.99
N ASP A 124 -24.51 7.93 16.98
CA ASP A 124 -24.24 9.34 16.72
C ASP A 124 -25.47 10.10 17.20
N PHE A 125 -25.47 11.41 17.01
CA PHE A 125 -26.50 12.28 17.60
C PHE A 125 -27.35 12.85 16.47
N MET A 126 -28.52 12.22 16.29
CA MET A 126 -29.42 12.46 15.17
C MET A 126 -30.39 13.58 15.53
N ILE A 127 -30.33 14.66 14.74
CA ILE A 127 -31.21 15.79 14.91
C ILE A 127 -31.86 16.24 13.61
N ASP A 128 -31.53 15.63 12.46
CA ASP A 128 -31.92 16.12 11.14
C ASP A 128 -32.16 14.95 10.20
N PRO A 129 -33.24 14.96 9.40
CA PRO A 129 -33.45 13.86 8.44
C PRO A 129 -32.25 13.59 7.56
N TYR A 130 -31.45 14.62 7.26
CA TYR A 130 -30.24 14.43 6.47
C TYR A 130 -29.33 13.35 7.08
N GLN A 131 -29.12 13.41 8.39
CA GLN A 131 -28.27 12.44 9.07
C GLN A 131 -28.84 11.03 8.98
N ILE A 132 -30.17 10.89 9.03
CA ILE A 132 -30.80 9.57 8.96
C ILE A 132 -30.54 8.95 7.59
N VAL A 133 -30.81 9.71 6.52
CA VAL A 133 -30.59 9.21 5.16
C VAL A 133 -29.10 8.91 4.98
N GLU A 134 -28.24 9.79 5.50
CA GLU A 134 -26.80 9.56 5.47
C GLU A 134 -26.42 8.25 6.17
N ALA A 135 -27.02 7.96 7.32
CA ALA A 135 -26.73 6.70 8.01
C ALA A 135 -26.93 5.52 7.08
N ARG A 136 -28.04 5.51 6.37
CA ARG A 136 -28.27 4.41 5.44
C ARG A 136 -27.27 4.42 4.28
N ALA A 137 -26.90 5.61 3.80
CA ALA A 137 -25.93 5.71 2.71
C ALA A 137 -24.58 5.13 3.11
N ILE A 138 -24.15 5.30 4.37
CA ILE A 138 -22.90 4.67 4.81
C ILE A 138 -23.08 3.23 5.24
N GLY A 139 -24.27 2.66 5.08
CA GLY A 139 -24.45 1.25 5.32
C GLY A 139 -25.03 0.85 6.67
N ALA A 140 -25.37 1.81 7.53
CA ALA A 140 -25.96 1.46 8.83
C ALA A 140 -27.27 0.69 8.66
N ASP A 141 -27.56 -0.16 9.63
CA ASP A 141 -28.77 -0.95 9.67
C ASP A 141 -29.78 -0.43 10.67
N CYS A 142 -29.39 0.54 11.49
CA CYS A 142 -30.18 1.06 12.57
C CYS A 142 -29.66 2.43 12.92
N ILE A 143 -30.53 3.32 13.39
CA ILE A 143 -30.09 4.60 13.91
C ILE A 143 -30.59 4.75 15.34
N LEU A 144 -30.11 5.80 16.00
CA LEU A 144 -30.36 6.05 17.40
C LEU A 144 -31.14 7.35 17.51
N LEU A 145 -32.21 7.33 18.30
CA LEU A 145 -32.93 8.53 18.70
C LEU A 145 -32.88 8.66 20.22
N ILE A 146 -32.42 9.83 20.68
CA ILE A 146 -32.21 10.13 22.08
C ILE A 146 -33.33 11.06 22.53
N VAL A 147 -34.20 10.58 23.42
CA VAL A 147 -35.36 11.37 23.81
C VAL A 147 -34.93 12.70 24.43
N SER A 148 -33.86 12.70 25.25
CA SER A 148 -33.36 13.93 25.87
C SER A 148 -33.00 14.99 24.84
N ALA A 149 -32.65 14.57 23.64
CA ALA A 149 -32.18 15.48 22.62
C ALA A 149 -33.27 16.01 21.70
N LEU A 150 -34.50 15.53 21.81
CA LEU A 150 -35.51 15.74 20.78
C LEU A 150 -36.86 16.08 21.37
N ASP A 151 -37.61 16.93 20.66
CA ASP A 151 -39.03 17.02 20.93
C ASP A 151 -39.77 15.92 20.15
N ASP A 152 -41.01 15.65 20.57
CA ASP A 152 -41.72 14.48 20.07
C ASP A 152 -41.92 14.54 18.57
N VAL A 153 -42.26 15.71 18.04
CA VAL A 153 -42.56 15.81 16.62
C VAL A 153 -41.30 15.52 15.81
N LEU A 154 -40.19 16.12 16.21
CA LEU A 154 -38.94 15.83 15.54
C LEU A 154 -38.59 14.36 15.68
N MET A 155 -38.81 13.79 16.87
CA MET A 155 -38.49 12.38 17.07
C MET A 155 -39.28 11.49 16.14
N ALA A 156 -40.59 11.76 16.03
CA ALA A 156 -41.42 10.98 15.09
C ALA A 156 -40.96 11.18 13.65
N GLU A 157 -40.56 12.41 13.30
CA GLU A 157 -40.10 12.70 11.95
C GLU A 157 -38.81 11.94 11.61
N LEU A 158 -37.82 11.97 12.51
CA LEU A 158 -36.59 11.21 12.28
C LEU A 158 -36.84 9.72 12.17
N ALA A 159 -37.71 9.17 13.03
CA ALA A 159 -38.03 7.75 12.93
C ALA A 159 -38.74 7.43 11.62
N ALA A 160 -39.64 8.30 11.19
CA ALA A 160 -40.30 8.06 9.91
C ALA A 160 -39.31 8.10 8.75
N THR A 161 -38.37 9.03 8.80
CA THR A 161 -37.32 9.06 7.78
C THR A 161 -36.54 7.74 7.80
N ALA A 162 -36.22 7.23 9.00
CA ALA A 162 -35.46 5.99 9.09
C ALA A 162 -36.21 4.84 8.43
N LYS A 163 -37.50 4.67 8.79
CA LYS A 163 -38.29 3.57 8.21
C LYS A 163 -38.33 3.65 6.70
N SER A 164 -38.48 4.87 6.17
CA SER A 164 -38.60 5.02 4.73
C SER A 164 -37.30 4.72 4.00
N VAL A 165 -36.15 4.63 4.68
CA VAL A 165 -34.95 4.13 4.00
C VAL A 165 -34.54 2.76 4.52
N GLY A 166 -35.43 2.08 5.24
CA GLY A 166 -35.20 0.72 5.69
C GLY A 166 -34.36 0.57 6.94
N LEU A 167 -34.18 1.62 7.74
CA LEU A 167 -33.39 1.55 8.95
C LEU A 167 -34.29 1.14 10.11
N ASP A 168 -33.77 0.29 10.99
CA ASP A 168 -34.41 0.10 12.29
C ASP A 168 -34.13 1.28 13.21
N VAL A 169 -34.86 1.34 14.32
CA VAL A 169 -34.78 2.49 15.22
C VAL A 169 -34.55 2.01 16.66
N LEU A 170 -33.54 2.55 17.33
CA LEU A 170 -33.36 2.34 18.77
C LEU A 170 -33.63 3.66 19.44
N VAL A 171 -34.63 3.71 20.30
CA VAL A 171 -34.93 4.94 21.02
C VAL A 171 -34.37 4.80 22.44
N GLU A 172 -33.64 5.82 22.88
CA GLU A 172 -33.00 5.81 24.20
C GLU A 172 -33.66 6.79 25.18
N VAL A 173 -34.02 6.25 26.35
CA VAL A 173 -34.63 6.98 27.44
C VAL A 173 -33.80 6.83 28.70
N HIS A 174 -33.93 7.83 29.60
CA HIS A 174 -33.31 7.76 30.92
C HIS A 174 -34.29 7.75 32.09
N ASP A 175 -35.56 8.07 31.89
CA ASP A 175 -36.49 8.12 33.01
C ASP A 175 -37.91 7.83 32.52
N GLY A 176 -38.86 7.81 33.47
CA GLY A 176 -40.22 7.41 33.15
C GLY A 176 -40.92 8.42 32.25
N THR A 177 -40.61 9.71 32.42
CA THR A 177 -41.19 10.75 31.58
C THR A 177 -40.73 10.59 30.15
N GLU A 178 -39.43 10.36 29.97
CA GLU A 178 -38.91 10.10 28.62
C GLU A 178 -39.46 8.81 28.06
N LEU A 179 -39.58 7.78 28.89
CA LEU A 179 -40.13 6.50 28.43
C LEU A 179 -41.53 6.69 27.86
N GLU A 180 -42.38 7.42 28.57
CA GLU A 180 -43.77 7.51 28.15
C GLU A 180 -43.88 8.33 26.86
N ARG A 181 -43.05 9.37 26.72
CA ARG A 181 -42.96 10.09 25.43
C ARG A 181 -42.54 9.15 24.31
N ALA A 182 -41.51 8.33 24.55
CA ALA A 182 -41.04 7.41 23.53
C ALA A 182 -42.13 6.44 23.12
N LEU A 183 -42.81 5.85 24.11
CA LEU A 183 -43.79 4.81 23.81
C LEU A 183 -45.01 5.37 23.09
N LYS A 184 -45.42 6.58 23.44
CA LYS A 184 -46.55 7.23 22.81
C LYS A 184 -46.23 7.67 21.39
N THR A 185 -44.98 8.10 21.13
CA THR A 185 -44.58 8.67 19.86
C THR A 185 -44.08 7.66 18.83
N LEU A 186 -43.35 6.63 19.26
CA LEU A 186 -42.69 5.68 18.37
C LEU A 186 -43.22 4.28 18.61
N ASP A 187 -43.33 3.50 17.53
CA ASP A 187 -43.69 2.10 17.68
C ASP A 187 -42.52 1.16 17.44
N THR A 188 -41.29 1.66 17.43
CA THR A 188 -40.17 0.72 17.35
C THR A 188 -40.24 -0.27 18.53
N PRO A 189 -39.93 -1.54 18.31
CA PRO A 189 -39.81 -2.45 19.43
C PRO A 189 -38.60 -2.16 20.30
N LEU A 190 -37.58 -1.46 19.82
CA LEU A 190 -36.31 -1.40 20.54
C LEU A 190 -36.27 -0.19 21.46
N VAL A 191 -36.43 -0.44 22.76
CA VAL A 191 -36.50 0.61 23.76
C VAL A 191 -35.24 0.51 24.61
N GLY A 192 -34.31 1.44 24.36
CA GLY A 192 -33.05 1.46 25.07
C GLY A 192 -33.11 2.32 26.31
N ILE A 193 -32.59 1.79 27.42
CA ILE A 193 -32.56 2.53 28.67
C ILE A 193 -31.09 2.79 28.99
N ASN A 194 -30.72 4.06 29.09
CA ASN A 194 -29.34 4.41 29.36
C ASN A 194 -29.14 4.56 30.86
N ASN A 195 -28.39 3.62 31.45
CA ASN A 195 -28.09 3.67 32.88
C ASN A 195 -27.13 4.80 33.26
N ARG A 196 -26.54 5.49 32.29
CA ARG A 196 -25.63 6.59 32.59
C ARG A 196 -26.42 7.89 32.50
N ASN A 197 -26.55 8.56 33.62
CA ASN A 197 -27.12 9.89 33.68
C ASN A 197 -26.15 10.87 33.01
N LEU A 198 -26.64 11.60 32.02
CA LEU A 198 -25.75 12.46 31.26
C LEU A 198 -25.52 13.84 31.87
N HIS A 199 -26.23 14.17 32.97
CA HIS A 199 -25.94 15.38 33.74
C HIS A 199 -24.72 15.18 34.64
N THR A 200 -24.62 14.01 35.29
CA THR A 200 -23.56 13.75 36.27
C THR A 200 -22.56 12.71 35.82
N PHE A 201 -22.88 11.94 34.79
CA PHE A 201 -22.13 10.77 34.35
C PHE A 201 -22.14 9.64 35.39
N GLU A 202 -23.00 9.70 36.40
CA GLU A 202 -23.15 8.55 37.27
C GLU A 202 -23.98 7.46 36.62
N VAL A 203 -23.66 6.23 36.98
CA VAL A 203 -24.26 5.03 36.42
C VAL A 203 -25.04 4.33 37.51
N SER A 204 -26.26 3.90 37.17
CA SER A 204 -27.11 3.11 38.06
C SER A 204 -27.86 2.10 37.20
N LEU A 205 -27.61 0.81 37.42
CA LEU A 205 -28.32 -0.24 36.70
C LEU A 205 -29.79 -0.31 37.10
N GLU A 206 -30.15 0.25 38.26
CA GLU A 206 -31.55 0.32 38.64
C GLU A 206 -32.36 1.31 37.77
N THR A 207 -31.70 2.16 37.01
CA THR A 207 -32.40 2.96 36.01
C THR A 207 -33.22 2.06 35.09
N THR A 208 -32.61 0.96 34.67
CA THR A 208 -33.28 -0.02 33.83
C THR A 208 -34.35 -0.75 34.61
N LEU A 209 -33.97 -1.29 35.76
CA LEU A 209 -34.89 -2.15 36.51
C LEU A 209 -36.13 -1.38 36.94
N ASP A 210 -35.97 -0.11 37.32
CA ASP A 210 -37.13 0.64 37.79
C ASP A 210 -38.11 0.97 36.68
N LEU A 211 -37.72 0.85 35.41
CA LEU A 211 -38.62 1.15 34.32
C LEU A 211 -39.33 -0.08 33.74
N LEU A 212 -38.84 -1.26 34.04
CA LEU A 212 -39.43 -2.46 33.46
C LEU A 212 -40.94 -2.56 33.70
N PRO A 213 -41.46 -2.12 34.86
CA PRO A 213 -42.92 -2.20 35.12
C PRO A 213 -43.77 -1.30 34.25
N GLU A 214 -43.15 -0.45 33.42
CA GLU A 214 -43.88 0.42 32.51
C GLU A 214 -43.64 0.08 31.06
N ILE A 215 -42.87 -0.96 30.76
CA ILE A 215 -42.49 -1.29 29.39
C ILE A 215 -43.40 -2.41 28.89
N PRO A 216 -44.22 -2.15 27.86
CA PRO A 216 -45.08 -3.21 27.31
C PRO A 216 -44.30 -4.43 26.83
N ARG A 217 -44.96 -5.58 26.92
CA ARG A 217 -44.34 -6.82 26.50
C ARG A 217 -44.07 -6.86 25.01
N ASP A 218 -44.73 -6.05 24.20
CA ASP A 218 -44.36 -6.03 22.79
C ASP A 218 -43.13 -5.15 22.50
N ARG A 219 -42.48 -4.57 23.51
CA ARG A 219 -41.20 -3.90 23.30
C ARG A 219 -40.09 -4.79 23.82
N LEU A 220 -38.90 -4.57 23.29
CA LEU A 220 -37.68 -5.22 23.76
C LEU A 220 -36.80 -4.22 24.50
N VAL A 221 -36.51 -4.50 25.76
CA VAL A 221 -35.63 -3.65 26.55
C VAL A 221 -34.18 -3.92 26.18
N VAL A 222 -33.44 -2.85 25.91
CA VAL A 222 -32.02 -2.89 25.64
C VAL A 222 -31.39 -2.07 26.75
N THR A 223 -30.66 -2.70 27.65
CA THR A 223 -30.02 -1.94 28.73
C THR A 223 -28.67 -1.44 28.23
N GLU A 224 -28.39 -0.15 28.47
CA GLU A 224 -27.21 0.51 27.93
C GLU A 224 -26.37 1.13 29.04
N SER A 225 -25.06 0.90 28.95
CA SER A 225 -24.03 1.49 29.82
C SER A 225 -23.95 0.79 31.17
N GLY A 226 -22.77 0.80 31.75
CA GLY A 226 -22.65 0.27 33.09
C GLY A 226 -22.45 -1.22 33.19
N ILE A 227 -22.45 -1.99 32.09
CA ILE A 227 -22.31 -3.43 32.18
C ILE A 227 -20.82 -3.75 32.17
N LEU A 228 -20.30 -4.16 33.33
CA LEU A 228 -18.86 -4.32 33.58
C LEU A 228 -18.48 -5.72 34.08
N ASN A 229 -19.39 -6.43 34.74
CA ASN A 229 -19.01 -7.73 35.27
C ASN A 229 -20.19 -8.71 35.21
N ARG A 230 -19.89 -9.95 35.57
CA ARG A 230 -20.88 -11.01 35.42
C ARG A 230 -22.06 -10.82 36.37
N ALA A 231 -21.83 -10.25 37.56
CA ALA A 231 -22.96 -9.96 38.44
C ALA A 231 -23.95 -8.99 37.79
N ASP A 232 -23.45 -8.01 37.04
CA ASP A 232 -24.32 -7.10 36.30
C ASP A 232 -25.17 -7.88 35.30
N VAL A 233 -24.53 -8.79 34.58
CA VAL A 233 -25.23 -9.58 33.59
C VAL A 233 -26.29 -10.47 34.26
N GLU A 234 -25.92 -11.13 35.36
CA GLU A 234 -26.88 -11.96 36.08
C GLU A 234 -28.07 -11.16 36.55
N LEU A 235 -27.81 -9.99 37.13
CA LEU A 235 -28.91 -9.16 37.57
C LEU A 235 -29.91 -8.95 36.45
N MET A 236 -29.42 -8.53 35.28
CA MET A 236 -30.31 -8.20 34.17
C MET A 236 -31.08 -9.44 33.70
N GLU A 237 -30.37 -10.57 33.57
CA GLU A 237 -31.02 -11.76 33.03
C GLU A 237 -32.09 -12.30 33.98
N VAL A 238 -31.83 -12.28 35.29
CA VAL A 238 -32.85 -12.65 36.29
C VAL A 238 -34.07 -11.74 36.17
N SER A 239 -33.86 -10.47 35.84
CA SER A 239 -34.97 -9.56 35.61
C SER A 239 -35.55 -9.66 34.20
N GLU A 240 -35.16 -10.66 33.43
CA GLU A 240 -35.66 -10.89 32.07
C GLU A 240 -35.27 -9.76 31.12
N VAL A 241 -34.10 -9.16 31.32
CA VAL A 241 -33.46 -8.30 30.34
C VAL A 241 -32.36 -9.10 29.65
N TYR A 242 -32.47 -9.26 28.33
CA TYR A 242 -31.57 -10.08 27.55
C TYR A 242 -30.76 -9.29 26.50
N ALA A 243 -31.13 -8.05 26.23
CA ALA A 243 -30.44 -7.22 25.25
C ALA A 243 -29.61 -6.16 25.97
N PHE A 244 -28.36 -5.99 25.53
CA PHE A 244 -27.35 -5.15 26.19
C PHE A 244 -26.62 -4.31 25.17
N LEU A 245 -26.28 -3.07 25.52
CA LEU A 245 -25.30 -2.28 24.79
C LEU A 245 -24.09 -2.07 25.67
N VAL A 246 -22.93 -2.58 25.23
CA VAL A 246 -21.72 -2.63 26.04
C VAL A 246 -20.54 -2.14 25.21
N GLY A 247 -19.78 -1.21 25.77
CA GLY A 247 -18.58 -0.71 25.14
C GLY A 247 -17.33 -0.77 26.01
N GLU A 248 -17.29 0.02 27.09
CA GLU A 248 -16.10 0.13 27.92
C GLU A 248 -15.54 -1.23 28.34
N ALA A 249 -16.41 -2.12 28.82
CA ALA A 249 -15.92 -3.40 29.34
C ALA A 249 -15.09 -4.14 28.29
N PHE A 250 -15.49 -4.03 27.03
CA PHE A 250 -14.77 -4.68 25.93
C PHE A 250 -13.61 -3.83 25.40
N MET A 251 -13.78 -2.51 25.30
CA MET A 251 -12.71 -1.66 24.75
C MET A 251 -11.45 -1.67 25.63
N ARG A 252 -11.59 -1.89 26.95
CA ARG A 252 -10.45 -2.02 27.86
C ARG A 252 -9.77 -3.39 27.83
N ALA A 253 -10.31 -4.38 27.12
CA ALA A 253 -9.72 -5.72 27.07
C ALA A 253 -8.83 -5.90 25.82
N ASP A 254 -7.78 -6.75 25.96
CA ASP A 254 -6.91 -7.07 24.81
C ASP A 254 -7.71 -7.70 23.68
N ASP A 255 -8.53 -8.71 24.01
CA ASP A 255 -9.39 -9.42 23.05
C ASP A 255 -10.85 -9.06 23.33
N PRO A 256 -11.42 -8.08 22.64
CA PRO A 256 -12.78 -7.62 23.03
C PRO A 256 -13.84 -8.71 22.92
N GLY A 257 -13.77 -9.51 21.87
CA GLY A 257 -14.68 -10.64 21.73
C GLY A 257 -14.53 -11.66 22.85
N LEU A 258 -13.32 -11.81 23.38
CA LEU A 258 -13.13 -12.79 24.46
C LEU A 258 -13.75 -12.30 25.75
N GLU A 259 -13.61 -11.02 26.03
CA GLU A 259 -14.29 -10.43 27.17
C GLU A 259 -15.80 -10.57 27.03
N LEU A 260 -16.31 -10.41 25.80
CA LEU A 260 -17.74 -10.59 25.56
C LEU A 260 -18.14 -12.03 25.87
N LYS A 261 -17.37 -12.99 25.37
CA LYS A 261 -17.68 -14.38 25.70
C LYS A 261 -17.63 -14.62 27.20
N ARG A 262 -16.65 -14.03 27.89
CA ARG A 262 -16.53 -14.28 29.33
C ARG A 262 -17.67 -13.66 30.12
N LEU A 263 -18.15 -12.50 29.73
CA LEU A 263 -19.23 -11.87 30.47
C LEU A 263 -20.58 -12.50 30.17
N PHE A 264 -20.77 -13.06 28.97
CA PHE A 264 -22.10 -13.42 28.52
C PHE A 264 -22.27 -14.89 28.21
N PHE A 265 -21.20 -15.61 27.90
CA PHE A 265 -21.35 -16.98 27.40
C PHE A 265 -20.44 -17.94 28.15
N GLN A 266 -20.49 -17.93 29.47
CA GLN A 266 -19.89 -19.00 30.29
C GLN A 266 -20.76 -19.39 31.50
N SER B 2 -13.35 -7.32 40.30
CA SER B 2 -13.25 -7.76 41.68
C SER B 2 -11.80 -8.20 42.00
N VAL B 3 -11.44 -8.23 43.28
CA VAL B 3 -10.14 -8.80 43.62
C VAL B 3 -10.13 -10.26 43.21
N PRO B 4 -9.15 -10.73 42.45
CA PRO B 4 -9.10 -12.16 42.10
C PRO B 4 -9.22 -13.04 43.35
N THR B 5 -9.92 -14.16 43.18
CA THR B 5 -10.28 -15.02 44.31
C THR B 5 -9.04 -15.56 45.02
N VAL B 6 -8.08 -16.09 44.26
CA VAL B 6 -6.85 -16.58 44.89
C VAL B 6 -6.23 -15.46 45.71
N LEU B 7 -6.25 -14.23 45.20
CA LEU B 7 -5.63 -13.17 45.96
C LEU B 7 -6.42 -12.83 47.21
N GLN B 8 -7.77 -12.87 47.13
CA GLN B 8 -8.59 -12.66 48.33
C GLN B 8 -8.20 -13.66 49.41
N LYS B 9 -8.02 -14.92 49.02
CA LYS B 9 -7.69 -15.97 49.98
C LYS B 9 -6.32 -15.68 50.61
N ILE B 10 -5.34 -15.32 49.79
CA ILE B 10 -3.98 -15.05 50.29
C ILE B 10 -3.98 -13.86 51.23
N LEU B 11 -4.63 -12.78 50.83
CA LEU B 11 -4.63 -11.57 51.66
C LEU B 11 -5.35 -11.77 52.97
N ALA B 12 -6.46 -12.53 52.97
CA ALA B 12 -7.13 -12.84 54.23
C ALA B 12 -6.21 -13.63 55.14
N ARG B 13 -5.47 -14.57 54.57
CA ARG B 13 -4.51 -15.32 55.36
C ARG B 13 -3.38 -14.42 55.86
N LYS B 14 -2.89 -13.51 55.01
CA LYS B 14 -1.87 -12.57 55.47
C LYS B 14 -2.35 -11.73 56.66
N ALA B 15 -3.60 -11.26 56.66
CA ALA B 15 -4.08 -10.49 57.80
C ALA B 15 -3.95 -11.30 59.09
N GLU B 16 -4.32 -12.59 59.05
CA GLU B 16 -4.16 -13.45 60.23
C GLU B 16 -2.69 -13.58 60.63
N GLU B 17 -1.81 -13.85 59.67
CA GLU B 17 -0.40 -14.07 60.02
C GLU B 17 0.23 -12.81 60.59
N VAL B 18 -0.14 -11.63 60.10
CA VAL B 18 0.42 -10.40 60.67
C VAL B 18 -0.01 -10.26 62.14
N ALA B 19 -1.29 -10.49 62.41
CA ALA B 19 -1.76 -10.34 63.78
C ALA B 19 -1.02 -11.30 64.71
N GLU B 20 -0.84 -12.54 64.27
CA GLU B 20 -0.12 -13.55 65.05
C GLU B 20 1.33 -13.17 65.27
N ARG B 21 2.06 -12.85 64.21
CA ARG B 21 3.45 -12.48 64.37
C ARG B 21 3.60 -11.25 65.25
N ARG B 22 2.73 -10.26 65.06
CA ARG B 22 2.87 -9.02 65.82
C ARG B 22 2.58 -9.23 67.30
N ALA B 23 1.66 -10.15 67.61
CA ALA B 23 1.39 -10.53 69.00
C ALA B 23 2.63 -11.09 69.67
N ARG B 24 3.50 -11.77 68.94
CA ARG B 24 4.69 -12.38 69.54
C ARG B 24 5.87 -11.46 69.48
N VAL B 25 5.98 -10.68 68.41
CA VAL B 25 7.13 -9.81 68.20
C VAL B 25 6.60 -8.45 67.75
N ASN B 26 6.61 -7.48 68.66
CA ASN B 26 5.91 -6.25 68.40
C ASN B 26 6.73 -5.33 67.51
N LEU B 27 6.11 -4.23 67.11
CA LEU B 27 6.73 -3.38 66.10
C LEU B 27 8.05 -2.83 66.58
N ALA B 28 8.08 -2.35 67.83
CA ALA B 28 9.33 -1.82 68.36
C ALA B 28 10.45 -2.85 68.26
N GLU B 29 10.15 -4.11 68.55
CA GLU B 29 11.22 -5.10 68.48
C GLU B 29 11.64 -5.38 67.03
N VAL B 30 10.69 -5.40 66.10
CA VAL B 30 11.04 -5.58 64.69
CA VAL B 30 11.08 -5.59 64.70
C VAL B 30 11.80 -4.35 64.19
N GLU B 31 11.42 -3.16 64.66
CA GLU B 31 12.21 -1.97 64.30
C GLU B 31 13.66 -2.12 64.75
N ARG B 32 13.86 -2.64 65.96
CA ARG B 32 15.21 -2.76 66.45
C ARG B 32 16.01 -3.76 65.61
N LEU B 33 15.40 -4.89 65.23
CA LEU B 33 16.09 -5.83 64.36
C LEU B 33 16.37 -5.23 63.00
N ALA B 34 15.47 -4.38 62.50
CA ALA B 34 15.73 -3.72 61.21
C ALA B 34 16.93 -2.79 61.32
N ARG B 35 17.03 -2.01 62.40
CA ARG B 35 18.12 -1.06 62.54
C ARG B 35 19.47 -1.77 62.61
N SER B 36 19.47 -2.96 63.17
CA SER B 36 20.70 -3.71 63.37
C SER B 36 21.03 -4.61 62.18
N ALA B 37 20.16 -4.67 61.17
CA ALA B 37 20.41 -5.55 60.04
C ALA B 37 21.52 -5.01 59.17
N ASP B 38 22.18 -5.93 58.50
CA ASP B 38 23.07 -5.70 57.36
C ASP B 38 22.55 -4.57 56.47
N ALA B 39 23.45 -3.81 55.85
CA ALA B 39 23.05 -2.68 55.02
C ALA B 39 22.32 -3.13 53.74
N PRO B 40 21.37 -2.34 53.25
CA PRO B 40 20.73 -2.69 51.98
C PRO B 40 21.75 -2.77 50.87
N ARG B 41 21.56 -3.74 49.97
CA ARG B 41 22.51 -3.97 48.89
C ARG B 41 22.25 -3.14 47.63
N GLY B 42 21.14 -2.43 47.55
CA GLY B 42 20.87 -1.59 46.38
C GLY B 42 20.17 -2.32 45.25
N PHE B 43 18.94 -2.79 45.52
CA PHE B 43 18.22 -3.63 44.57
C PHE B 43 17.96 -2.85 43.28
N ALA B 44 17.40 -1.66 43.38
CA ALA B 44 17.06 -0.93 42.18
C ALA B 44 18.29 -0.59 41.36
N ASN B 45 19.37 -0.19 42.02
CA ASN B 45 20.58 0.21 41.29
C ASN B 45 21.20 -0.95 40.55
N ALA B 46 21.12 -2.16 41.12
CA ALA B 46 21.67 -3.31 40.41
C ALA B 46 20.91 -3.59 39.12
N LEU B 47 19.61 -3.28 39.07
CA LEU B 47 18.87 -3.51 37.84
C LEU B 47 19.09 -2.36 36.85
N LEU B 48 19.07 -1.13 37.37
CA LEU B 48 19.24 0.05 36.52
C LEU B 48 20.61 0.07 35.84
N GLU B 49 21.66 -0.21 36.61
CA GLU B 49 23.03 -0.30 36.08
C GLU B 49 23.11 -1.20 34.83
N ARG B 50 22.41 -2.33 34.82
CA ARG B 50 22.49 -3.19 33.65
C ARG B 50 21.53 -2.74 32.56
N ALA B 51 20.29 -2.40 32.93
CA ALA B 51 19.25 -2.16 31.93
C ALA B 51 19.59 -0.99 31.05
N LYS B 52 20.19 0.06 31.64
CA LYS B 52 20.62 1.24 30.91
C LYS B 52 21.73 0.95 29.91
N ARG B 53 22.42 -0.18 30.02
CA ARG B 53 23.38 -0.62 29.00
C ARG B 53 22.79 -1.66 28.09
N LYS B 54 21.47 -1.83 28.10
CA LYS B 54 20.83 -2.89 27.33
C LYS B 54 21.41 -4.25 27.65
N GLU B 55 21.90 -4.41 28.88
CA GLU B 55 22.29 -5.72 29.39
C GLU B 55 21.13 -6.34 30.18
N PRO B 56 20.90 -7.65 30.10
CA PRO B 56 19.76 -8.23 30.83
C PRO B 56 19.90 -7.99 32.33
N ALA B 57 18.81 -7.59 32.96
CA ALA B 57 18.76 -7.36 34.39
C ALA B 57 17.77 -8.36 34.96
N VAL B 58 18.28 -9.51 35.42
CA VAL B 58 17.42 -10.65 35.73
C VAL B 58 17.24 -10.73 37.25
N ILE B 59 15.98 -10.70 37.69
CA ILE B 59 15.63 -11.02 39.06
C ILE B 59 15.29 -12.49 39.05
N ALA B 60 16.15 -13.31 39.66
CA ALA B 60 16.02 -14.75 39.61
C ALA B 60 15.30 -15.22 40.86
N GLU B 61 14.21 -15.96 40.69
CA GLU B 61 13.32 -16.21 41.79
C GLU B 61 13.49 -17.62 42.34
N ILE B 62 13.44 -17.70 43.66
CA ILE B 62 13.60 -18.92 44.42
C ILE B 62 12.22 -19.25 44.97
N LYS B 63 11.56 -20.24 44.33
CA LYS B 63 10.15 -20.56 44.54
C LYS B 63 9.98 -22.08 44.47
N LYS B 64 9.57 -22.66 45.57
CA LYS B 64 9.38 -24.10 45.64
C LYS B 64 8.07 -24.55 44.97
N ALA B 65 6.99 -23.78 45.16
CA ALA B 65 5.64 -24.18 44.77
C ALA B 65 4.81 -22.93 44.47
N SER B 66 3.68 -23.09 43.78
CA SER B 66 2.78 -21.96 43.56
C SER B 66 1.35 -22.45 43.48
N PRO B 67 0.38 -21.57 43.72
CA PRO B 67 -1.01 -21.97 43.49
C PRO B 67 -1.26 -22.44 42.07
N SER B 68 -0.65 -21.82 41.05
CA SER B 68 -0.97 -22.22 39.68
C SER B 68 -0.24 -23.47 39.22
N LYS B 69 0.90 -23.81 39.81
CA LYS B 69 1.72 -24.90 39.30
C LYS B 69 1.93 -26.05 40.27
N GLY B 70 1.52 -25.93 41.53
CA GLY B 70 1.94 -26.89 42.53
C GLY B 70 3.45 -26.83 42.73
N VAL B 71 4.04 -27.98 43.12
CA VAL B 71 5.47 -28.02 43.44
C VAL B 71 6.27 -27.87 42.17
N LEU B 72 7.20 -26.93 42.17
CA LEU B 72 8.04 -26.67 41.00
C LEU B 72 9.40 -27.34 41.09
N ARG B 73 9.94 -27.53 42.29
CA ARG B 73 11.30 -28.03 42.48
C ARG B 73 11.32 -28.93 43.71
N GLU B 74 11.63 -30.20 43.47
CA GLU B 74 11.60 -31.20 44.52
C GLU B 74 12.75 -30.99 45.50
N HIS B 75 13.97 -30.90 45.00
CA HIS B 75 15.13 -30.68 45.85
C HIS B 75 15.41 -29.18 45.89
N PHE B 76 15.10 -28.57 47.02
CA PHE B 76 14.99 -27.11 47.14
C PHE B 76 15.93 -26.65 48.24
N VAL B 77 17.07 -26.10 47.85
CA VAL B 77 18.08 -25.60 48.79
C VAL B 77 18.39 -24.13 48.46
N PRO B 78 17.77 -23.18 49.18
CA PRO B 78 17.97 -21.76 48.80
C PRO B 78 19.41 -21.32 48.60
N ALA B 79 20.32 -21.65 49.55
CA ALA B 79 21.70 -21.15 49.42
C ALA B 79 22.36 -21.67 48.14
N GLU B 80 22.10 -22.93 47.77
CA GLU B 80 22.70 -23.45 46.53
C GLU B 80 22.08 -22.80 45.29
N ILE B 81 20.76 -22.62 45.29
CA ILE B 81 20.13 -21.94 44.17
C ILE B 81 20.70 -20.53 44.00
N ALA B 82 20.89 -19.82 45.11
CA ALA B 82 21.38 -18.46 45.04
C ALA B 82 22.79 -18.39 44.43
N ARG B 83 23.69 -19.29 44.87
CA ARG B 83 25.03 -19.31 44.27
C ARG B 83 24.97 -19.62 42.79
N SER B 84 24.16 -20.62 42.41
CA SER B 84 23.96 -20.95 41.00
C SER B 84 23.46 -19.74 40.21
N TYR B 85 22.42 -19.07 40.73
CA TYR B 85 21.90 -17.88 40.08
C TYR B 85 22.98 -16.82 39.92
N GLU B 86 23.75 -16.57 40.98
CA GLU B 86 24.79 -15.55 40.89
C GLU B 86 25.85 -15.93 39.85
N ALA B 87 26.29 -17.19 39.86
CA ALA B 87 27.27 -17.64 38.87
C ALA B 87 26.75 -17.46 37.44
N GLY B 88 25.46 -17.73 37.22
CA GLY B 88 24.84 -17.64 35.90
C GLY B 88 24.58 -16.24 35.40
N GLY B 89 24.71 -15.22 36.24
CA GLY B 89 24.51 -13.85 35.80
C GLY B 89 23.28 -13.11 36.34
N ALA B 90 22.58 -13.62 37.36
CA ALA B 90 21.48 -12.85 37.94
C ALA B 90 21.97 -11.54 38.54
N ALA B 91 21.13 -10.52 38.43
CA ALA B 91 21.39 -9.21 39.01
C ALA B 91 20.85 -9.15 40.43
N CYS B 92 19.73 -9.82 40.66
CA CYS B 92 19.05 -9.80 41.94
C CYS B 92 18.35 -11.13 42.15
N LEU B 93 17.99 -11.39 43.40
CA LEU B 93 17.16 -12.53 43.73
C LEU B 93 15.79 -12.07 44.21
N SER B 94 14.81 -12.95 43.97
CA SER B 94 13.50 -12.88 44.59
C SER B 94 13.30 -14.16 45.36
N VAL B 95 12.90 -14.05 46.62
CA VAL B 95 12.72 -15.24 47.45
C VAL B 95 11.32 -15.19 48.04
N LEU B 96 10.52 -16.22 47.75
CA LEU B 96 9.18 -16.31 48.31
C LEU B 96 9.30 -16.57 49.79
N THR B 97 8.57 -15.78 50.59
CA THR B 97 8.51 -16.02 52.02
C THR B 97 7.12 -16.35 52.46
N ASP B 98 6.14 -16.41 51.56
CA ASP B 98 4.85 -16.97 51.92
C ASP B 98 4.92 -18.50 52.07
N VAL B 99 4.37 -19.01 53.16
CA VAL B 99 4.44 -20.42 53.53
C VAL B 99 3.31 -21.22 52.87
N ASP B 100 2.07 -20.78 53.09
CA ASP B 100 0.93 -21.65 52.80
C ASP B 100 0.75 -21.82 51.32
N PHE B 101 1.04 -20.80 50.53
CA PHE B 101 0.69 -20.89 49.13
C PHE B 101 1.88 -21.14 48.22
N PHE B 102 3.10 -20.79 48.65
CA PHE B 102 4.27 -21.00 47.83
C PHE B 102 5.33 -21.87 48.48
N GLN B 103 5.09 -22.35 49.71
CA GLN B 103 6.05 -23.20 50.44
C GLN B 103 7.38 -22.50 50.59
N GLY B 104 7.31 -21.19 50.81
CA GLY B 104 8.49 -20.41 51.12
C GLY B 104 8.59 -20.20 52.61
N ALA B 105 9.55 -19.35 53.00
CA ALA B 105 9.80 -19.05 54.39
C ALA B 105 10.76 -17.88 54.47
N ASP B 106 10.68 -17.13 55.57
CA ASP B 106 11.66 -16.07 55.84
C ASP B 106 13.08 -16.64 55.90
N ALA B 107 13.23 -17.83 56.48
CA ALA B 107 14.54 -18.48 56.56
C ALA B 107 15.17 -18.61 55.19
N TYR B 108 14.36 -18.93 54.17
CA TYR B 108 14.94 -19.16 52.84
C TYR B 108 15.51 -17.88 52.31
N LEU B 109 14.91 -16.76 52.67
CA LEU B 109 15.50 -15.51 52.19
C LEU B 109 16.83 -15.27 52.88
N LYS B 110 16.92 -15.54 54.19
CA LYS B 110 18.18 -15.39 54.91
C LYS B 110 19.24 -16.34 54.35
N GLU B 111 18.86 -17.59 54.13
CA GLU B 111 19.80 -18.56 53.55
C GLU B 111 20.32 -18.08 52.19
N ALA B 112 19.42 -17.63 51.33
CA ALA B 112 19.83 -17.25 49.98
C ALA B 112 20.68 -15.99 49.99
N ARG B 113 20.28 -15.01 50.80
CA ARG B 113 21.00 -13.76 50.75
C ARG B 113 22.42 -13.92 51.28
N ALA B 114 22.58 -14.69 52.35
CA ALA B 114 23.88 -14.93 52.96
C ALA B 114 24.84 -15.67 52.04
N ALA B 115 24.33 -16.42 51.06
CA ALA B 115 25.17 -17.23 50.19
C ALA B 115 25.66 -16.47 48.96
N CYS B 116 25.32 -15.21 48.80
CA CYS B 116 25.71 -14.51 47.60
C CYS B 116 25.82 -13.04 47.95
N ALA B 117 26.18 -12.22 46.97
CA ALA B 117 26.30 -10.79 47.16
C ALA B 117 25.17 -10.03 46.46
N LEU B 118 24.18 -10.68 46.02
CA LEU B 118 23.15 -9.99 45.23
C LEU B 118 22.07 -9.37 46.12
N PRO B 119 21.48 -8.25 45.69
CA PRO B 119 20.27 -7.75 46.37
C PRO B 119 19.12 -8.72 46.23
N VAL B 120 18.26 -8.72 47.25
CA VAL B 120 17.12 -9.64 47.31
C VAL B 120 15.83 -8.88 47.60
N ILE B 121 14.77 -9.22 46.87
CA ILE B 121 13.41 -8.73 47.18
C ILE B 121 12.67 -9.80 47.95
N ARG B 122 12.00 -9.39 49.03
CA ARG B 122 11.12 -10.29 49.77
C ARG B 122 9.84 -10.47 48.97
N LYS B 123 9.62 -11.65 48.45
CA LYS B 123 8.46 -11.91 47.60
C LYS B 123 7.38 -12.47 48.49
N ASP B 124 6.44 -11.62 48.85
CA ASP B 124 5.38 -11.93 49.78
C ASP B 124 4.29 -10.86 49.57
N PHE B 125 3.25 -10.88 50.39
CA PHE B 125 2.04 -10.11 50.13
C PHE B 125 1.90 -9.06 51.23
N MET B 126 2.36 -7.85 50.93
CA MET B 126 2.45 -6.76 51.89
C MET B 126 1.14 -5.97 51.98
N ILE B 127 0.57 -5.95 53.18
CA ILE B 127 -0.65 -5.21 53.49
C ILE B 127 -0.48 -4.33 54.74
N ASP B 128 0.63 -4.45 55.46
CA ASP B 128 0.76 -3.69 56.71
C ASP B 128 2.18 -3.18 56.91
N PRO B 129 2.34 -1.95 57.43
CA PRO B 129 3.72 -1.47 57.66
C PRO B 129 4.57 -2.43 58.50
N TYR B 130 3.95 -3.18 59.40
CA TYR B 130 4.70 -4.17 60.18
C TYR B 130 5.52 -5.08 59.29
N GLN B 131 4.89 -5.58 58.23
CA GLN B 131 5.57 -6.50 57.30
C GLN B 131 6.75 -5.85 56.58
N ILE B 132 6.65 -4.54 56.28
CA ILE B 132 7.71 -3.81 55.61
C ILE B 132 8.95 -3.72 56.51
N VAL B 133 8.76 -3.33 57.77
CA VAL B 133 9.87 -3.26 58.72
C VAL B 133 10.45 -4.64 58.90
N GLU B 134 9.57 -5.65 59.02
CA GLU B 134 10.01 -7.03 59.17
C GLU B 134 10.86 -7.44 57.99
N ALA B 135 10.49 -7.02 56.78
CA ALA B 135 11.27 -7.39 55.61
C ALA B 135 12.71 -6.92 55.75
N ARG B 136 12.92 -5.69 56.25
CA ARG B 136 14.29 -5.23 56.47
C ARG B 136 14.96 -5.98 57.62
N ALA B 137 14.20 -6.33 58.66
CA ALA B 137 14.78 -7.07 59.77
C ALA B 137 15.28 -8.45 59.33
N ILE B 138 14.66 -9.09 58.34
CA ILE B 138 15.20 -10.38 57.87
C ILE B 138 16.26 -10.17 56.79
N GLY B 139 16.63 -8.93 56.50
CA GLY B 139 17.69 -8.67 55.55
C GLY B 139 17.27 -8.27 54.15
N ALA B 140 15.98 -8.28 53.82
CA ALA B 140 15.57 -7.99 52.46
C ALA B 140 16.06 -6.63 52.02
N ASP B 141 16.28 -6.49 50.73
CA ASP B 141 16.76 -5.26 50.14
C ASP B 141 15.66 -4.49 49.41
N CYS B 142 14.50 -5.10 49.23
CA CYS B 142 13.40 -4.58 48.42
C CYS B 142 12.16 -5.27 48.89
N ILE B 143 11.04 -4.56 48.79
CA ILE B 143 9.71 -5.14 49.01
C ILE B 143 8.84 -4.95 47.78
N LEU B 144 7.74 -5.69 47.77
CA LEU B 144 6.80 -5.75 46.67
C LEU B 144 5.52 -5.10 47.13
N LEU B 145 4.96 -4.24 46.30
CA LEU B 145 3.62 -3.70 46.47
C LEU B 145 2.79 -4.10 45.26
N ILE B 146 1.68 -4.78 45.50
CA ILE B 146 0.82 -5.29 44.44
C ILE B 146 -0.37 -4.35 44.30
N VAL B 147 -0.50 -3.65 43.17
CA VAL B 147 -1.60 -2.69 43.08
C VAL B 147 -2.96 -3.36 43.23
N SER B 148 -3.12 -4.58 42.71
CA SER B 148 -4.41 -5.28 42.83
C SER B 148 -4.81 -5.55 44.26
N ALA B 149 -3.85 -5.58 45.19
CA ALA B 149 -4.12 -5.88 46.60
C ALA B 149 -4.36 -4.66 47.48
N LEU B 150 -4.15 -3.46 46.98
CA LEU B 150 -4.02 -2.28 47.81
C LEU B 150 -4.83 -1.10 47.26
N ASP B 151 -5.45 -0.30 48.15
CA ASP B 151 -5.90 1.02 47.70
C ASP B 151 -4.74 2.02 47.74
N ASP B 152 -4.97 3.22 47.17
CA ASP B 152 -3.89 4.19 47.01
C ASP B 152 -3.31 4.65 48.35
N VAL B 153 -4.16 4.87 49.36
CA VAL B 153 -3.64 5.37 50.63
C VAL B 153 -2.73 4.33 51.27
N LEU B 154 -3.18 3.07 51.32
CA LEU B 154 -2.36 2.04 51.96
C LEU B 154 -1.07 1.81 51.17
N MET B 155 -1.16 1.86 49.85
CA MET B 155 0.04 1.69 49.02
C MET B 155 1.07 2.77 49.29
N ALA B 156 0.62 4.04 49.34
CA ALA B 156 1.53 5.12 49.73
C ALA B 156 2.10 4.90 51.13
N GLU B 157 1.27 4.49 52.08
CA GLU B 157 1.79 4.25 53.42
C GLU B 157 2.85 3.17 53.44
N LEU B 158 2.62 2.04 52.74
CA LEU B 158 3.63 0.98 52.70
C LEU B 158 4.91 1.47 52.04
N ALA B 159 4.79 2.23 50.95
CA ALA B 159 5.98 2.72 50.29
C ALA B 159 6.75 3.67 51.21
N ALA B 160 6.04 4.52 51.95
CA ALA B 160 6.71 5.44 52.86
C ALA B 160 7.34 4.67 54.03
N THR B 161 6.72 3.59 54.47
CA THR B 161 7.38 2.77 55.47
C THR B 161 8.67 2.19 54.90
N ALA B 162 8.62 1.69 53.65
CA ALA B 162 9.84 1.11 53.06
C ALA B 162 10.95 2.16 52.96
N LYS B 163 10.60 3.34 52.48
CA LYS B 163 11.61 4.38 52.41
C LYS B 163 12.21 4.64 53.78
N SER B 164 11.37 4.64 54.80
CA SER B 164 11.85 5.00 56.13
C SER B 164 12.88 4.01 56.65
N VAL B 165 12.85 2.75 56.21
CA VAL B 165 13.82 1.76 56.69
C VAL B 165 14.83 1.40 55.63
N GLY B 166 14.91 2.14 54.52
CA GLY B 166 15.95 1.89 53.55
C GLY B 166 15.71 0.79 52.53
N LEU B 167 14.45 0.40 52.33
CA LEU B 167 14.10 -0.63 51.35
C LEU B 167 13.72 -0.01 50.02
N ASP B 168 14.14 -0.64 48.93
CA ASP B 168 13.62 -0.30 47.62
C ASP B 168 12.22 -0.90 47.48
N VAL B 169 11.53 -0.45 46.43
CA VAL B 169 10.14 -0.81 46.16
C VAL B 169 9.97 -1.24 44.70
N LEU B 170 9.40 -2.41 44.51
CA LEU B 170 8.92 -2.86 43.21
C LEU B 170 7.40 -2.80 43.27
N VAL B 171 6.79 -1.96 42.45
CA VAL B 171 5.34 -1.95 42.39
C VAL B 171 4.90 -2.77 41.20
N GLU B 172 3.86 -3.58 41.40
CA GLU B 172 3.40 -4.51 40.38
C GLU B 172 2.01 -4.16 39.89
N VAL B 173 1.86 -4.07 38.57
CA VAL B 173 0.62 -3.72 37.90
C VAL B 173 0.27 -4.75 36.83
N HIS B 174 -1.01 -4.79 36.50
CA HIS B 174 -1.51 -5.69 35.47
C HIS B 174 -2.29 -4.99 34.35
N ASP B 175 -2.55 -3.68 34.44
CA ASP B 175 -3.33 -2.99 33.40
C ASP B 175 -3.09 -1.49 33.54
N GLY B 176 -3.69 -0.71 32.63
CA GLY B 176 -3.34 0.70 32.53
C GLY B 176 -3.88 1.52 33.68
N THR B 177 -5.03 1.11 34.21
CA THR B 177 -5.61 1.76 35.37
C THR B 177 -4.72 1.57 36.60
N GLU B 178 -4.20 0.34 36.81
CA GLU B 178 -3.29 0.13 37.92
C GLU B 178 -2.01 0.92 37.72
N LEU B 179 -1.49 0.92 36.49
CA LEU B 179 -0.27 1.67 36.20
C LEU B 179 -0.41 3.13 36.56
N GLU B 180 -1.50 3.74 36.14
CA GLU B 180 -1.68 5.16 36.41
C GLU B 180 -1.82 5.43 37.91
N ARG B 181 -2.54 4.57 38.64
CA ARG B 181 -2.54 4.72 40.09
C ARG B 181 -1.12 4.65 40.64
N ALA B 182 -0.32 3.70 40.15
CA ALA B 182 1.03 3.55 40.69
C ALA B 182 1.88 4.75 40.36
N LEU B 183 1.80 5.23 39.12
CA LEU B 183 2.66 6.35 38.73
C LEU B 183 2.34 7.61 39.53
N LYS B 184 1.06 7.89 39.78
CA LYS B 184 0.73 9.09 40.53
C LYS B 184 0.93 8.92 42.04
N THR B 185 0.95 7.68 42.53
CA THR B 185 1.08 7.44 43.97
C THR B 185 2.53 7.25 44.40
N LEU B 186 3.37 6.67 43.59
CA LEU B 186 4.71 6.24 44.01
C LEU B 186 5.76 6.83 43.11
N ASP B 187 6.93 7.08 43.68
CA ASP B 187 8.06 7.56 42.88
C ASP B 187 9.09 6.48 42.63
N THR B 188 8.85 5.21 43.01
CA THR B 188 9.85 4.19 42.72
C THR B 188 10.11 4.09 41.21
N PRO B 189 11.37 3.94 40.82
CA PRO B 189 11.67 3.63 39.42
C PRO B 189 11.27 2.24 38.99
N LEU B 190 11.00 1.31 39.91
CA LEU B 190 10.82 -0.08 39.51
C LEU B 190 9.33 -0.36 39.31
N VAL B 191 8.94 -0.49 38.05
CA VAL B 191 7.56 -0.76 37.69
C VAL B 191 7.47 -2.17 37.12
N GLY B 192 6.93 -3.09 37.91
CA GLY B 192 6.82 -4.46 37.48
C GLY B 192 5.46 -4.65 36.82
N ILE B 193 5.46 -5.36 35.70
CA ILE B 193 4.23 -5.75 35.03
C ILE B 193 4.10 -7.24 35.13
N ASN B 194 3.03 -7.70 35.75
CA ASN B 194 2.82 -9.13 35.92
C ASN B 194 1.96 -9.67 34.77
N ASN B 195 2.56 -10.52 33.94
CA ASN B 195 1.90 -11.12 32.79
C ASN B 195 0.88 -12.20 33.16
N ARG B 196 0.89 -12.67 34.41
CA ARG B 196 -0.04 -13.67 34.89
C ARG B 196 -1.30 -13.00 35.41
N ASN B 197 -2.42 -13.31 34.78
CA ASN B 197 -3.73 -12.89 35.24
C ASN B 197 -4.15 -13.82 36.37
N LEU B 198 -4.42 -13.26 37.56
CA LEU B 198 -4.75 -14.07 38.70
C LEU B 198 -6.20 -14.46 38.77
N HIS B 199 -7.08 -13.87 37.95
CA HIS B 199 -8.42 -14.44 37.81
C HIS B 199 -8.35 -15.79 37.15
N THR B 200 -7.54 -15.93 36.10
CA THR B 200 -7.58 -17.13 35.26
C THR B 200 -6.31 -17.96 35.31
N PHE B 201 -5.24 -17.45 35.91
CA PHE B 201 -3.91 -18.03 35.82
C PHE B 201 -3.41 -18.10 34.38
N GLU B 202 -4.04 -17.37 33.46
CA GLU B 202 -3.52 -17.24 32.13
C GLU B 202 -2.35 -16.27 32.11
N VAL B 203 -1.29 -16.63 31.39
CA VAL B 203 -0.10 -15.80 31.30
C VAL B 203 -0.06 -15.25 29.88
N SER B 204 -0.02 -13.94 29.76
CA SER B 204 -0.06 -13.26 28.47
C SER B 204 1.02 -12.19 28.44
N LEU B 205 2.07 -12.40 27.60
CA LEU B 205 3.14 -11.40 27.47
C LEU B 205 2.63 -10.09 26.87
N GLU B 206 1.49 -10.12 26.17
CA GLU B 206 0.86 -8.88 25.69
C GLU B 206 0.59 -7.91 26.84
N THR B 207 0.36 -8.44 28.05
CA THR B 207 0.15 -7.55 29.21
C THR B 207 1.29 -6.54 29.33
N THR B 208 2.53 -7.02 29.19
CA THR B 208 3.68 -6.11 29.26
C THR B 208 3.74 -5.22 28.02
N LEU B 209 3.61 -5.82 26.84
CA LEU B 209 3.77 -5.08 25.59
C LEU B 209 2.76 -3.95 25.51
N ASP B 210 1.51 -4.20 25.92
CA ASP B 210 0.48 -3.18 25.85
C ASP B 210 0.81 -1.95 26.69
N LEU B 211 1.54 -2.10 27.80
CA LEU B 211 1.76 -1.01 28.73
C LEU B 211 3.04 -0.24 28.46
N LEU B 212 3.95 -0.78 27.64
CA LEU B 212 5.25 -0.16 27.46
C LEU B 212 5.15 1.31 27.08
N PRO B 213 4.28 1.72 26.15
CA PRO B 213 4.26 3.14 25.75
C PRO B 213 3.80 4.05 26.84
N GLU B 214 3.08 3.52 27.81
CA GLU B 214 2.53 4.30 28.91
C GLU B 214 3.52 4.47 30.05
N ILE B 215 4.65 3.79 30.01
CA ILE B 215 5.58 3.86 31.13
C ILE B 215 6.57 4.98 30.91
N PRO B 216 6.78 5.87 31.89
CA PRO B 216 7.70 6.98 31.66
C PRO B 216 9.09 6.47 31.41
N ARG B 217 9.81 7.26 30.63
CA ARG B 217 11.18 6.93 30.24
C ARG B 217 12.11 6.90 31.44
N ASP B 218 11.78 7.61 32.52
CA ASP B 218 12.63 7.54 33.69
C ASP B 218 12.23 6.45 34.69
N ARG B 219 11.32 5.54 34.32
CA ARG B 219 11.03 4.38 35.15
C ARG B 219 11.57 3.13 34.47
N LEU B 220 11.78 2.06 35.22
CA LEU B 220 12.31 0.82 34.66
C LEU B 220 11.20 -0.22 34.63
N VAL B 221 10.84 -0.68 33.42
CA VAL B 221 9.93 -1.80 33.27
C VAL B 221 10.60 -3.10 33.71
N VAL B 222 9.92 -3.84 34.58
CA VAL B 222 10.32 -5.20 34.94
C VAL B 222 9.19 -6.12 34.50
N THR B 223 9.43 -6.96 33.49
CA THR B 223 8.43 -7.90 33.08
C THR B 223 8.50 -9.15 33.98
N GLU B 224 7.34 -9.58 34.51
CA GLU B 224 7.23 -10.66 35.48
C GLU B 224 6.32 -11.74 34.96
N SER B 225 6.76 -12.99 35.10
CA SER B 225 5.98 -14.19 34.80
C SER B 225 6.00 -14.53 33.31
N GLY B 226 6.00 -15.84 32.99
CA GLY B 226 5.83 -16.32 31.63
C GLY B 226 7.08 -16.27 30.77
N ILE B 227 8.22 -15.88 31.32
CA ILE B 227 9.47 -15.91 30.56
C ILE B 227 9.99 -17.33 30.67
N LEU B 228 9.85 -18.12 29.59
CA LEU B 228 10.12 -19.54 29.60
C LEU B 228 11.17 -20.02 28.60
N ASN B 229 11.52 -19.22 27.60
CA ASN B 229 12.37 -19.65 26.50
C ASN B 229 13.04 -18.43 25.91
N ARG B 230 14.02 -18.66 25.03
CA ARG B 230 14.84 -17.59 24.50
C ARG B 230 14.03 -16.66 23.62
N ALA B 231 12.98 -17.17 22.98
CA ALA B 231 12.14 -16.32 22.14
C ALA B 231 11.42 -15.28 22.97
N ASP B 232 10.90 -15.68 24.15
CA ASP B 232 10.27 -14.72 25.05
C ASP B 232 11.25 -13.59 25.39
N VAL B 233 12.51 -13.95 25.66
CA VAL B 233 13.51 -12.94 25.98
C VAL B 233 13.74 -12.03 24.79
N GLU B 234 13.87 -12.61 23.61
CA GLU B 234 14.12 -11.84 22.39
C GLU B 234 12.97 -10.89 22.12
N LEU B 235 11.73 -11.39 22.19
CA LEU B 235 10.58 -10.52 22.03
C LEU B 235 10.64 -9.31 22.97
N MET B 236 11.05 -9.52 24.23
CA MET B 236 11.07 -8.42 25.20
C MET B 236 12.21 -7.46 24.90
N GLU B 237 13.39 -7.97 24.55
CA GLU B 237 14.52 -7.07 24.33
C GLU B 237 14.34 -6.24 23.05
N VAL B 238 13.71 -6.79 22.00
CA VAL B 238 13.47 -5.94 20.83
C VAL B 238 12.45 -4.87 21.15
N SER B 239 11.54 -5.12 22.10
CA SER B 239 10.66 -4.07 22.56
C SER B 239 11.29 -3.20 23.65
N GLU B 240 12.60 -3.32 23.87
CA GLU B 240 13.34 -2.47 24.81
C GLU B 240 13.02 -2.78 26.29
N VAL B 241 12.65 -4.03 26.60
CA VAL B 241 12.49 -4.49 27.97
C VAL B 241 13.73 -5.29 28.34
N TYR B 242 14.43 -4.84 29.38
CA TYR B 242 15.68 -5.46 29.79
C TYR B 242 15.67 -5.97 31.21
N ALA B 243 14.60 -5.74 31.95
CA ALA B 243 14.51 -6.25 33.31
C ALA B 243 13.42 -7.30 33.38
N PHE B 244 13.73 -8.40 34.05
CA PHE B 244 12.91 -9.60 34.06
C PHE B 244 12.82 -10.18 35.46
N LEU B 245 11.68 -10.75 35.78
CA LEU B 245 11.55 -11.58 36.96
C LEU B 245 11.10 -12.97 36.53
N VAL B 246 11.89 -13.97 36.84
CA VAL B 246 11.73 -15.32 36.29
C VAL B 246 11.87 -16.34 37.41
N GLY B 247 10.88 -17.23 37.54
CA GLY B 247 10.96 -18.32 38.50
C GLY B 247 10.86 -19.70 37.88
N GLU B 248 9.68 -20.02 37.34
CA GLU B 248 9.40 -21.37 36.86
C GLU B 248 10.47 -21.89 35.93
N ALA B 249 10.91 -21.07 34.97
CA ALA B 249 11.85 -21.55 33.97
C ALA B 249 13.10 -22.11 34.63
N PHE B 250 13.56 -21.43 35.67
CA PHE B 250 14.79 -21.82 36.37
C PHE B 250 14.52 -22.93 37.37
N MET B 251 13.39 -22.88 38.08
CA MET B 251 13.09 -23.88 39.10
C MET B 251 12.83 -25.26 38.52
N ARG B 252 12.44 -25.34 37.25
CA ARG B 252 12.23 -26.62 36.59
C ARG B 252 13.49 -27.15 35.96
N ALA B 253 14.56 -26.38 35.93
CA ALA B 253 15.79 -26.80 35.31
C ALA B 253 16.66 -27.51 36.33
N ASP B 254 17.47 -28.45 35.86
CA ASP B 254 18.40 -29.13 36.77
C ASP B 254 19.35 -28.15 37.39
N ASP B 255 19.85 -27.21 36.58
CA ASP B 255 20.83 -26.22 37.03
C ASP B 255 20.21 -24.84 36.81
N PRO B 256 19.57 -24.27 37.83
CA PRO B 256 18.84 -22.99 37.63
C PRO B 256 19.70 -21.90 37.03
N GLY B 257 20.92 -21.73 37.55
CA GLY B 257 21.78 -20.67 37.04
C GLY B 257 22.29 -20.92 35.63
N LEU B 258 22.38 -22.18 35.24
CA LEU B 258 22.69 -22.48 33.85
C LEU B 258 21.52 -22.14 32.92
N GLU B 259 20.28 -22.44 33.34
CA GLU B 259 19.14 -22.07 32.52
C GLU B 259 19.08 -20.55 32.33
N LEU B 260 19.42 -19.79 33.38
CA LEU B 260 19.50 -18.33 33.29
C LEU B 260 20.53 -17.90 32.25
N LYS B 261 21.74 -18.44 32.34
CA LYS B 261 22.75 -18.12 31.33
C LYS B 261 22.28 -18.52 29.94
N ARG B 262 21.58 -19.64 29.82
CA ARG B 262 21.09 -20.08 28.52
C ARG B 262 20.02 -19.14 27.93
N LEU B 263 19.07 -18.66 28.76
CA LEU B 263 18.01 -17.80 28.22
C LEU B 263 18.48 -16.39 27.95
N PHE B 264 19.48 -15.92 28.68
CA PHE B 264 19.81 -14.51 28.71
C PHE B 264 21.23 -14.17 28.25
N PHE B 265 22.15 -15.12 28.28
CA PHE B 265 23.52 -14.84 27.91
C PHE B 265 24.02 -15.84 26.86
N GLN B 266 23.19 -16.15 25.87
CA GLN B 266 23.59 -16.90 24.67
C GLN B 266 24.39 -18.18 24.97
N SER C 2 -7.95 26.85 42.34
CA SER C 2 -8.94 27.40 41.41
C SER C 2 -8.26 27.92 40.13
N VAL C 3 -9.00 28.68 39.33
CA VAL C 3 -8.50 29.18 38.05
C VAL C 3 -7.77 30.50 38.32
N PRO C 4 -6.49 30.62 37.95
CA PRO C 4 -5.75 31.86 38.21
C PRO C 4 -6.49 33.10 37.75
N THR C 5 -6.44 34.15 38.56
CA THR C 5 -7.18 35.37 38.25
C THR C 5 -6.76 35.95 36.90
N VAL C 6 -5.45 36.06 36.63
CA VAL C 6 -5.03 36.62 35.35
C VAL C 6 -5.64 35.84 34.20
N LEU C 7 -5.78 34.53 34.40
CA LEU C 7 -6.33 33.69 33.33
C LEU C 7 -7.84 33.90 33.19
N GLN C 8 -8.57 34.01 34.30
CA GLN C 8 -10.01 34.24 34.22
C GLN C 8 -10.30 35.48 33.40
N LYS C 9 -9.48 36.52 33.60
CA LYS C 9 -9.63 37.78 32.87
C LYS C 9 -9.25 37.65 31.41
N ILE C 10 -8.17 36.94 31.08
CA ILE C 10 -7.86 36.74 29.65
C ILE C 10 -9.03 36.03 28.99
N LEU C 11 -9.56 34.99 29.64
CA LEU C 11 -10.57 34.15 29.02
C LEU C 11 -11.91 34.88 28.89
N ALA C 12 -12.26 35.71 29.89
CA ALA C 12 -13.43 36.59 29.74
C ALA C 12 -13.32 37.44 28.48
N ARG C 13 -12.18 38.10 28.28
CA ARG C 13 -11.98 38.88 27.06
C ARG C 13 -12.00 37.99 25.82
N LYS C 14 -11.39 36.80 25.89
CA LYS C 14 -11.38 35.94 24.71
C LYS C 14 -12.78 35.62 24.20
N ALA C 15 -13.72 35.34 25.11
CA ALA C 15 -15.08 35.00 24.65
C ALA C 15 -15.73 36.18 23.94
N GLU C 16 -15.42 37.40 24.36
CA GLU C 16 -15.88 38.59 23.65
C GLU C 16 -15.27 38.68 22.25
N GLU C 17 -13.94 38.55 22.19
CA GLU C 17 -13.24 38.60 20.92
C GLU C 17 -13.75 37.55 19.95
N VAL C 18 -13.96 36.32 20.43
CA VAL C 18 -14.47 35.27 19.55
C VAL C 18 -15.87 35.63 19.04
N ALA C 19 -16.76 36.09 19.92
CA ALA C 19 -18.12 36.45 19.48
C ALA C 19 -18.11 37.62 18.50
N GLU C 20 -17.30 38.63 18.79
CA GLU C 20 -17.07 39.74 17.88
C GLU C 20 -16.64 39.26 16.49
N ARG C 21 -15.60 38.40 16.44
CA ARG C 21 -15.04 38.01 15.16
C ARG C 21 -16.01 37.12 14.38
N ARG C 22 -16.61 36.17 15.06
CA ARG C 22 -17.57 35.28 14.38
C ARG C 22 -18.74 36.06 13.77
N ALA C 23 -19.07 37.22 14.35
CA ALA C 23 -20.12 38.07 13.80
C ALA C 23 -19.76 38.55 12.39
N ARG C 24 -18.50 38.91 12.18
CA ARG C 24 -18.03 39.43 10.88
C ARG C 24 -17.66 38.32 9.89
N VAL C 25 -17.07 37.23 10.38
CA VAL C 25 -16.57 36.12 9.55
C VAL C 25 -17.04 34.83 10.21
N ASN C 26 -18.06 34.20 9.65
CA ASN C 26 -18.72 33.11 10.33
C ASN C 26 -17.89 31.83 10.19
N LEU C 27 -18.26 30.81 10.96
CA LEU C 27 -17.54 29.54 10.95
C LEU C 27 -17.39 28.98 9.53
N ALA C 28 -18.44 29.04 8.70
CA ALA C 28 -18.35 28.48 7.36
C ALA C 28 -17.25 29.16 6.55
N GLU C 29 -17.08 30.47 6.73
CA GLU C 29 -16.06 31.17 5.95
C GLU C 29 -14.65 30.83 6.48
N VAL C 30 -14.44 30.79 7.80
CA VAL C 30 -13.12 30.45 8.29
CA VAL C 30 -13.13 30.44 8.32
C VAL C 30 -12.76 29.03 7.87
N GLU C 31 -13.74 28.12 7.86
CA GLU C 31 -13.50 26.78 7.34
C GLU C 31 -12.98 26.84 5.90
N ARG C 32 -13.64 27.64 5.04
CA ARG C 32 -13.18 27.76 3.66
C ARG C 32 -11.73 28.25 3.60
N LEU C 33 -11.43 29.34 4.31
CA LEU C 33 -10.07 29.83 4.37
C LEU C 33 -9.10 28.74 4.84
N ALA C 34 -9.48 27.97 5.85
CA ALA C 34 -8.58 26.93 6.35
C ALA C 34 -8.32 25.89 5.27
N ARG C 35 -9.36 25.52 4.51
CA ARG C 35 -9.18 24.55 3.44
C ARG C 35 -8.26 25.07 2.34
N SER C 36 -8.14 26.37 2.20
CA SER C 36 -7.31 26.93 1.14
CA SER C 36 -7.31 26.97 1.15
C SER C 36 -5.86 27.16 1.58
N ALA C 37 -5.53 26.92 2.84
CA ALA C 37 -4.18 27.19 3.29
C ALA C 37 -3.24 26.11 2.78
N ASP C 38 -1.94 26.42 2.83
CA ASP C 38 -0.93 25.51 2.38
C ASP C 38 -0.77 24.34 3.39
N ALA C 39 0.16 23.42 3.12
CA ALA C 39 0.34 22.22 3.98
C ALA C 39 0.84 22.61 5.37
N PRO C 40 0.25 22.09 6.44
CA PRO C 40 0.89 22.20 7.77
C PRO C 40 2.34 21.79 7.69
N ARG C 41 3.22 22.57 8.33
CA ARG C 41 4.66 22.35 8.18
C ARG C 41 5.19 21.19 9.04
N GLY C 42 4.41 20.72 10.01
CA GLY C 42 4.82 19.57 10.82
C GLY C 42 5.50 19.99 12.12
N PHE C 43 4.72 20.62 13.01
CA PHE C 43 5.25 21.18 14.25
C PHE C 43 5.78 20.08 15.16
N ALA C 44 4.98 19.05 15.41
CA ALA C 44 5.41 17.95 16.26
C ALA C 44 6.62 17.23 15.68
N ASN C 45 6.58 16.95 14.38
CA ASN C 45 7.70 16.26 13.73
C ASN C 45 9.00 17.00 13.93
N ALA C 46 8.97 18.32 13.78
CA ALA C 46 10.21 19.08 13.89
C ALA C 46 10.83 18.91 15.28
N LEU C 47 9.98 18.82 16.31
CA LEU C 47 10.50 18.63 17.66
C LEU C 47 10.88 17.18 17.87
N LEU C 48 10.05 16.24 17.41
CA LEU C 48 10.30 14.83 17.71
C LEU C 48 11.59 14.36 17.10
N GLU C 49 11.86 14.82 15.89
CA GLU C 49 13.02 14.34 15.17
C GLU C 49 14.34 14.81 15.82
N ARG C 50 14.34 16.00 16.39
CA ARG C 50 15.53 16.49 17.08
C ARG C 50 15.67 15.81 18.44
N ALA C 51 14.59 15.74 19.20
CA ALA C 51 14.69 15.16 20.53
C ALA C 51 15.14 13.70 20.48
N LYS C 52 14.71 12.95 19.48
CA LYS C 52 15.15 11.57 19.55
C LYS C 52 16.63 11.44 19.20
N ARG C 53 17.24 12.48 18.65
CA ARG C 53 18.68 12.51 18.45
C ARG C 53 19.38 13.21 19.58
N LYS C 54 18.68 13.52 20.66
CA LYS C 54 19.26 14.25 21.80
C LYS C 54 19.80 15.61 21.35
N GLU C 55 19.07 16.23 20.45
CA GLU C 55 19.35 17.57 19.99
C GLU C 55 18.34 18.56 20.56
N PRO C 56 18.76 19.79 20.85
CA PRO C 56 17.80 20.78 21.34
C PRO C 56 16.74 21.05 20.28
N ALA C 57 15.49 21.02 20.74
CA ALA C 57 14.34 21.32 19.91
C ALA C 57 13.69 22.58 20.48
N VAL C 58 14.04 23.76 19.93
CA VAL C 58 13.66 25.03 20.54
C VAL C 58 12.47 25.62 19.79
N ILE C 59 11.41 25.90 20.52
CA ILE C 59 10.28 26.67 20.03
C ILE C 59 10.60 28.10 20.47
N ALA C 60 11.02 28.93 19.51
CA ALA C 60 11.45 30.29 19.83
C ALA C 60 10.23 31.21 19.75
N GLU C 61 9.99 31.99 20.81
CA GLU C 61 8.73 32.71 20.92
C GLU C 61 8.87 34.19 20.57
N ILE C 62 7.98 34.67 19.71
CA ILE C 62 7.89 36.07 19.25
C ILE C 62 6.81 36.72 20.13
N LYS C 63 7.27 37.45 21.16
CA LYS C 63 6.45 37.96 22.24
C LYS C 63 6.87 39.40 22.53
N LYS C 64 5.95 40.34 22.33
CA LYS C 64 6.27 41.76 22.50
C LYS C 64 6.20 42.19 23.96
N ALA C 65 5.20 41.72 24.69
CA ALA C 65 5.08 41.98 26.12
C ALA C 65 4.38 40.79 26.76
N SER C 66 4.32 40.82 28.10
CA SER C 66 3.61 39.78 28.82
C SER C 66 3.00 40.38 30.08
N PRO C 67 1.95 39.76 30.63
CA PRO C 67 1.48 40.12 31.96
C PRO C 67 2.56 40.13 33.05
N SER C 68 3.53 39.21 33.02
CA SER C 68 4.47 39.15 34.13
C SER C 68 5.61 40.15 33.97
N LYS C 69 5.96 40.53 32.75
CA LYS C 69 7.18 41.29 32.54
C LYS C 69 6.95 42.67 31.92
N GLY C 70 5.73 43.02 31.56
CA GLY C 70 5.56 44.23 30.78
C GLY C 70 6.18 44.06 29.41
N VAL C 71 6.69 45.16 28.86
CA VAL C 71 7.25 45.16 27.53
C VAL C 71 8.62 44.47 27.53
N LEU C 72 8.78 43.49 26.62
CA LEU C 72 9.98 42.68 26.57
C LEU C 72 10.94 43.11 25.47
N ARG C 73 10.45 43.78 24.43
CA ARG C 73 11.29 44.22 23.34
C ARG C 73 10.68 45.47 22.71
N GLU C 74 11.50 46.53 22.62
CA GLU C 74 11.07 47.82 22.08
C GLU C 74 10.94 47.80 20.56
N HIS C 75 12.04 47.55 19.88
CA HIS C 75 12.01 47.44 18.43
C HIS C 75 11.56 46.03 18.08
N PHE C 76 10.33 45.91 17.59
CA PHE C 76 9.64 44.63 17.46
C PHE C 76 9.22 44.41 16.00
N VAL C 77 9.97 43.59 15.26
CA VAL C 77 9.67 43.28 13.86
C VAL C 77 9.53 41.77 13.63
N PRO C 78 8.32 41.20 13.69
CA PRO C 78 8.17 39.73 13.63
C PRO C 78 8.94 39.04 12.53
N ALA C 79 8.89 39.54 11.28
CA ALA C 79 9.58 38.88 10.18
C ALA C 79 11.08 38.81 10.42
N GLU C 80 11.69 39.91 10.91
CA GLU C 80 13.12 39.88 11.21
C GLU C 80 13.43 38.89 12.34
N ILE C 81 12.66 38.95 13.42
CA ILE C 81 12.87 38.00 14.52
C ILE C 81 12.77 36.57 14.01
N ALA C 82 11.75 36.28 13.18
CA ALA C 82 11.60 34.93 12.65
C ALA C 82 12.84 34.50 11.89
N ARG C 83 13.35 35.36 11.00
CA ARG C 83 14.56 35.02 10.25
CA ARG C 83 14.54 34.95 10.26
C ARG C 83 15.74 34.79 11.17
N SER C 84 15.88 35.63 12.17
CA SER C 84 17.00 35.49 13.09
C SER C 84 16.87 34.19 13.90
N TYR C 85 15.65 33.85 14.30
CA TYR C 85 15.46 32.60 15.04
C TYR C 85 15.82 31.41 14.17
N GLU C 86 15.36 31.43 12.94
CA GLU C 86 15.63 30.31 12.05
C GLU C 86 17.11 30.15 11.86
N ALA C 87 17.81 31.27 11.68
CA ALA C 87 19.25 31.24 11.43
C ALA C 87 20.02 30.74 12.65
N GLY C 88 19.53 31.02 13.86
CA GLY C 88 20.20 30.59 15.07
C GLY C 88 19.91 29.15 15.52
N GLY C 89 19.03 28.46 14.82
CA GLY C 89 18.79 27.04 15.05
C GLY C 89 17.45 26.67 15.62
N ALA C 90 16.49 27.60 15.68
CA ALA C 90 15.15 27.26 16.18
C ALA C 90 14.53 26.15 15.36
N ALA C 91 13.81 25.26 16.04
CA ALA C 91 13.06 24.21 15.37
C ALA C 91 11.68 24.66 14.93
N CYS C 92 11.06 25.52 15.74
CA CYS C 92 9.72 26.02 15.51
C CYS C 92 9.64 27.44 16.05
N LEU C 93 8.57 28.14 15.67
CA LEU C 93 8.22 29.42 16.24
C LEU C 93 6.97 29.31 17.10
N SER C 94 6.89 30.16 18.11
CA SER C 94 5.64 30.49 18.78
C SER C 94 5.39 31.97 18.57
N VAL C 95 4.19 32.32 18.11
CA VAL C 95 3.87 33.73 17.88
C VAL C 95 2.61 34.09 18.65
N LEU C 96 2.74 35.05 19.57
CA LEU C 96 1.57 35.49 20.30
C LEU C 96 0.65 36.26 19.36
N THR C 97 -0.62 35.88 19.34
CA THR C 97 -1.62 36.62 18.59
C THR C 97 -2.65 37.25 19.52
N ASP C 98 -2.42 37.19 20.83
CA ASP C 98 -3.27 37.90 21.78
C ASP C 98 -2.91 39.39 21.84
N VAL C 99 -3.93 40.24 21.77
CA VAL C 99 -3.71 41.69 21.61
C VAL C 99 -3.55 42.41 22.95
N ASP C 100 -4.47 42.19 23.89
CA ASP C 100 -4.57 43.06 25.07
C ASP C 100 -3.57 42.71 26.18
N PHE C 101 -3.12 41.45 26.23
CA PHE C 101 -2.26 40.98 27.32
C PHE C 101 -0.84 40.68 26.88
N PHE C 102 -0.59 40.37 25.62
CA PHE C 102 0.76 40.16 25.12
C PHE C 102 1.14 41.11 23.99
N GLN C 103 0.28 42.09 23.67
CA GLN C 103 0.61 43.05 22.63
C GLN C 103 0.98 42.34 21.33
N GLY C 104 0.22 41.27 21.03
CA GLY C 104 0.41 40.49 19.83
C GLY C 104 -0.66 40.78 18.80
N ALA C 105 -0.59 40.03 17.71
CA ALA C 105 -1.53 40.17 16.62
C ALA C 105 -1.46 38.95 15.69
N ASP C 106 -2.60 38.62 15.07
CA ASP C 106 -2.62 37.59 14.05
C ASP C 106 -1.63 37.89 12.92
N ALA C 107 -1.59 39.15 12.48
CA ALA C 107 -0.68 39.57 11.42
C ALA C 107 0.77 39.24 11.75
N TYR C 108 1.11 39.24 13.02
CA TYR C 108 2.49 38.96 13.39
C TYR C 108 2.85 37.51 13.08
N LEU C 109 1.88 36.61 13.21
CA LEU C 109 2.13 35.22 12.84
C LEU C 109 2.26 35.06 11.34
N LYS C 110 1.38 35.73 10.58
CA LYS C 110 1.47 35.65 9.11
C LYS C 110 2.82 36.13 8.63
N GLU C 111 3.27 37.25 9.20
CA GLU C 111 4.55 37.85 8.86
C GLU C 111 5.70 36.94 9.22
N ALA C 112 5.66 36.37 10.44
CA ALA C 112 6.75 35.50 10.89
C ALA C 112 6.78 34.24 10.06
N ARG C 113 5.62 33.62 9.84
CA ARG C 113 5.59 32.38 9.10
C ARG C 113 5.98 32.57 7.65
N ALA C 114 5.65 33.73 7.05
CA ALA C 114 6.07 33.97 5.67
C ALA C 114 7.57 34.19 5.58
N ALA C 115 8.19 34.65 6.64
CA ALA C 115 9.60 35.03 6.58
C ALA C 115 10.56 33.88 6.87
N CYS C 116 10.06 32.69 7.17
CA CYS C 116 10.95 31.57 7.45
C CYS C 116 10.24 30.30 7.03
N ALA C 117 10.87 29.15 7.26
CA ALA C 117 10.30 27.88 6.84
C ALA C 117 9.83 27.04 8.02
N LEU C 118 9.98 27.51 9.23
CA LEU C 118 9.72 26.71 10.41
C LEU C 118 8.23 26.57 10.68
N PRO C 119 7.83 25.46 11.31
CA PRO C 119 6.45 25.35 11.80
C PRO C 119 6.20 26.37 12.88
N VAL C 120 4.96 26.79 12.98
CA VAL C 120 4.58 27.88 13.89
C VAL C 120 3.39 27.47 14.72
N ILE C 121 3.49 27.68 16.03
CA ILE C 121 2.32 27.53 16.91
C ILE C 121 1.67 28.89 17.14
N ARG C 122 0.35 28.93 16.95
CA ARG C 122 -0.42 30.11 17.35
C ARG C 122 -0.51 30.16 18.86
N LYS C 123 0.17 31.12 19.45
CA LYS C 123 0.18 31.28 20.90
C LYS C 123 -0.93 32.25 21.32
N ASP C 124 -1.98 31.68 21.87
CA ASP C 124 -3.20 32.38 22.23
C ASP C 124 -4.03 31.44 23.11
N PHE C 125 -5.24 31.86 23.43
CA PHE C 125 -6.08 31.21 24.45
C PHE C 125 -7.31 30.65 23.76
N MET C 126 -7.23 29.35 23.44
CA MET C 126 -8.25 28.63 22.68
C MET C 126 -9.33 28.10 23.61
N ILE C 127 -10.57 28.55 23.39
CA ILE C 127 -11.72 28.09 24.15
C ILE C 127 -12.88 27.70 23.24
N ASP C 128 -12.73 27.85 21.94
CA ASP C 128 -13.80 27.68 21.01
C ASP C 128 -13.29 27.04 19.73
N PRO C 129 -14.02 26.05 19.19
CA PRO C 129 -13.63 25.49 17.88
C PRO C 129 -13.41 26.54 16.81
N TYR C 130 -14.15 27.64 16.87
CA TYR C 130 -13.96 28.70 15.88
C TYR C 130 -12.50 29.14 15.83
N GLN C 131 -11.84 29.26 17.00
CA GLN C 131 -10.47 29.76 17.02
C GLN C 131 -9.48 28.73 16.47
N ILE C 132 -9.78 27.44 16.60
CA ILE C 132 -8.90 26.38 16.08
C ILE C 132 -8.88 26.41 14.55
N VAL C 133 -10.06 26.50 13.95
CA VAL C 133 -10.17 26.59 12.49
C VAL C 133 -9.52 27.87 11.99
N GLU C 134 -9.78 28.96 12.70
CA GLU C 134 -9.14 30.23 12.39
C GLU C 134 -7.61 30.14 12.44
N ALA C 135 -7.05 29.39 13.40
CA ALA C 135 -5.60 29.27 13.45
C ALA C 135 -5.05 28.71 12.14
N ARG C 136 -5.69 27.66 11.61
CA ARG C 136 -5.26 27.10 10.33
C ARG C 136 -5.46 28.10 9.21
N ALA C 137 -6.57 28.82 9.24
CA ALA C 137 -6.84 29.85 8.23
C ALA C 137 -5.74 30.90 8.19
N ILE C 138 -5.12 31.23 9.33
CA ILE C 138 -4.06 32.24 9.29
C ILE C 138 -2.69 31.60 9.11
N GLY C 139 -2.64 30.30 8.83
CA GLY C 139 -1.42 29.59 8.51
C GLY C 139 -0.75 28.81 9.65
N ALA C 140 -1.25 28.88 10.88
CA ALA C 140 -0.57 28.18 11.97
C ALA C 140 -0.45 26.69 11.70
N ASP C 141 0.57 26.07 12.28
CA ASP C 141 0.81 24.63 12.11
C ASP C 141 0.47 23.85 13.36
N CYS C 142 0.16 24.56 14.44
CA CYS C 142 -0.04 23.98 15.75
C CYS C 142 -0.90 24.93 16.53
N ILE C 143 -1.71 24.39 17.45
CA ILE C 143 -2.44 25.19 18.43
C ILE C 143 -2.07 24.72 19.83
N LEU C 144 -2.46 25.53 20.81
CA LEU C 144 -2.18 25.36 22.23
C LEU C 144 -3.49 25.09 22.96
N LEU C 145 -3.50 24.09 23.83
CA LEU C 145 -4.64 23.82 24.70
C LEU C 145 -4.14 23.92 26.13
N ILE C 146 -4.75 24.78 26.94
CA ILE C 146 -4.30 25.03 28.31
C ILE C 146 -5.26 24.32 29.26
N VAL C 147 -4.78 23.28 29.96
CA VAL C 147 -5.66 22.48 30.81
C VAL C 147 -6.34 23.35 31.87
N SER C 148 -5.63 24.33 32.42
CA SER C 148 -6.22 25.21 33.42
C SER C 148 -7.40 26.00 32.89
N ALA C 149 -7.54 26.12 31.57
CA ALA C 149 -8.58 26.93 30.95
C ALA C 149 -9.78 26.13 30.50
N LEU C 150 -9.72 24.80 30.56
CA LEU C 150 -10.67 23.94 29.84
C LEU C 150 -11.15 22.80 30.73
N ASP C 151 -12.41 22.42 30.57
CA ASP C 151 -12.82 21.12 31.05
C ASP C 151 -12.43 20.05 30.02
N ASP C 152 -12.47 18.78 30.46
CA ASP C 152 -11.95 17.68 29.64
C ASP C 152 -12.73 17.53 28.32
N VAL C 153 -14.04 17.65 28.37
CA VAL C 153 -14.86 17.48 27.16
C VAL C 153 -14.54 18.59 26.16
N LEU C 154 -14.46 19.83 26.62
CA LEU C 154 -14.11 20.92 25.71
C LEU C 154 -12.70 20.72 25.14
N MET C 155 -11.75 20.33 26.00
CA MET C 155 -10.40 20.09 25.53
C MET C 155 -10.36 19.01 24.45
N ALA C 156 -11.10 17.92 24.66
CA ALA C 156 -11.15 16.88 23.63
C ALA C 156 -11.79 17.41 22.36
N GLU C 157 -12.78 18.29 22.49
CA GLU C 157 -13.44 18.81 21.31
C GLU C 157 -12.50 19.68 20.50
N LEU C 158 -11.74 20.52 21.18
CA LEU C 158 -10.84 21.43 20.48
C LEU C 158 -9.71 20.66 19.79
N ALA C 159 -9.24 19.60 20.42
CA ALA C 159 -8.19 18.79 19.82
C ALA C 159 -8.72 18.05 18.60
N ALA C 160 -9.93 17.51 18.70
CA ALA C 160 -10.53 16.85 17.55
C ALA C 160 -10.72 17.84 16.39
N THR C 161 -11.08 19.07 16.72
CA THR C 161 -11.22 20.11 15.71
C THR C 161 -9.88 20.42 15.07
N ALA C 162 -8.84 20.54 15.89
CA ALA C 162 -7.49 20.74 15.38
C ALA C 162 -7.12 19.63 14.41
N LYS C 163 -7.34 18.37 14.81
CA LYS C 163 -6.99 17.28 13.91
C LYS C 163 -7.75 17.38 12.59
N SER C 164 -9.03 17.78 12.66
CA SER C 164 -9.82 17.81 11.44
CA SER C 164 -9.83 17.82 11.45
C SER C 164 -9.27 18.78 10.42
N VAL C 165 -8.45 19.77 10.84
CA VAL C 165 -7.87 20.73 9.88
C VAL C 165 -6.36 20.58 9.76
N GLY C 166 -5.79 19.48 10.26
CA GLY C 166 -4.39 19.17 10.05
C GLY C 166 -3.43 19.83 11.02
N LEU C 167 -3.93 20.38 12.12
CA LEU C 167 -3.09 21.06 13.09
C LEU C 167 -2.53 20.11 14.13
N ASP C 168 -1.29 20.36 14.53
CA ASP C 168 -0.77 19.73 15.71
C ASP C 168 -1.31 20.44 16.95
N VAL C 169 -1.19 19.76 18.08
CA VAL C 169 -1.71 20.20 19.38
C VAL C 169 -0.59 20.16 20.41
N LEU C 170 -0.31 21.28 21.07
CA LEU C 170 0.50 21.30 22.29
C LEU C 170 -0.44 21.46 23.48
N VAL C 171 -0.48 20.48 24.37
CA VAL C 171 -1.31 20.60 25.58
C VAL C 171 -0.41 21.00 26.73
N GLU C 172 -0.81 22.03 27.46
CA GLU C 172 -0.01 22.63 28.52
C GLU C 172 -0.60 22.34 29.89
N VAL C 173 0.25 21.87 30.80
CA VAL C 173 -0.14 21.51 32.15
C VAL C 173 0.81 22.18 33.13
N HIS C 174 0.36 22.33 34.39
CA HIS C 174 1.22 22.89 35.45
C HIS C 174 1.37 21.98 36.65
N ASP C 175 0.56 20.93 36.79
CA ASP C 175 0.73 20.00 37.89
C ASP C 175 0.27 18.61 37.47
N GLY C 176 0.36 17.67 38.42
CA GLY C 176 0.04 16.28 38.16
C GLY C 176 -1.43 16.03 37.91
N THR C 177 -2.31 16.78 38.57
CA THR C 177 -3.74 16.67 38.31
C THR C 177 -4.05 17.03 36.86
N GLU C 178 -3.53 18.15 36.41
CA GLU C 178 -3.76 18.55 35.02
C GLU C 178 -3.09 17.58 34.06
N LEU C 179 -1.87 17.13 34.37
CA LEU C 179 -1.22 16.12 33.53
C LEU C 179 -2.08 14.88 33.36
N GLU C 180 -2.57 14.31 34.45
CA GLU C 180 -3.39 13.11 34.32
C GLU C 180 -4.62 13.37 33.47
N ARG C 181 -5.26 14.53 33.63
CA ARG C 181 -6.40 14.84 32.78
C ARG C 181 -5.97 14.90 31.33
N ALA C 182 -4.83 15.54 31.05
CA ALA C 182 -4.40 15.68 29.67
C ALA C 182 -4.11 14.31 29.06
N LEU C 183 -3.41 13.45 29.79
CA LEU C 183 -2.96 12.18 29.22
C LEU C 183 -4.15 11.27 28.95
N LYS C 184 -5.12 11.30 29.86
CA LYS C 184 -6.32 10.51 29.74
C LYS C 184 -7.19 10.99 28.61
N THR C 185 -7.19 12.30 28.34
CA THR C 185 -8.15 12.88 27.40
C THR C 185 -7.58 12.98 25.98
N LEU C 186 -6.32 13.37 25.85
CA LEU C 186 -5.70 13.69 24.58
C LEU C 186 -4.62 12.68 24.26
N ASP C 187 -4.48 12.35 22.96
CA ASP C 187 -3.39 11.47 22.55
C ASP C 187 -2.29 12.22 21.76
N THR C 188 -2.27 13.55 21.78
CA THR C 188 -1.15 14.25 21.16
C THR C 188 0.15 13.88 21.84
N PRO C 189 1.25 13.75 21.10
CA PRO C 189 2.53 13.49 21.75
C PRO C 189 3.06 14.68 22.52
N LEU C 190 2.58 15.88 22.23
CA LEU C 190 3.25 17.10 22.70
C LEU C 190 2.66 17.51 24.04
N VAL C 191 3.41 17.26 25.12
CA VAL C 191 3.00 17.62 26.47
C VAL C 191 3.94 18.72 26.98
N GLY C 192 3.38 19.92 27.10
CA GLY C 192 4.11 21.07 27.59
C GLY C 192 3.87 21.28 29.07
N ILE C 193 4.93 21.57 29.79
CA ILE C 193 4.84 21.89 31.20
C ILE C 193 5.24 23.34 31.37
N ASN C 194 4.34 24.15 31.92
CA ASN C 194 4.64 25.56 32.14
C ASN C 194 5.24 25.73 33.54
N ASN C 195 6.50 26.10 33.56
CA ASN C 195 7.22 26.32 34.78
C ASN C 195 6.80 27.59 35.51
N ARG C 196 6.02 28.44 34.86
CA ARG C 196 5.54 29.68 35.48
C ARG C 196 4.17 29.43 36.07
N ASN C 197 4.07 29.58 37.38
CA ASN C 197 2.78 29.54 38.04
C ASN C 197 1.99 30.82 37.69
N LEU C 198 0.80 30.67 37.16
CA LEU C 198 -0.02 31.82 36.78
C LEU C 198 -0.80 32.44 37.92
N HIS C 199 -0.86 31.80 39.10
CA HIS C 199 -1.42 32.46 40.28
C HIS C 199 -0.48 33.53 40.80
N THR C 200 0.82 33.27 40.76
CA THR C 200 1.81 34.05 41.48
C THR C 200 2.88 34.62 40.57
N PHE C 201 2.98 34.12 39.34
CA PHE C 201 4.04 34.43 38.41
C PHE C 201 5.40 33.95 38.90
N GLU C 202 5.44 33.12 39.94
CA GLU C 202 6.69 32.45 40.30
C GLU C 202 7.04 31.38 39.27
N VAL C 203 8.31 31.33 38.92
CA VAL C 203 8.86 30.38 37.97
C VAL C 203 9.69 29.37 38.73
N SER C 204 9.46 28.09 38.47
CA SER C 204 10.34 27.03 38.98
C SER C 204 10.52 25.94 37.94
N LEU C 205 11.77 25.65 37.58
CA LEU C 205 12.08 24.56 36.67
C LEU C 205 11.82 23.20 37.28
N GLU C 206 11.74 23.13 38.60
CA GLU C 206 11.37 21.89 39.27
C GLU C 206 9.93 21.47 38.95
N THR C 207 9.08 22.40 38.48
CA THR C 207 7.76 22.03 37.97
C THR C 207 7.85 20.94 36.89
N THR C 208 8.77 21.12 35.96
CA THR C 208 8.99 20.13 34.90
C THR C 208 9.61 18.88 35.49
N LEU C 209 10.70 19.03 36.24
CA LEU C 209 11.46 17.89 36.72
C LEU C 209 10.59 16.99 37.58
N ASP C 210 9.72 17.57 38.40
CA ASP C 210 8.90 16.76 39.29
C ASP C 210 7.82 16.01 38.55
N LEU C 211 7.45 16.43 37.34
CA LEU C 211 6.45 15.67 36.60
C LEU C 211 7.01 14.62 35.66
N LEU C 212 8.29 14.65 35.37
CA LEU C 212 8.83 13.67 34.45
C LEU C 212 8.49 12.22 34.82
N PRO C 213 8.40 11.85 36.11
CA PRO C 213 8.11 10.44 36.46
C PRO C 213 6.68 10.02 36.20
N GLU C 214 5.85 10.92 35.72
CA GLU C 214 4.49 10.58 35.39
C GLU C 214 4.21 10.72 33.91
N ILE C 215 5.19 11.11 33.12
CA ILE C 215 4.99 11.37 31.70
C ILE C 215 5.35 10.12 30.92
N PRO C 216 4.41 9.51 30.19
CA PRO C 216 4.71 8.32 29.39
C PRO C 216 5.81 8.52 28.35
N ARG C 217 6.52 7.41 28.06
CA ARG C 217 7.59 7.50 27.06
C ARG C 217 7.07 7.76 25.66
N ASP C 218 5.79 7.54 25.38
CA ASP C 218 5.29 7.90 24.07
C ASP C 218 4.84 9.35 23.95
N ARG C 219 5.15 10.18 24.95
CA ARG C 219 4.96 11.63 24.87
C ARG C 219 6.30 12.36 24.86
N LEU C 220 6.31 13.54 24.26
CA LEU C 220 7.47 14.41 24.24
C LEU C 220 7.24 15.56 25.22
N VAL C 221 8.11 15.68 26.21
CA VAL C 221 8.01 16.79 27.15
C VAL C 221 8.52 18.05 26.49
N VAL C 222 7.73 19.12 26.58
CA VAL C 222 8.16 20.45 26.19
C VAL C 222 8.19 21.32 27.45
N THR C 223 9.35 21.80 27.85
CA THR C 223 9.42 22.60 29.06
C THR C 223 9.27 24.08 28.67
N GLU C 224 8.39 24.80 29.36
CA GLU C 224 7.99 26.15 28.98
C GLU C 224 8.23 27.12 30.12
N SER C 225 8.86 28.24 29.80
CA SER C 225 9.13 29.35 30.70
C SER C 225 10.37 29.17 31.58
N GLY C 226 11.07 30.27 31.85
CA GLY C 226 12.09 30.26 32.84
C GLY C 226 13.43 29.78 32.36
N ILE C 227 13.59 29.50 31.08
CA ILE C 227 14.88 29.09 30.56
C ILE C 227 15.67 30.35 30.27
N LEU C 228 16.70 30.61 31.07
CA LEU C 228 17.42 31.88 31.00
C LEU C 228 18.91 31.74 30.80
N ASN C 229 19.53 30.62 31.16
CA ASN C 229 20.98 30.51 30.99
C ASN C 229 21.38 29.07 30.70
N ARG C 230 22.68 28.88 30.40
CA ARG C 230 23.15 27.57 29.95
C ARG C 230 23.03 26.51 31.03
N ALA C 231 23.17 26.88 32.30
CA ALA C 231 22.96 25.89 33.37
C ALA C 231 21.54 25.34 33.35
N ASP C 232 20.53 26.20 33.13
CA ASP C 232 19.16 25.71 32.97
C ASP C 232 19.08 24.68 31.85
N VAL C 233 19.68 25.01 30.71
CA VAL C 233 19.61 24.16 29.54
C VAL C 233 20.27 22.81 29.82
N GLU C 234 21.47 22.86 30.41
CA GLU C 234 22.19 21.63 30.78
C GLU C 234 21.37 20.77 31.70
N LEU C 235 20.77 21.37 32.72
CA LEU C 235 19.95 20.60 33.65
C LEU C 235 18.86 19.85 32.90
N MET C 236 18.14 20.54 32.00
CA MET C 236 17.07 19.86 31.27
C MET C 236 17.64 18.75 30.39
N GLU C 237 18.70 19.02 29.65
CA GLU C 237 19.24 17.99 28.76
C GLU C 237 19.68 16.78 29.56
N VAL C 238 20.32 16.99 30.70
CA VAL C 238 20.77 15.85 31.50
C VAL C 238 19.58 15.06 32.00
N SER C 239 18.43 15.72 32.23
CA SER C 239 17.17 15.07 32.60
C SER C 239 16.42 14.51 31.41
N GLU C 240 17.01 14.51 30.22
CA GLU C 240 16.41 13.96 29.00
C GLU C 240 15.21 14.80 28.54
N VAL C 241 15.23 16.10 28.82
CA VAL C 241 14.27 17.05 28.26
C VAL C 241 14.99 17.80 27.15
N TYR C 242 14.49 17.71 25.93
CA TYR C 242 15.16 18.30 24.79
C TYR C 242 14.32 19.33 24.04
N ALA C 243 13.04 19.46 24.38
CA ALA C 243 12.15 20.40 23.72
C ALA C 243 11.85 21.55 24.68
N PHE C 244 11.98 22.79 24.18
CA PHE C 244 11.90 23.99 25.00
C PHE C 244 11.02 25.03 24.32
N LEU C 245 10.26 25.79 25.11
CA LEU C 245 9.58 26.99 24.64
C LEU C 245 10.19 28.18 25.38
N VAL C 246 10.86 29.08 24.63
CA VAL C 246 11.66 30.15 25.21
C VAL C 246 11.32 31.47 24.51
N GLY C 247 11.08 32.50 25.32
CA GLY C 247 10.71 33.84 24.84
C GLY C 247 11.60 34.92 25.38
N GLU C 248 11.52 35.17 26.70
CA GLU C 248 12.17 36.32 27.31
C GLU C 248 13.68 36.32 27.09
N ALA C 249 14.35 35.20 27.38
CA ALA C 249 15.81 35.15 27.20
C ALA C 249 16.24 35.73 25.86
N PHE C 250 15.47 35.46 24.81
CA PHE C 250 15.79 35.92 23.47
C PHE C 250 15.24 37.32 23.18
N MET C 251 14.03 37.63 23.65
CA MET C 251 13.45 38.94 23.38
C MET C 251 14.25 40.07 24.00
N ARG C 252 14.93 39.81 25.11
CA ARG C 252 15.74 40.83 25.75
C ARG C 252 17.14 40.93 25.15
N ALA C 253 17.52 40.02 24.25
CA ALA C 253 18.87 40.06 23.69
C ALA C 253 18.89 40.92 22.44
N ASP C 254 20.06 41.46 22.14
CA ASP C 254 20.18 42.33 20.97
C ASP C 254 19.81 41.56 19.72
N ASP C 255 20.33 40.34 19.58
CA ASP C 255 20.04 39.49 18.43
C ASP C 255 19.40 38.20 18.95
N PRO C 256 18.08 38.04 18.82
CA PRO C 256 17.42 36.89 19.46
C PRO C 256 17.95 35.55 19.01
N GLY C 257 18.18 35.38 17.71
CA GLY C 257 18.70 34.12 17.20
C GLY C 257 20.09 33.81 17.68
N LEU C 258 20.92 34.84 17.79
CA LEU C 258 22.25 34.62 18.33
C LEU C 258 22.19 34.18 19.79
N GLU C 259 21.29 34.76 20.58
CA GLU C 259 21.14 34.29 21.96
C GLU C 259 20.64 32.83 22.00
N LEU C 260 19.71 32.47 21.12
CA LEU C 260 19.33 31.06 20.99
C LEU C 260 20.55 30.19 20.69
N LYS C 261 21.35 30.61 19.72
CA LYS C 261 22.55 29.84 19.36
C LYS C 261 23.49 29.71 20.55
N ARG C 262 23.66 30.78 21.30
CA ARG C 262 24.59 30.75 22.43
C ARG C 262 24.07 29.83 23.54
N LEU C 263 22.78 29.82 23.79
CA LEU C 263 22.27 29.04 24.90
C LEU C 263 22.18 27.56 24.57
N PHE C 264 21.98 27.20 23.31
CA PHE C 264 21.62 25.84 22.95
C PHE C 264 22.63 25.11 22.06
N PHE C 265 23.49 25.81 21.35
CA PHE C 265 24.34 25.18 20.34
C PHE C 265 25.83 25.52 20.49
N PRO D 4 22.47 -32.54 5.81
CA PRO D 4 21.87 -33.03 7.06
C PRO D 4 21.44 -34.51 6.97
N THR D 5 21.79 -35.31 7.99
CA THR D 5 21.82 -36.77 7.84
C THR D 5 20.42 -37.37 7.77
N VAL D 6 19.55 -37.03 8.73
CA VAL D 6 18.17 -37.53 8.67
C VAL D 6 17.59 -37.22 7.30
N LEU D 7 18.01 -36.11 6.70
CA LEU D 7 17.49 -35.67 5.42
C LEU D 7 18.17 -36.38 4.27
N GLN D 8 19.49 -36.63 4.39
CA GLN D 8 20.20 -37.37 3.37
C GLN D 8 19.60 -38.75 3.17
N LYS D 9 19.23 -39.41 4.27
CA LYS D 9 18.64 -40.74 4.16
C LYS D 9 17.27 -40.68 3.51
N ILE D 10 16.45 -39.71 3.90
CA ILE D 10 15.12 -39.58 3.33
C ILE D 10 15.22 -39.30 1.83
N LEU D 11 16.15 -38.43 1.43
CA LEU D 11 16.29 -38.05 0.02
C LEU D 11 16.85 -39.19 -0.82
N ALA D 12 17.77 -39.97 -0.26
CA ALA D 12 18.22 -41.19 -0.90
C ALA D 12 17.04 -42.10 -1.22
N ARG D 13 16.15 -42.29 -0.26
CA ARG D 13 15.01 -43.15 -0.48
C ARG D 13 14.03 -42.54 -1.48
N LYS D 14 13.80 -41.21 -1.42
CA LYS D 14 12.88 -40.59 -2.37
C LYS D 14 13.36 -40.79 -3.80
N ALA D 15 14.65 -40.58 -4.05
CA ALA D 15 15.16 -40.80 -5.39
C ALA D 15 14.85 -42.21 -5.87
N GLU D 16 15.11 -43.22 -5.03
CA GLU D 16 14.70 -44.60 -5.37
C GLU D 16 13.21 -44.66 -5.65
N GLU D 17 12.39 -44.12 -4.75
CA GLU D 17 10.93 -44.24 -4.88
C GLU D 17 10.41 -43.53 -6.13
N VAL D 18 11.02 -42.42 -6.52
CA VAL D 18 10.60 -41.72 -7.75
C VAL D 18 10.94 -42.55 -8.98
N ALA D 19 12.15 -43.10 -9.03
CA ALA D 19 12.54 -43.92 -10.19
C ALA D 19 11.58 -45.11 -10.35
N GLU D 20 11.30 -45.81 -9.26
CA GLU D 20 10.35 -46.93 -9.32
C GLU D 20 9.02 -46.46 -9.87
N ARG D 21 8.42 -45.46 -9.22
CA ARG D 21 7.10 -45.01 -9.66
C ARG D 21 7.12 -44.55 -11.11
N ARG D 22 8.20 -43.89 -11.54
CA ARG D 22 8.19 -43.31 -12.89
C ARG D 22 8.23 -44.41 -13.95
N ALA D 23 8.97 -45.48 -13.69
CA ALA D 23 9.00 -46.63 -14.59
C ALA D 23 7.60 -47.15 -14.89
N ARG D 24 6.73 -47.21 -13.89
CA ARG D 24 5.40 -47.79 -14.07
C ARG D 24 4.35 -46.78 -14.52
N VAL D 25 4.46 -45.52 -14.09
CA VAL D 25 3.53 -44.47 -14.47
C VAL D 25 4.41 -43.30 -14.92
N ASN D 26 4.59 -43.17 -16.22
CA ASN D 26 5.61 -42.24 -16.67
C ASN D 26 5.08 -40.81 -16.59
N LEU D 27 5.96 -39.87 -16.87
CA LEU D 27 5.60 -38.46 -16.77
C LEU D 27 4.34 -38.15 -17.57
N ALA D 28 4.22 -38.73 -18.78
CA ALA D 28 3.09 -38.39 -19.63
C ALA D 28 1.76 -38.78 -19.00
N GLU D 29 1.73 -39.87 -18.24
CA GLU D 29 0.48 -40.34 -17.63
C GLU D 29 0.10 -39.50 -16.40
N VAL D 30 1.06 -39.16 -15.53
CA VAL D 30 0.74 -38.28 -14.41
C VAL D 30 0.28 -36.91 -14.94
N GLU D 31 0.91 -36.43 -16.01
CA GLU D 31 0.40 -35.21 -16.65
C GLU D 31 -1.08 -35.32 -17.01
N ARG D 32 -1.48 -36.44 -17.65
CA ARG D 32 -2.90 -36.64 -17.95
C ARG D 32 -3.74 -36.67 -16.69
N LEU D 33 -3.25 -37.34 -15.65
CA LEU D 33 -3.98 -37.40 -14.40
C LEU D 33 -4.14 -36.01 -13.79
N ALA D 34 -3.07 -35.21 -13.83
CA ALA D 34 -3.18 -33.83 -13.33
C ALA D 34 -4.25 -33.05 -14.09
N ARG D 35 -4.27 -33.17 -15.43
CA ARG D 35 -5.30 -32.47 -16.21
C ARG D 35 -6.72 -32.90 -15.83
N SER D 36 -6.93 -34.14 -15.43
CA SER D 36 -8.26 -34.61 -15.09
C SER D 36 -8.63 -34.35 -13.63
N ALA D 37 -7.76 -33.70 -12.86
CA ALA D 37 -7.99 -33.48 -11.44
C ALA D 37 -8.82 -32.23 -11.19
N ASP D 38 -9.59 -32.27 -10.09
CA ASP D 38 -10.30 -31.13 -9.53
C ASP D 38 -9.47 -29.86 -9.56
N ALA D 39 -10.11 -28.70 -9.67
CA ALA D 39 -9.36 -27.44 -9.71
C ALA D 39 -8.63 -27.21 -8.39
N PRO D 40 -7.45 -26.60 -8.41
CA PRO D 40 -6.79 -26.20 -7.16
C PRO D 40 -7.72 -25.32 -6.33
N ARG D 41 -7.61 -25.45 -5.01
CA ARG D 41 -8.53 -24.76 -4.12
C ARG D 41 -8.03 -23.40 -3.65
N GLY D 42 -6.79 -23.04 -3.92
CA GLY D 42 -6.30 -21.73 -3.54
C GLY D 42 -5.63 -21.76 -2.17
N PHE D 43 -4.54 -22.51 -2.06
CA PHE D 43 -3.89 -22.72 -0.76
C PHE D 43 -3.34 -21.40 -0.22
N ALA D 44 -2.56 -20.68 -1.03
CA ALA D 44 -1.96 -19.44 -0.54
C ALA D 44 -3.03 -18.41 -0.19
N ASN D 45 -4.06 -18.27 -1.02
CA ASN D 45 -5.07 -17.24 -0.77
C ASN D 45 -5.84 -17.54 0.52
N ALA D 46 -6.11 -18.81 0.82
CA ALA D 46 -6.76 -19.15 2.08
C ALA D 46 -5.98 -18.64 3.29
N LEU D 47 -4.64 -18.77 3.28
CA LEU D 47 -3.82 -18.27 4.38
C LEU D 47 -3.73 -16.74 4.33
N LEU D 48 -3.46 -16.19 3.15
CA LEU D 48 -3.27 -14.75 3.02
C LEU D 48 -4.51 -13.96 3.45
N GLU D 49 -5.70 -14.40 3.04
CA GLU D 49 -6.91 -13.66 3.37
C GLU D 49 -7.11 -13.56 4.88
N ARG D 50 -6.67 -14.60 5.62
CA ARG D 50 -6.85 -14.61 7.07
C ARG D 50 -5.74 -13.83 7.75
N ALA D 51 -4.51 -14.02 7.30
CA ALA D 51 -3.38 -13.36 7.94
C ALA D 51 -3.41 -11.87 7.68
N LYS D 52 -3.86 -11.44 6.49
CA LYS D 52 -3.99 -10.02 6.23
C LYS D 52 -5.02 -9.36 7.15
N ARG D 53 -5.86 -10.14 7.83
CA ARG D 53 -6.84 -9.66 8.80
C ARG D 53 -6.41 -9.84 10.25
N LYS D 54 -5.16 -10.22 10.48
CA LYS D 54 -4.69 -10.58 11.81
C LYS D 54 -5.63 -11.61 12.44
N GLU D 55 -5.97 -12.61 11.64
CA GLU D 55 -6.61 -13.82 12.09
C GLU D 55 -5.67 -15.01 11.88
N PRO D 56 -5.71 -16.00 12.77
CA PRO D 56 -4.84 -17.17 12.60
C PRO D 56 -5.13 -17.90 11.30
N ALA D 57 -4.07 -18.19 10.56
CA ALA D 57 -4.12 -18.98 9.32
C ALA D 57 -3.41 -20.30 9.60
N VAL D 58 -4.16 -21.33 9.89
CA VAL D 58 -3.61 -22.55 10.46
C VAL D 58 -3.62 -23.66 9.40
N ILE D 59 -2.44 -24.18 9.13
CA ILE D 59 -2.29 -25.38 8.31
C ILE D 59 -2.26 -26.56 9.28
N ALA D 60 -3.34 -27.35 9.30
CA ALA D 60 -3.47 -28.43 10.25
C ALA D 60 -2.96 -29.73 9.63
N GLU D 61 -2.01 -30.37 10.28
CA GLU D 61 -1.29 -31.46 9.67
C GLU D 61 -1.85 -32.83 10.10
N ILE D 62 -2.03 -33.70 9.11
CA ILE D 62 -2.49 -35.08 9.30
C ILE D 62 -1.25 -35.95 9.16
N LYS D 63 -0.69 -36.34 10.31
CA LYS D 63 0.61 -36.99 10.42
C LYS D 63 0.48 -38.16 11.41
N LYS D 64 0.64 -39.37 10.91
CA LYS D 64 0.54 -40.56 11.74
C LYS D 64 1.77 -40.71 12.63
N ALA D 65 2.96 -40.75 12.03
CA ALA D 65 4.22 -40.95 12.73
C ALA D 65 5.22 -39.87 12.29
N SER D 66 6.41 -39.90 12.88
CA SER D 66 7.49 -38.99 12.52
C SER D 66 8.79 -39.54 13.10
N PRO D 67 9.96 -39.08 12.60
CA PRO D 67 11.24 -39.51 13.19
C PRO D 67 11.41 -39.04 14.64
N SER D 68 11.32 -37.73 14.86
CA SER D 68 11.66 -37.17 16.16
C SER D 68 10.74 -37.62 17.28
N LYS D 69 9.57 -38.20 16.96
CA LYS D 69 8.52 -38.42 17.95
C LYS D 69 7.92 -39.83 17.93
N GLY D 70 8.27 -40.68 16.97
CA GLY D 70 7.62 -41.98 16.85
C GLY D 70 6.18 -41.84 16.38
N VAL D 71 5.38 -42.88 16.66
CA VAL D 71 3.97 -42.83 16.27
C VAL D 71 3.26 -41.79 17.12
N LEU D 72 2.39 -41.01 16.47
CA LEU D 72 1.71 -39.91 17.14
C LEU D 72 0.24 -40.16 17.38
N ARG D 73 -0.40 -41.04 16.61
CA ARG D 73 -1.83 -41.30 16.76
C ARG D 73 -2.13 -42.72 16.31
N GLU D 74 -2.61 -43.55 17.24
CA GLU D 74 -2.88 -44.95 16.93
C GLU D 74 -4.03 -45.08 15.94
N HIS D 75 -5.22 -44.67 16.35
CA HIS D 75 -6.37 -44.62 15.47
C HIS D 75 -6.19 -43.47 14.48
N PHE D 76 -6.16 -43.79 13.17
CA PHE D 76 -5.75 -42.84 12.14
C PHE D 76 -6.75 -42.91 10.99
N VAL D 77 -7.66 -41.95 10.93
CA VAL D 77 -8.71 -41.90 9.92
C VAL D 77 -8.68 -40.55 9.20
N PRO D 78 -7.83 -40.38 8.20
CA PRO D 78 -7.66 -39.05 7.58
C PRO D 78 -8.94 -38.31 7.26
N ALA D 79 -9.97 -38.98 6.72
CA ALA D 79 -11.20 -38.27 6.37
C ALA D 79 -11.89 -37.68 7.61
N GLU D 80 -11.75 -38.33 8.77
CA GLU D 80 -12.37 -37.82 9.99
C GLU D 80 -11.55 -36.69 10.59
N ILE D 81 -10.23 -36.84 10.59
CA ILE D 81 -9.36 -35.75 11.02
C ILE D 81 -9.60 -34.49 10.20
N ALA D 82 -9.77 -34.62 8.88
CA ALA D 82 -9.97 -33.42 8.04
C ALA D 82 -11.27 -32.70 8.39
N ARG D 83 -12.35 -33.46 8.60
CA ARG D 83 -13.63 -32.86 9.02
C ARG D 83 -13.50 -32.17 10.38
N SER D 84 -12.85 -32.84 11.33
CA SER D 84 -12.59 -32.24 12.64
C SER D 84 -11.83 -30.92 12.50
N TYR D 85 -10.71 -30.95 11.77
CA TYR D 85 -9.89 -29.76 11.55
C TYR D 85 -10.70 -28.63 10.93
N GLU D 86 -11.46 -28.92 9.88
CA GLU D 86 -12.26 -27.87 9.26
C GLU D 86 -13.25 -27.31 10.27
N ALA D 87 -13.96 -28.18 10.97
CA ALA D 87 -14.92 -27.67 11.94
C ALA D 87 -14.22 -26.84 13.00
N GLY D 88 -13.01 -27.24 13.39
CA GLY D 88 -12.23 -26.50 14.38
C GLY D 88 -11.67 -25.14 13.94
N GLY D 89 -11.69 -24.79 12.65
CA GLY D 89 -11.13 -23.52 12.19
C GLY D 89 -9.89 -23.58 11.31
N ALA D 90 -9.46 -24.76 10.86
CA ALA D 90 -8.30 -24.84 10.00
C ALA D 90 -8.52 -24.06 8.71
N ALA D 91 -7.46 -23.40 8.24
CA ALA D 91 -7.54 -22.75 6.95
C ALA D 91 -7.15 -23.69 5.82
N CYS D 92 -6.15 -24.55 6.07
CA CYS D 92 -5.66 -25.53 5.11
C CYS D 92 -5.25 -26.80 5.85
N LEU D 93 -5.11 -27.89 5.09
CA LEU D 93 -4.54 -29.13 5.60
C LEU D 93 -3.17 -29.38 5.03
N SER D 94 -2.35 -30.06 5.84
CA SER D 94 -1.12 -30.71 5.41
C SER D 94 -1.29 -32.20 5.65
N VAL D 95 -0.98 -33.01 4.62
CA VAL D 95 -1.13 -34.47 4.70
C VAL D 95 0.17 -35.11 4.26
N LEU D 96 0.79 -35.86 5.14
CA LEU D 96 2.02 -36.57 4.83
C LEU D 96 1.75 -37.66 3.81
N THR D 97 2.56 -37.70 2.75
CA THR D 97 2.50 -38.80 1.81
C THR D 97 3.81 -39.60 1.76
N ASP D 98 4.82 -39.23 2.54
CA ASP D 98 5.99 -40.10 2.65
C ASP D 98 5.64 -41.33 3.49
N VAL D 99 5.94 -42.51 2.95
CA VAL D 99 5.52 -43.78 3.56
C VAL D 99 6.52 -44.25 4.60
N ASP D 100 7.81 -44.25 4.28
CA ASP D 100 8.75 -44.98 5.11
C ASP D 100 8.96 -44.30 6.46
N PHE D 101 9.12 -42.99 6.47
CA PHE D 101 9.52 -42.31 7.69
C PHE D 101 8.39 -41.61 8.43
N PHE D 102 7.24 -41.38 7.80
CA PHE D 102 6.11 -40.72 8.45
C PHE D 102 4.84 -41.56 8.41
N GLN D 103 4.86 -42.70 7.72
CA GLN D 103 3.70 -43.56 7.66
C GLN D 103 2.51 -42.81 7.08
N GLY D 104 2.79 -42.03 6.04
CA GLY D 104 1.76 -41.41 5.23
C GLY D 104 1.49 -42.23 3.98
N ALA D 105 0.63 -41.67 3.14
CA ALA D 105 0.29 -42.26 1.86
C ALA D 105 -0.50 -41.25 1.04
N ASP D 106 -0.36 -41.36 -0.27
CA ASP D 106 -1.14 -40.54 -1.19
C ASP D 106 -2.63 -40.69 -0.91
N ALA D 107 -3.07 -41.90 -0.57
CA ALA D 107 -4.49 -42.16 -0.31
C ALA D 107 -5.03 -41.30 0.83
N TYR D 108 -4.22 -41.09 1.86
CA TYR D 108 -4.64 -40.24 2.97
C TYR D 108 -4.97 -38.82 2.49
N LEU D 109 -4.10 -38.27 1.63
CA LEU D 109 -4.36 -36.94 1.08
C LEU D 109 -5.66 -36.93 0.30
N LYS D 110 -5.88 -37.95 -0.53
CA LYS D 110 -7.12 -37.97 -1.32
C LYS D 110 -8.34 -38.07 -0.40
N GLU D 111 -8.24 -38.88 0.65
CA GLU D 111 -9.39 -39.05 1.56
C GLU D 111 -9.67 -37.78 2.34
N ALA D 112 -8.62 -37.15 2.85
CA ALA D 112 -8.76 -35.91 3.62
C ALA D 112 -9.35 -34.80 2.77
N ARG D 113 -8.85 -34.64 1.54
CA ARG D 113 -9.33 -33.55 0.70
C ARG D 113 -10.76 -33.76 0.26
N ALA D 114 -11.17 -35.03 0.08
CA ALA D 114 -12.54 -35.29 -0.34
C ALA D 114 -13.51 -35.03 0.80
N ALA D 115 -13.06 -35.20 2.03
CA ALA D 115 -13.87 -35.02 3.22
C ALA D 115 -14.11 -33.56 3.63
N CYS D 116 -13.49 -32.58 2.96
CA CYS D 116 -13.65 -31.20 3.37
C CYS D 116 -13.48 -30.29 2.15
N ALA D 117 -13.61 -28.98 2.39
CA ALA D 117 -13.49 -27.95 1.36
C ALA D 117 -12.19 -27.17 1.45
N LEU D 118 -11.24 -27.62 2.20
CA LEU D 118 -10.05 -26.86 2.49
C LEU D 118 -8.93 -27.17 1.49
N PRO D 119 -8.08 -26.20 1.15
CA PRO D 119 -6.87 -26.50 0.37
C PRO D 119 -5.94 -27.40 1.15
N VAL D 120 -5.09 -28.12 0.42
CA VAL D 120 -4.26 -29.15 1.01
C VAL D 120 -2.86 -29.08 0.41
N ILE D 121 -1.83 -29.13 1.25
CA ILE D 121 -0.44 -29.22 0.80
C ILE D 121 -0.02 -30.67 0.91
N ARG D 122 0.60 -31.18 -0.15
CA ARG D 122 1.21 -32.50 -0.11
C ARG D 122 2.48 -32.37 0.68
N LYS D 123 2.53 -33.01 1.84
CA LYS D 123 3.69 -32.91 2.72
C LYS D 123 4.59 -34.12 2.45
N ASP D 124 5.73 -33.86 1.84
CA ASP D 124 6.59 -34.90 1.32
C ASP D 124 7.85 -34.20 0.84
N PHE D 125 8.81 -34.98 0.34
CA PHE D 125 10.14 -34.50 0.00
C PHE D 125 10.31 -34.42 -1.52
N MET D 126 10.19 -33.21 -2.07
CA MET D 126 10.17 -32.98 -3.50
C MET D 126 11.59 -32.75 -3.99
N ILE D 127 12.06 -33.61 -4.89
CA ILE D 127 13.37 -33.48 -5.49
C ILE D 127 13.30 -33.55 -7.02
N ASP D 128 12.14 -33.91 -7.57
CA ASP D 128 12.03 -34.12 -9.02
C ASP D 128 10.72 -33.58 -9.60
N PRO D 129 10.76 -32.95 -10.77
CA PRO D 129 9.51 -32.47 -11.37
C PRO D 129 8.41 -33.50 -11.41
N TYR D 130 8.78 -34.78 -11.57
CA TYR D 130 7.79 -35.84 -11.61
C TYR D 130 6.90 -35.81 -10.38
N GLN D 131 7.50 -35.60 -9.20
CA GLN D 131 6.70 -35.54 -7.97
C GLN D 131 5.79 -34.30 -7.94
N ILE D 132 6.22 -33.21 -8.58
CA ILE D 132 5.39 -32.02 -8.60
C ILE D 132 4.11 -32.28 -9.38
N VAL D 133 4.25 -32.81 -10.60
CA VAL D 133 3.08 -33.14 -11.41
C VAL D 133 2.23 -34.17 -10.71
N GLU D 134 2.87 -35.18 -10.11
CA GLU D 134 2.13 -36.22 -9.39
C GLU D 134 1.30 -35.62 -8.26
N ALA D 135 1.84 -34.61 -7.56
CA ALA D 135 1.10 -33.97 -6.48
C ALA D 135 -0.23 -33.43 -6.97
N ARG D 136 -0.23 -32.77 -8.14
CA ARG D 136 -1.47 -32.25 -8.70
C ARG D 136 -2.39 -33.38 -9.15
N ALA D 137 -1.82 -34.46 -9.71
CA ALA D 137 -2.61 -35.61 -10.13
C ALA D 137 -3.37 -36.22 -8.96
N ILE D 138 -2.81 -36.17 -7.75
CA ILE D 138 -3.54 -36.72 -6.61
C ILE D 138 -4.40 -35.66 -5.92
N GLY D 139 -4.54 -34.50 -6.53
CA GLY D 139 -5.44 -33.46 -6.04
C GLY D 139 -4.85 -32.41 -5.11
N ALA D 140 -3.55 -32.40 -4.86
CA ALA D 140 -2.97 -31.44 -3.94
C ALA D 140 -3.11 -30.03 -4.50
N ASP D 141 -3.14 -29.06 -3.59
CA ASP D 141 -3.30 -27.67 -3.99
C ASP D 141 -2.00 -26.89 -3.87
N CYS D 142 -0.98 -27.50 -3.30
CA CYS D 142 0.27 -26.86 -2.91
C CYS D 142 1.30 -27.96 -2.67
N ILE D 143 2.57 -27.65 -2.94
CA ILE D 143 3.69 -28.55 -2.66
C ILE D 143 4.71 -27.79 -1.81
N LEU D 144 5.64 -28.55 -1.25
CA LEU D 144 6.64 -28.06 -0.31
C LEU D 144 8.01 -28.14 -0.95
N LEU D 145 8.77 -27.06 -0.85
CA LEU D 145 10.16 -27.07 -1.31
C LEU D 145 11.04 -26.75 -0.11
N ILE D 146 11.94 -27.68 0.21
CA ILE D 146 12.85 -27.57 1.35
C ILE D 146 14.20 -27.08 0.85
N VAL D 147 14.62 -25.89 1.28
CA VAL D 147 15.83 -25.28 0.75
C VAL D 147 17.04 -26.11 1.10
N SER D 148 17.03 -26.78 2.24
CA SER D 148 18.24 -27.48 2.63
C SER D 148 18.39 -28.78 1.84
N ALA D 149 17.38 -29.19 1.09
CA ALA D 149 17.38 -30.36 0.22
C ALA D 149 17.69 -30.08 -1.24
N LEU D 150 17.87 -28.81 -1.64
CA LEU D 150 17.81 -28.46 -3.04
C LEU D 150 18.91 -27.46 -3.34
N ASP D 151 19.51 -27.55 -4.53
CA ASP D 151 20.24 -26.36 -4.97
C ASP D 151 19.29 -25.39 -5.66
N ASP D 152 19.78 -24.18 -5.91
CA ASP D 152 18.91 -23.10 -6.42
C ASP D 152 18.28 -23.47 -7.76
N VAL D 153 19.06 -24.04 -8.67
CA VAL D 153 18.50 -24.33 -9.99
C VAL D 153 17.36 -25.33 -9.85
N LEU D 154 17.60 -26.42 -9.13
CA LEU D 154 16.54 -27.40 -9.00
C LEU D 154 15.34 -26.80 -8.26
N MET D 155 15.61 -26.00 -7.23
CA MET D 155 14.52 -25.34 -6.52
C MET D 155 13.69 -24.52 -7.48
N ALA D 156 14.37 -23.76 -8.35
CA ALA D 156 13.65 -22.95 -9.31
C ALA D 156 12.85 -23.81 -10.28
N GLU D 157 13.41 -24.95 -10.69
CA GLU D 157 12.72 -25.78 -11.67
C GLU D 157 11.50 -26.46 -11.07
N LEU D 158 11.58 -26.87 -9.81
CA LEU D 158 10.42 -27.47 -9.17
C LEU D 158 9.30 -26.45 -8.98
N ALA D 159 9.65 -25.22 -8.61
CA ALA D 159 8.64 -24.17 -8.48
C ALA D 159 8.00 -23.86 -9.82
N ALA D 160 8.81 -23.82 -10.88
CA ALA D 160 8.26 -23.56 -12.22
C ALA D 160 7.37 -24.72 -12.66
N THR D 161 7.76 -25.95 -12.32
CA THR D 161 6.89 -27.07 -12.59
C THR D 161 5.56 -26.90 -11.88
N ALA D 162 5.60 -26.54 -10.60
CA ALA D 162 4.38 -26.34 -9.82
C ALA D 162 3.50 -25.27 -10.47
N LYS D 163 4.09 -24.17 -10.89
CA LYS D 163 3.30 -23.11 -11.51
C LYS D 163 2.62 -23.58 -12.79
N SER D 164 3.33 -24.37 -13.60
CA SER D 164 2.75 -24.91 -14.85
C SER D 164 1.48 -25.69 -14.61
N VAL D 165 1.42 -26.47 -13.53
CA VAL D 165 0.25 -27.29 -13.29
C VAL D 165 -0.67 -26.66 -12.24
N GLY D 166 -0.46 -25.38 -11.88
CA GLY D 166 -1.41 -24.65 -11.04
C GLY D 166 -1.31 -24.89 -9.54
N LEU D 167 -0.16 -25.38 -9.05
CA LEU D 167 0.08 -25.63 -7.64
C LEU D 167 0.74 -24.42 -6.98
N ASP D 168 0.27 -24.08 -5.78
CA ASP D 168 1.00 -23.18 -4.89
C ASP D 168 2.25 -23.85 -4.34
N VAL D 169 3.14 -23.00 -3.83
CA VAL D 169 4.45 -23.37 -3.35
C VAL D 169 4.65 -22.83 -1.94
N LEU D 170 4.98 -23.71 -1.01
CA LEU D 170 5.47 -23.32 0.31
C LEU D 170 6.97 -23.61 0.32
N VAL D 171 7.79 -22.60 0.52
CA VAL D 171 9.23 -22.81 0.61
C VAL D 171 9.65 -22.74 2.07
N GLU D 172 10.37 -23.77 2.51
CA GLU D 172 10.80 -23.96 3.89
C GLU D 172 12.28 -23.63 4.09
N VAL D 173 12.56 -22.79 5.08
CA VAL D 173 13.93 -22.36 5.37
C VAL D 173 14.18 -22.51 6.87
N HIS D 174 15.45 -22.60 7.22
CA HIS D 174 15.81 -22.66 8.62
C HIS D 174 16.77 -21.59 9.06
N ASP D 175 17.32 -20.79 8.16
CA ASP D 175 18.29 -19.78 8.56
C ASP D 175 18.36 -18.72 7.49
N GLY D 176 19.08 -17.66 7.79
CA GLY D 176 19.11 -16.52 6.92
C GLY D 176 19.76 -16.82 5.60
N THR D 177 20.72 -17.78 5.58
CA THR D 177 21.35 -18.17 4.33
C THR D 177 20.33 -18.85 3.43
N GLU D 178 19.56 -19.79 3.98
CA GLU D 178 18.50 -20.41 3.20
C GLU D 178 17.45 -19.39 2.78
N LEU D 179 17.12 -18.44 3.67
CA LEU D 179 16.08 -17.46 3.38
C LEU D 179 16.49 -16.61 2.20
N GLU D 180 17.74 -16.16 2.18
CA GLU D 180 18.16 -15.32 1.08
C GLU D 180 18.18 -16.08 -0.24
N ARG D 181 18.57 -17.36 -0.23
CA ARG D 181 18.42 -18.19 -1.43
C ARG D 181 16.96 -18.27 -1.87
N ALA D 182 16.05 -18.51 -0.93
CA ALA D 182 14.64 -18.65 -1.28
C ALA D 182 14.10 -17.36 -1.90
N LEU D 183 14.41 -16.22 -1.28
CA LEU D 183 13.88 -14.94 -1.74
C LEU D 183 14.40 -14.58 -3.12
N LYS D 184 15.66 -14.90 -3.41
CA LYS D 184 16.18 -14.56 -4.72
C LYS D 184 15.79 -15.59 -5.78
N THR D 185 15.42 -16.82 -5.40
CA THR D 185 15.11 -17.83 -6.40
C THR D 185 13.61 -17.89 -6.72
N LEU D 186 12.75 -17.72 -5.71
CA LEU D 186 11.33 -17.97 -5.82
C LEU D 186 10.52 -16.71 -5.53
N ASP D 187 9.37 -16.58 -6.17
CA ASP D 187 8.51 -15.45 -5.86
C ASP D 187 7.27 -15.86 -5.05
N THR D 188 7.20 -17.10 -4.57
CA THR D 188 6.02 -17.49 -3.80
C THR D 188 5.87 -16.62 -2.56
N PRO D 189 4.65 -16.23 -2.21
CA PRO D 189 4.45 -15.49 -0.96
C PRO D 189 4.59 -16.34 0.27
N LEU D 190 4.56 -17.67 0.16
CA LEU D 190 4.56 -18.55 1.33
C LEU D 190 5.99 -18.93 1.71
N VAL D 191 6.51 -18.27 2.76
CA VAL D 191 7.84 -18.51 3.28
C VAL D 191 7.66 -19.20 4.62
N GLY D 192 8.00 -20.49 4.65
CA GLY D 192 7.92 -21.26 5.87
C GLY D 192 9.24 -21.24 6.63
N ILE D 193 9.16 -21.03 7.92
CA ILE D 193 10.32 -21.09 8.80
C ILE D 193 10.13 -22.30 9.72
N ASN D 194 11.03 -23.25 9.61
CA ASN D 194 10.96 -24.47 10.41
C ASN D 194 11.74 -24.24 11.70
N ASN D 195 11.04 -24.21 12.84
CA ASN D 195 11.71 -24.03 14.12
C ASN D 195 12.47 -25.27 14.58
N ARG D 196 12.28 -26.43 13.95
CA ARG D 196 13.02 -27.64 14.30
C ARG D 196 14.29 -27.70 13.47
N ASN D 197 15.42 -27.54 14.15
CA ASN D 197 16.72 -27.84 13.56
C ASN D 197 16.78 -29.34 13.24
N LEU D 198 17.19 -29.67 12.01
CA LEU D 198 17.13 -31.08 11.57
C LEU D 198 18.41 -31.86 11.86
N HIS D 199 19.52 -31.18 12.14
CA HIS D 199 20.67 -31.86 12.72
C HIS D 199 20.33 -32.40 14.11
N THR D 200 19.85 -31.54 15.01
CA THR D 200 19.68 -31.86 16.42
C THR D 200 18.26 -32.23 16.82
N PHE D 201 17.26 -32.01 15.96
CA PHE D 201 15.85 -32.12 16.30
C PHE D 201 15.43 -31.18 17.43
N GLU D 202 16.27 -30.24 17.83
CA GLU D 202 15.88 -29.27 18.85
C GLU D 202 15.00 -28.17 18.26
N VAL D 203 13.96 -27.80 19.00
CA VAL D 203 12.99 -26.82 18.53
C VAL D 203 13.29 -25.49 19.21
N SER D 204 13.32 -24.41 18.42
CA SER D 204 13.68 -23.10 18.90
C SER D 204 12.76 -22.08 18.23
N LEU D 205 11.81 -21.51 18.97
CA LEU D 205 10.86 -20.61 18.31
C LEU D 205 11.50 -19.30 17.89
N GLU D 206 12.66 -18.95 18.46
CA GLU D 206 13.35 -17.75 17.99
C GLU D 206 13.97 -17.96 16.62
N THR D 207 13.97 -19.18 16.08
CA THR D 207 14.33 -19.34 14.67
C THR D 207 13.44 -18.43 13.82
N THR D 208 12.13 -18.50 14.05
CA THR D 208 11.22 -17.64 13.35
C THR D 208 11.44 -16.17 13.68
N LEU D 209 11.48 -15.82 14.98
CA LEU D 209 11.53 -14.41 15.38
C LEU D 209 12.79 -13.73 14.87
N ASP D 210 13.92 -14.43 14.94
CA ASP D 210 15.19 -13.83 14.56
C ASP D 210 15.22 -13.42 13.10
N LEU D 211 14.48 -14.11 12.23
CA LEU D 211 14.51 -13.84 10.80
C LEU D 211 13.48 -12.80 10.36
N LEU D 212 12.52 -12.43 11.20
CA LEU D 212 11.43 -11.57 10.74
C LEU D 212 11.93 -10.28 10.10
N PRO D 213 12.94 -9.58 10.61
CA PRO D 213 13.37 -8.33 9.97
C PRO D 213 13.91 -8.51 8.57
N GLU D 214 14.38 -9.72 8.22
CA GLU D 214 14.94 -10.01 6.91
C GLU D 214 13.89 -10.38 5.87
N ILE D 215 12.65 -10.62 6.30
CA ILE D 215 11.60 -11.11 5.41
C ILE D 215 10.85 -9.94 4.79
N PRO D 216 10.64 -9.92 3.47
CA PRO D 216 9.93 -8.78 2.86
C PRO D 216 8.49 -8.75 3.34
N ARG D 217 7.94 -7.53 3.40
CA ARG D 217 6.60 -7.38 3.92
C ARG D 217 5.56 -7.99 3.00
N ASP D 218 5.87 -8.19 1.71
CA ASP D 218 4.94 -8.87 0.81
C ASP D 218 5.08 -10.39 0.83
N ARG D 219 5.87 -10.96 1.73
CA ARG D 219 5.88 -12.42 1.90
C ARG D 219 5.12 -12.79 3.18
N LEU D 220 4.40 -13.92 3.15
CA LEU D 220 3.71 -14.43 4.32
C LEU D 220 4.61 -15.41 5.07
N VAL D 221 4.89 -15.10 6.33
CA VAL D 221 5.62 -16.02 7.20
C VAL D 221 4.69 -17.12 7.68
N VAL D 222 5.13 -18.36 7.50
CA VAL D 222 4.46 -19.53 8.00
C VAL D 222 5.43 -20.21 8.94
N THR D 223 5.14 -20.15 10.24
CA THR D 223 6.01 -20.73 11.26
C THR D 223 5.61 -22.19 11.44
N GLU D 224 6.61 -23.07 11.50
CA GLU D 224 6.41 -24.51 11.47
C GLU D 224 7.18 -25.17 12.60
N SER D 225 6.47 -26.00 13.35
CA SER D 225 7.04 -26.86 14.39
C SER D 225 7.14 -26.13 15.70
N GLY D 226 6.86 -26.83 16.79
CA GLY D 226 7.06 -26.28 18.11
C GLY D 226 5.92 -25.46 18.63
N ILE D 227 4.78 -25.42 17.95
CA ILE D 227 3.64 -24.61 18.35
C ILE D 227 2.73 -25.53 19.17
N LEU D 228 2.88 -25.49 20.50
CA LEU D 228 2.24 -26.48 21.35
C LEU D 228 1.17 -25.94 22.29
N ASN D 229 1.16 -24.64 22.59
CA ASN D 229 0.24 -24.08 23.58
C ASN D 229 -0.08 -22.65 23.19
N ARG D 230 -0.99 -22.02 23.96
CA ARG D 230 -1.44 -20.66 23.62
C ARG D 230 -0.33 -19.63 23.77
N ALA D 231 0.66 -19.90 24.62
CA ALA D 231 1.76 -18.98 24.78
C ALA D 231 2.56 -18.89 23.50
N ASP D 232 2.73 -20.01 22.81
CA ASP D 232 3.51 -20.01 21.58
C ASP D 232 2.76 -19.27 20.49
N VAL D 233 1.45 -19.49 20.42
CA VAL D 233 0.60 -18.74 19.49
C VAL D 233 0.69 -17.23 19.74
N GLU D 234 0.53 -16.82 21.01
CA GLU D 234 0.59 -15.39 21.35
C GLU D 234 1.93 -14.78 20.94
N LEU D 235 3.00 -15.50 21.27
CA LEU D 235 4.34 -15.07 20.96
C LEU D 235 4.48 -14.79 19.47
N MET D 236 3.93 -15.68 18.64
CA MET D 236 3.95 -15.44 17.20
C MET D 236 3.05 -14.26 16.83
N GLU D 237 1.81 -14.24 17.30
CA GLU D 237 0.88 -13.21 16.84
C GLU D 237 1.35 -11.81 17.24
N VAL D 238 1.93 -11.66 18.43
CA VAL D 238 2.38 -10.33 18.84
C VAL D 238 3.60 -9.94 18.04
N SER D 239 4.30 -10.90 17.43
CA SER D 239 5.35 -10.61 16.46
C SER D 239 4.83 -10.54 15.01
N GLU D 240 3.51 -10.45 14.81
CA GLU D 240 2.91 -10.30 13.49
C GLU D 240 3.10 -11.54 12.62
N VAL D 241 3.24 -12.71 13.23
CA VAL D 241 3.19 -13.98 12.53
C VAL D 241 1.82 -14.60 12.78
N TYR D 242 1.07 -14.80 11.71
CA TYR D 242 -0.29 -15.27 11.81
C TYR D 242 -0.55 -16.56 11.05
N ALA D 243 0.44 -17.11 10.36
CA ALA D 243 0.26 -18.39 9.68
C ALA D 243 1.10 -19.45 10.36
N PHE D 244 0.56 -20.66 10.41
CA PHE D 244 1.10 -21.69 11.26
C PHE D 244 0.97 -23.07 10.61
N LEU D 245 1.98 -23.91 10.80
CA LEU D 245 1.92 -25.33 10.45
C LEU D 245 2.06 -26.13 11.74
N VAL D 246 1.01 -26.88 12.10
CA VAL D 246 0.88 -27.53 13.41
C VAL D 246 0.45 -28.99 13.21
N GLY D 247 1.18 -29.93 13.80
CA GLY D 247 0.81 -31.34 13.71
C GLY D 247 0.63 -32.00 15.06
N GLU D 248 1.75 -32.14 15.77
CA GLU D 248 1.81 -32.88 17.05
C GLU D 248 0.78 -32.41 18.08
N ALA D 249 0.69 -31.10 18.31
CA ALA D 249 -0.28 -30.58 19.27
C ALA D 249 -1.69 -31.13 19.02
N PHE D 250 -2.05 -31.31 17.75
CA PHE D 250 -3.39 -31.80 17.41
C PHE D 250 -3.47 -33.33 17.34
N MET D 251 -2.38 -34.01 16.93
CA MET D 251 -2.40 -35.46 16.73
C MET D 251 -2.45 -36.22 18.05
N ARG D 252 -2.01 -35.60 19.13
CA ARG D 252 -1.98 -36.21 20.45
C ARG D 252 -3.26 -36.00 21.24
N ALA D 253 -4.13 -35.11 20.77
CA ALA D 253 -5.42 -34.88 21.40
C ALA D 253 -6.45 -35.90 20.92
N ASP D 254 -7.53 -36.04 21.71
CA ASP D 254 -8.62 -36.92 21.31
C ASP D 254 -9.33 -36.37 20.08
N ASP D 255 -9.66 -35.09 20.11
CA ASP D 255 -10.40 -34.40 19.06
C ASP D 255 -9.50 -33.32 18.44
N PRO D 256 -8.82 -33.60 17.31
CA PRO D 256 -7.79 -32.63 16.83
C PRO D 256 -8.37 -31.25 16.57
N GLY D 257 -9.51 -31.18 15.92
CA GLY D 257 -10.12 -29.89 15.66
C GLY D 257 -10.46 -29.14 16.94
N LEU D 258 -10.88 -29.86 17.97
CA LEU D 258 -11.20 -29.19 19.22
C LEU D 258 -9.97 -28.51 19.77
N GLU D 259 -8.83 -29.19 19.72
CA GLU D 259 -7.58 -28.60 20.21
C GLU D 259 -7.14 -27.41 19.36
N LEU D 260 -7.38 -27.48 18.05
CA LEU D 260 -7.08 -26.33 17.20
C LEU D 260 -7.90 -25.12 17.62
N LYS D 261 -9.20 -25.32 17.79
CA LYS D 261 -10.06 -24.22 18.21
C LYS D 261 -9.60 -23.63 19.52
N ARG D 262 -9.11 -24.49 20.42
CA ARG D 262 -8.68 -24.05 21.73
C ARG D 262 -7.40 -23.21 21.66
N LEU D 263 -6.43 -23.63 20.83
CA LEU D 263 -5.16 -22.93 20.76
C LEU D 263 -5.26 -21.60 20.01
N PHE D 264 -6.17 -21.51 19.03
CA PHE D 264 -6.17 -20.38 18.11
C PHE D 264 -7.44 -19.55 18.13
N PHE D 265 -8.55 -20.09 18.63
CA PHE D 265 -9.85 -19.44 18.52
C PHE D 265 -10.59 -19.45 19.87
N GLN D 266 -9.89 -18.99 20.90
CA GLN D 266 -10.44 -18.93 22.25
C GLN D 266 -11.84 -18.31 22.31
N GLU D 267 -12.09 -17.23 21.54
CA GLU D 267 -13.31 -16.49 21.80
C GLU D 267 -14.57 -17.22 21.32
N ARG D 268 -14.41 -18.22 20.46
CA ARG D 268 -15.55 -18.96 19.95
C ARG D 268 -16.19 -19.85 21.02
N SER E 2 27.39 -4.93 -18.11
CA SER E 2 27.90 -3.76 -18.82
C SER E 2 27.33 -2.46 -18.23
N VAL E 3 28.21 -1.56 -17.81
CA VAL E 3 27.78 -0.30 -17.22
C VAL E 3 27.25 0.62 -18.32
N PRO E 4 26.05 1.22 -18.16
CA PRO E 4 25.49 2.05 -19.24
C PRO E 4 26.52 3.03 -19.80
N THR E 5 26.52 3.18 -21.13
CA THR E 5 27.44 4.12 -21.74
C THR E 5 27.28 5.52 -21.15
N VAL E 6 26.03 6.01 -21.04
CA VAL E 6 25.84 7.36 -20.52
C VAL E 6 26.40 7.47 -19.11
N LEU E 7 26.21 6.43 -18.29
CA LEU E 7 26.80 6.46 -16.96
C LEU E 7 28.32 6.45 -17.02
N GLN E 8 28.93 5.65 -17.88
CA GLN E 8 30.40 5.61 -17.95
C GLN E 8 30.94 7.00 -18.30
N LYS E 9 30.26 7.70 -19.21
CA LYS E 9 30.69 9.03 -19.58
C LYS E 9 30.56 9.98 -18.42
N ILE E 10 29.44 9.89 -17.68
CA ILE E 10 29.27 10.77 -16.53
C ILE E 10 30.38 10.53 -15.53
N LEU E 11 30.69 9.25 -15.25
CA LEU E 11 31.66 8.96 -14.19
C LEU E 11 33.08 9.32 -14.60
N ALA E 12 33.41 9.14 -15.89
CA ALA E 12 34.71 9.61 -16.37
C ALA E 12 34.83 11.12 -16.22
N ARG E 13 33.81 11.87 -16.64
CA ARG E 13 33.89 13.31 -16.49
C ARG E 13 33.93 13.70 -15.03
N LYS E 14 33.19 12.98 -14.20
CA LYS E 14 33.11 13.33 -12.78
C LYS E 14 34.47 13.26 -12.11
N ALA E 15 35.30 12.30 -12.49
CA ALA E 15 36.65 12.21 -11.94
C ALA E 15 37.44 13.48 -12.24
N GLU E 16 37.32 14.01 -13.46
CA GLU E 16 37.95 15.28 -13.79
C GLU E 16 37.44 16.39 -12.89
N GLU E 17 36.12 16.48 -12.71
CA GLU E 17 35.56 17.55 -11.89
C GLU E 17 36.01 17.44 -10.42
N VAL E 18 36.10 16.22 -9.90
CA VAL E 18 36.57 16.05 -8.53
C VAL E 18 38.03 16.48 -8.40
N ALA E 19 38.88 16.00 -9.33
CA ALA E 19 40.28 16.43 -9.32
C ALA E 19 40.36 17.94 -9.31
N GLU E 20 39.58 18.61 -10.18
CA GLU E 20 39.65 20.06 -10.21
C GLU E 20 39.16 20.68 -8.91
N ARG E 21 38.07 20.16 -8.33
CA ARG E 21 37.60 20.70 -7.06
C ARG E 21 38.66 20.54 -5.99
N ARG E 22 39.31 19.38 -5.97
CA ARG E 22 40.26 19.08 -4.91
C ARG E 22 41.55 19.88 -5.06
N ALA E 23 41.92 20.22 -6.30
CA ALA E 23 43.03 21.14 -6.52
C ALA E 23 42.74 22.51 -5.95
N ARG E 24 41.49 22.96 -5.98
CA ARG E 24 41.10 24.28 -5.49
C ARG E 24 40.81 24.30 -4.00
N VAL E 25 40.23 23.22 -3.45
CA VAL E 25 39.86 23.13 -2.05
C VAL E 25 40.27 21.74 -1.58
N ASN E 26 41.34 21.65 -0.79
CA ASN E 26 41.87 20.35 -0.44
C ASN E 26 40.99 19.68 0.60
N LEU E 27 41.18 18.37 0.71
CA LEU E 27 40.38 17.55 1.60
C LEU E 27 40.31 18.16 2.98
N ALA E 28 41.46 18.60 3.50
CA ALA E 28 41.51 19.12 4.87
C ALA E 28 40.60 20.32 5.03
N GLU E 29 40.55 21.17 3.99
CA GLU E 29 39.67 22.33 4.05
C GLU E 29 38.20 21.92 3.99
N VAL E 30 37.85 20.91 3.18
CA VAL E 30 36.44 20.51 3.16
CA VAL E 30 36.46 20.46 3.12
C VAL E 30 36.09 19.74 4.42
N GLU E 31 37.04 19.03 5.02
CA GLU E 31 36.79 18.39 6.30
C GLU E 31 36.47 19.43 7.37
N ARG E 32 37.19 20.56 7.33
CA ARG E 32 36.93 21.63 8.28
C ARG E 32 35.55 22.21 8.10
N LEU E 33 35.16 22.47 6.83
CA LEU E 33 33.86 23.05 6.54
C LEU E 33 32.73 22.10 6.94
N ALA E 34 32.94 20.80 6.73
CA ALA E 34 31.95 19.82 7.14
C ALA E 34 31.77 19.86 8.64
N ARG E 35 32.87 19.94 9.38
CA ARG E 35 32.83 20.03 10.83
C ARG E 35 32.00 21.21 11.28
N SER E 36 32.07 22.33 10.57
CA SER E 36 31.35 23.51 11.01
C SER E 36 29.94 23.64 10.44
N ALA E 37 29.49 22.73 9.57
CA ALA E 37 28.17 22.90 8.98
C ALA E 37 27.07 22.66 10.02
N ASP E 38 25.89 23.23 9.77
CA ASP E 38 24.86 23.01 10.77
C ASP E 38 24.37 21.54 10.69
N ALA E 39 23.65 21.13 11.74
CA ALA E 39 23.38 19.71 11.94
C ALA E 39 22.55 19.10 10.80
N PRO E 40 22.82 17.86 10.43
CA PRO E 40 21.92 17.14 9.54
C PRO E 40 20.50 17.19 10.05
N ARG E 41 19.55 17.34 9.14
CA ARG E 41 18.14 17.48 9.52
C ARG E 41 17.40 16.16 9.69
N GLY E 42 17.98 15.03 9.28
CA GLY E 42 17.34 13.72 9.46
C GLY E 42 16.59 13.22 8.26
N PHE E 43 17.31 12.96 7.17
CA PHE E 43 16.65 12.62 5.90
C PHE E 43 15.89 11.30 6.02
N ALA E 44 16.58 10.23 6.43
CA ALA E 44 15.92 8.93 6.53
C ALA E 44 14.71 8.99 7.48
N ASN E 45 14.86 9.66 8.62
CA ASN E 45 13.78 9.69 9.60
C ASN E 45 12.52 10.37 9.07
N ALA E 46 12.70 11.40 8.23
CA ALA E 46 11.53 12.10 7.69
C ALA E 46 10.70 11.19 6.81
N LEU E 47 11.36 10.28 6.08
CA LEU E 47 10.65 9.32 5.23
C LEU E 47 10.05 8.19 6.07
N LEU E 48 10.86 7.64 6.98
CA LEU E 48 10.42 6.50 7.80
C LEU E 48 9.21 6.86 8.66
N GLU E 49 9.22 8.07 9.23
CA GLU E 49 8.13 8.53 10.10
C GLU E 49 6.81 8.55 9.36
N ARG E 50 6.82 8.98 8.09
CA ARG E 50 5.61 9.01 7.27
C ARG E 50 5.23 7.64 6.74
N ALA E 51 6.22 6.89 6.25
CA ALA E 51 5.96 5.57 5.66
C ALA E 51 5.32 4.63 6.66
N LYS E 52 5.79 4.68 7.91
CA LYS E 52 5.26 3.84 8.97
C LYS E 52 3.78 4.07 9.20
N ARG E 53 3.30 5.28 8.87
CA ARG E 53 1.91 5.66 9.03
C ARG E 53 1.17 5.52 7.73
N LYS E 54 1.80 4.93 6.72
CA LYS E 54 1.22 4.75 5.39
C LYS E 54 0.86 6.09 4.78
N GLU E 55 1.68 7.08 5.06
CA GLU E 55 1.47 8.33 4.40
C GLU E 55 2.58 8.60 3.38
N PRO E 56 2.27 9.30 2.31
CA PRO E 56 3.27 9.57 1.28
C PRO E 56 4.47 10.35 1.82
N ALA E 57 5.65 9.86 1.46
CA ALA E 57 6.92 10.50 1.83
C ALA E 57 7.60 10.93 0.52
N VAL E 58 7.38 12.18 0.13
CA VAL E 58 7.80 12.64 -1.18
C VAL E 58 9.13 13.37 -1.05
N ILE E 59 10.12 12.89 -1.81
CA ILE E 59 11.38 13.60 -1.99
C ILE E 59 11.21 14.41 -3.28
N ALA E 60 11.00 15.72 -3.15
CA ALA E 60 10.67 16.53 -4.32
C ALA E 60 12.01 17.02 -4.88
N GLU E 61 12.25 16.81 -6.17
CA GLU E 61 13.58 17.04 -6.73
C GLU E 61 13.65 18.36 -7.52
N ILE E 62 14.72 19.11 -7.28
CA ILE E 62 15.01 20.36 -7.97
C ILE E 62 16.02 20.05 -9.08
N LYS E 63 15.53 20.02 -10.32
CA LYS E 63 16.28 19.50 -11.46
C LYS E 63 16.03 20.39 -12.67
N LYS E 64 17.08 21.11 -13.11
CA LYS E 64 16.95 22.07 -14.22
C LYS E 64 16.88 21.36 -15.56
N ALA E 65 17.65 20.30 -15.72
CA ALA E 65 17.81 19.59 -16.98
C ALA E 65 18.20 18.15 -16.67
N SER E 66 18.06 17.28 -17.67
CA SER E 66 18.51 15.89 -17.54
C SER E 66 19.01 15.40 -18.88
N PRO E 67 19.88 14.37 -18.88
CA PRO E 67 20.26 13.75 -20.17
C PRO E 67 19.09 13.25 -20.99
N SER E 68 18.04 12.70 -20.35
CA SER E 68 16.92 12.13 -21.10
C SER E 68 15.94 13.18 -21.61
N LYS E 69 15.84 14.35 -20.97
CA LYS E 69 14.81 15.31 -21.31
C LYS E 69 15.33 16.66 -21.79
N GLY E 70 16.62 16.96 -21.63
CA GLY E 70 17.06 18.32 -21.81
C GLY E 70 16.54 19.22 -20.71
N VAL E 71 16.28 20.47 -21.05
CA VAL E 71 15.87 21.47 -20.06
C VAL E 71 14.44 21.19 -19.61
N LEU E 72 14.22 21.11 -18.29
CA LEU E 72 12.91 20.78 -17.76
C LEU E 72 12.12 21.97 -17.27
N ARG E 73 12.79 23.06 -16.92
CA ARG E 73 12.10 24.22 -16.38
C ARG E 73 12.89 25.44 -16.81
N GLU E 74 12.24 26.35 -17.55
CA GLU E 74 12.95 27.54 -18.05
C GLU E 74 13.20 28.53 -16.92
N HIS E 75 12.17 28.95 -16.20
CA HIS E 75 12.35 29.82 -15.05
C HIS E 75 12.64 28.95 -13.81
N PHE E 76 13.90 28.98 -13.36
CA PHE E 76 14.44 27.99 -12.42
C PHE E 76 15.07 28.74 -11.25
N VAL E 77 14.36 28.83 -10.12
CA VAL E 77 14.86 29.52 -8.94
C VAL E 77 14.79 28.55 -7.75
N PRO E 78 15.91 27.94 -7.37
CA PRO E 78 15.88 26.90 -6.31
C PRO E 78 15.22 27.30 -5.00
N ALA E 79 15.49 28.49 -4.47
CA ALA E 79 14.88 28.88 -3.20
C ALA E 79 13.35 28.87 -3.32
N GLU E 80 12.81 29.36 -4.44
CA GLU E 80 11.36 29.43 -4.57
C GLU E 80 10.76 28.04 -4.77
N ILE E 81 11.43 27.19 -5.52
CA ILE E 81 10.93 25.84 -5.73
C ILE E 81 10.89 25.13 -4.39
N ALA E 82 11.92 25.33 -3.57
CA ALA E 82 11.98 24.68 -2.27
C ALA E 82 10.81 25.10 -1.40
N ARG E 83 10.53 26.41 -1.35
CA ARG E 83 9.39 26.90 -0.61
C ARG E 83 8.09 26.31 -1.13
N SER E 84 7.94 26.25 -2.45
CA SER E 84 6.76 25.69 -3.06
C SER E 84 6.60 24.22 -2.66
N TYR E 85 7.70 23.47 -2.74
CA TYR E 85 7.68 22.06 -2.38
C TYR E 85 7.27 21.87 -0.91
N GLU E 86 7.83 22.67 0.00
CA GLU E 86 7.46 22.52 1.40
C GLU E 86 5.97 22.83 1.60
N ALA E 87 5.50 23.88 0.92
CA ALA E 87 4.11 24.29 1.04
C ALA E 87 3.18 23.26 0.46
N GLY E 88 3.69 22.42 -0.45
CA GLY E 88 2.87 21.43 -1.10
C GLY E 88 2.83 20.08 -0.40
N GLY E 89 3.68 19.85 0.58
CA GLY E 89 3.66 18.61 1.34
C GLY E 89 4.90 17.75 1.26
N ALA E 90 5.96 18.25 0.63
CA ALA E 90 7.16 17.44 0.50
C ALA E 90 7.71 17.05 1.86
N ALA E 91 8.31 15.87 1.93
CA ALA E 91 8.97 15.41 3.13
C ALA E 91 10.45 15.76 3.11
N CYS E 92 11.05 15.66 1.93
CA CYS E 92 12.45 15.95 1.73
C CYS E 92 12.63 16.57 0.35
N LEU E 93 13.81 17.13 0.10
CA LEU E 93 14.22 17.56 -1.22
C LEU E 93 15.38 16.75 -1.72
N SER E 94 15.42 16.61 -3.04
CA SER E 94 16.61 16.22 -3.77
C SER E 94 17.06 17.42 -4.61
N VAL E 95 18.33 17.77 -4.56
CA VAL E 95 18.85 18.88 -5.38
C VAL E 95 20.03 18.39 -6.21
N LEU E 96 19.90 18.50 -7.53
CA LEU E 96 20.99 18.12 -8.43
C LEU E 96 22.11 19.12 -8.26
N THR E 97 23.31 18.60 -7.99
CA THR E 97 24.52 19.41 -7.96
C THR E 97 25.49 19.01 -9.07
N ASP E 98 25.19 17.94 -9.78
CA ASP E 98 25.91 17.61 -10.98
C ASP E 98 25.79 18.74 -12.00
N VAL E 99 26.93 19.24 -12.46
CA VAL E 99 26.99 20.47 -13.26
C VAL E 99 26.78 20.23 -14.75
N ASP E 100 27.42 19.21 -15.34
CA ASP E 100 27.48 19.12 -16.78
C ASP E 100 26.38 18.30 -17.41
N PHE E 101 25.67 17.47 -16.65
CA PHE E 101 24.62 16.63 -17.22
C PHE E 101 23.23 16.93 -16.70
N PHE E 102 23.11 17.67 -15.60
CA PHE E 102 21.82 18.05 -15.01
C PHE E 102 21.72 19.56 -14.79
N GLN E 103 22.71 20.32 -15.25
CA GLN E 103 22.73 21.79 -15.11
C GLN E 103 22.48 22.19 -13.66
N GLY E 104 23.10 21.44 -12.73
CA GLY E 104 22.98 21.76 -11.33
C GLY E 104 24.18 22.57 -10.80
N ALA E 105 24.11 22.88 -9.51
CA ALA E 105 25.22 23.53 -8.82
C ALA E 105 25.09 23.33 -7.31
N ASP E 106 26.24 23.36 -6.63
CA ASP E 106 26.22 23.30 -5.17
C ASP E 106 25.46 24.48 -4.58
N ALA E 107 25.58 25.66 -5.20
CA ALA E 107 24.81 26.80 -4.75
C ALA E 107 23.31 26.52 -4.74
N TYR E 108 22.82 25.75 -5.71
CA TYR E 108 21.38 25.48 -5.74
C TYR E 108 20.93 24.71 -4.48
N LEU E 109 21.76 23.76 -4.02
CA LEU E 109 21.43 22.99 -2.82
C LEU E 109 21.44 23.88 -1.58
N LYS E 110 22.43 24.75 -1.48
CA LYS E 110 22.46 25.71 -0.39
C LYS E 110 21.23 26.59 -0.39
N GLU E 111 20.89 27.14 -1.56
CA GLU E 111 19.75 28.04 -1.69
C GLU E 111 18.45 27.31 -1.32
N ALA E 112 18.29 26.09 -1.85
CA ALA E 112 17.06 25.34 -1.55
C ALA E 112 16.98 24.99 -0.06
N ARG E 113 18.09 24.53 0.51
CA ARG E 113 18.05 24.10 1.89
C ARG E 113 17.79 25.25 2.85
N ALA E 114 18.36 26.43 2.55
CA ALA E 114 18.14 27.61 3.41
C ALA E 114 16.70 28.11 3.37
N ALA E 115 15.98 27.85 2.27
CA ALA E 115 14.62 28.34 2.07
C ALA E 115 13.55 27.32 2.48
N CYS E 116 13.92 26.22 3.10
CA CYS E 116 12.95 25.27 3.61
C CYS E 116 13.46 24.71 4.94
N ALA E 117 12.65 23.87 5.57
CA ALA E 117 12.99 23.22 6.83
C ALA E 117 12.87 21.70 6.67
N LEU E 118 13.28 21.22 5.49
CA LEU E 118 13.22 19.84 5.07
C LEU E 118 14.62 19.28 4.89
N PRO E 119 14.85 18.01 5.19
CA PRO E 119 16.15 17.42 4.87
C PRO E 119 16.35 17.39 3.36
N VAL E 120 17.62 17.43 2.95
CA VAL E 120 18.00 17.54 1.54
C VAL E 120 19.06 16.51 1.20
N ILE E 121 18.81 15.70 0.14
CA ILE E 121 19.83 14.81 -0.41
C ILE E 121 20.57 15.53 -1.54
N ARG E 122 21.90 15.40 -1.52
CA ARG E 122 22.73 15.87 -2.63
C ARG E 122 22.62 14.87 -3.77
N LYS E 123 22.00 15.28 -4.87
CA LYS E 123 21.80 14.38 -6.00
C LYS E 123 22.95 14.60 -6.95
N ASP E 124 23.85 13.63 -6.98
CA ASP E 124 25.08 13.78 -7.72
C ASP E 124 25.68 12.38 -7.79
N PHE E 125 26.78 12.27 -8.51
CA PHE E 125 27.42 10.98 -8.76
C PHE E 125 28.66 10.87 -7.88
N MET E 126 28.52 10.13 -6.77
CA MET E 126 29.58 9.98 -5.75
C MET E 126 30.51 8.82 -6.11
N ILE E 127 31.79 9.13 -6.29
CA ILE E 127 32.80 8.14 -6.62
C ILE E 127 34.03 8.24 -5.74
N ASP E 128 34.08 9.22 -4.85
CA ASP E 128 35.29 9.60 -4.18
C ASP E 128 34.92 10.12 -2.80
N PRO E 129 35.60 9.70 -1.73
CA PRO E 129 35.24 10.20 -0.38
C PRO E 129 35.26 11.69 -0.26
N TYR E 130 36.15 12.35 -1.01
CA TYR E 130 36.16 13.80 -1.03
C TYR E 130 34.76 14.37 -1.25
N GLN E 131 34.00 13.79 -2.21
CA GLN E 131 32.68 14.32 -2.52
C GLN E 131 31.71 14.10 -1.36
N ILE E 132 31.89 13.01 -0.61
CA ILE E 132 31.01 12.74 0.55
C ILE E 132 31.21 13.82 1.62
N VAL E 133 32.47 14.15 1.92
CA VAL E 133 32.77 15.21 2.87
C VAL E 133 32.28 16.54 2.33
N GLU E 134 32.57 16.81 1.06
CA GLU E 134 32.05 18.01 0.39
C GLU E 134 30.56 18.14 0.58
N ALA E 135 29.85 17.02 0.46
CA ALA E 135 28.39 17.03 0.56
C ALA E 135 27.95 17.58 1.91
N ARG E 136 28.59 17.14 2.99
CA ARG E 136 28.29 17.70 4.30
C ARG E 136 28.72 19.15 4.40
N ALA E 137 29.83 19.49 3.77
CA ALA E 137 30.33 20.87 3.84
C ALA E 137 29.35 21.83 3.22
N ILE E 138 28.64 21.42 2.15
CA ILE E 138 27.65 22.31 1.57
C ILE E 138 26.30 22.20 2.26
N GLY E 139 26.18 21.40 3.32
CA GLY E 139 24.96 21.33 4.08
C GLY E 139 24.04 20.16 3.81
N ALA E 140 24.39 19.24 2.90
CA ALA E 140 23.45 18.17 2.57
C ALA E 140 23.19 17.30 3.80
N ASP E 141 22.03 16.66 3.81
CA ASP E 141 21.61 15.77 4.88
C ASP E 141 21.74 14.31 4.51
N CYS E 142 21.98 14.02 3.25
CA CYS E 142 21.97 12.67 2.73
C CYS E 142 22.78 12.68 1.44
N ILE E 143 23.43 11.56 1.15
CA ILE E 143 24.09 11.38 -0.14
C ILE E 143 23.53 10.11 -0.79
N LEU E 144 23.87 9.97 -2.08
CA LEU E 144 23.40 8.90 -2.94
C LEU E 144 24.57 8.01 -3.30
N LEU E 145 24.37 6.69 -3.21
CA LEU E 145 25.33 5.72 -3.71
C LEU E 145 24.64 4.89 -4.76
N ILE E 146 25.21 4.82 -5.96
CA ILE E 146 24.61 4.14 -7.09
C ILE E 146 25.40 2.87 -7.31
N VAL E 147 24.74 1.72 -7.17
CA VAL E 147 25.46 0.45 -7.19
C VAL E 147 26.09 0.24 -8.57
N SER E 148 25.38 0.62 -9.65
CA SER E 148 25.90 0.51 -11.03
C SER E 148 27.20 1.26 -11.24
N ALA E 149 27.55 2.15 -10.33
CA ALA E 149 28.71 3.01 -10.49
C ALA E 149 29.88 2.62 -9.62
N LEU E 150 29.71 1.63 -8.73
CA LEU E 150 30.59 1.37 -7.61
C LEU E 150 30.80 -0.12 -7.50
N ASP E 151 32.02 -0.53 -7.17
CA ASP E 151 32.20 -1.89 -6.69
C ASP E 151 31.99 -1.92 -5.18
N ASP E 152 31.90 -3.12 -4.62
CA ASP E 152 31.49 -3.26 -3.24
C ASP E 152 32.44 -2.59 -2.27
N VAL E 153 33.74 -2.67 -2.54
CA VAL E 153 34.72 -2.05 -1.66
C VAL E 153 34.55 -0.54 -1.62
N LEU E 154 34.48 0.08 -2.80
CA LEU E 154 34.33 1.53 -2.84
C LEU E 154 33.00 1.93 -2.22
N MET E 155 31.93 1.20 -2.55
CA MET E 155 30.62 1.51 -1.99
C MET E 155 30.68 1.52 -0.47
N ALA E 156 31.30 0.50 0.11
CA ALA E 156 31.41 0.47 1.56
C ALA E 156 32.29 1.60 2.08
N GLU E 157 33.35 1.93 1.35
CA GLU E 157 34.18 3.05 1.79
C GLU E 157 33.39 4.36 1.82
N LEU E 158 32.67 4.67 0.73
CA LEU E 158 31.91 5.92 0.68
C LEU E 158 30.85 5.96 1.78
N ALA E 159 30.24 4.80 2.07
CA ALA E 159 29.25 4.74 3.13
C ALA E 159 29.88 5.03 4.49
N ALA E 160 31.08 4.53 4.71
CA ALA E 160 31.74 4.80 6.00
C ALA E 160 32.12 6.28 6.13
N THR E 161 32.67 6.87 5.06
CA THR E 161 32.88 8.31 5.07
C THR E 161 31.59 9.04 5.40
N ALA E 162 30.47 8.61 4.80
CA ALA E 162 29.23 9.32 5.06
C ALA E 162 28.84 9.19 6.53
N LYS E 163 29.01 8.00 7.10
CA LYS E 163 28.70 7.81 8.52
C LYS E 163 29.61 8.70 9.39
N SER E 164 30.88 8.82 9.02
CA SER E 164 31.78 9.61 9.86
C SER E 164 31.43 11.10 9.87
N VAL E 165 30.76 11.62 8.85
CA VAL E 165 30.39 13.04 8.89
C VAL E 165 28.89 13.22 9.14
N GLY E 166 28.19 12.16 9.51
CA GLY E 166 26.79 12.31 9.87
C GLY E 166 25.80 12.38 8.74
N LEU E 167 26.14 11.87 7.55
CA LEU E 167 25.23 11.88 6.41
C LEU E 167 24.43 10.59 6.35
N ASP E 168 23.13 10.72 6.08
CA ASP E 168 22.34 9.57 5.71
C ASP E 168 22.74 9.07 4.32
N VAL E 169 22.26 7.89 3.96
CA VAL E 169 22.63 7.23 2.72
C VAL E 169 21.38 6.70 2.04
N LEU E 170 21.15 7.11 0.79
CA LEU E 170 20.21 6.44 -0.11
C LEU E 170 21.03 5.61 -1.10
N VAL E 171 20.84 4.30 -1.10
CA VAL E 171 21.53 3.45 -2.07
C VAL E 171 20.53 3.13 -3.17
N GLU E 172 20.97 3.23 -4.42
CA GLU E 172 20.11 3.10 -5.56
C GLU E 172 20.46 1.83 -6.33
N VAL E 173 19.45 1.01 -6.60
CA VAL E 173 19.64 -0.23 -7.33
C VAL E 173 18.66 -0.27 -8.48
N HIS E 174 18.93 -1.16 -9.43
CA HIS E 174 18.10 -1.32 -10.62
C HIS E 174 17.71 -2.78 -10.87
N ASP E 175 18.30 -3.74 -10.19
CA ASP E 175 17.95 -5.15 -10.40
C ASP E 175 18.32 -5.93 -9.15
N GLY E 176 18.02 -7.23 -9.17
CA GLY E 176 18.21 -8.05 -7.99
C GLY E 176 19.66 -8.23 -7.59
N THR E 177 20.56 -8.34 -8.57
CA THR E 177 21.97 -8.49 -8.25
C THR E 177 22.50 -7.27 -7.51
N GLU E 178 22.17 -6.07 -7.99
CA GLU E 178 22.57 -4.85 -7.29
C GLU E 178 21.95 -4.78 -5.90
N LEU E 179 20.67 -5.11 -5.80
CA LEU E 179 20.00 -5.11 -4.50
C LEU E 179 20.72 -6.00 -3.49
N GLU E 180 21.04 -7.24 -3.89
CA GLU E 180 21.71 -8.13 -2.93
C GLU E 180 23.09 -7.60 -2.56
N ARG E 181 23.81 -7.04 -3.52
CA ARG E 181 25.07 -6.40 -3.16
C ARG E 181 24.83 -5.27 -2.18
N ALA E 182 23.81 -4.44 -2.41
CA ALA E 182 23.54 -3.32 -1.52
C ALA E 182 23.16 -3.81 -0.13
N LEU E 183 22.28 -4.82 -0.05
CA LEU E 183 21.87 -5.33 1.27
C LEU E 183 23.03 -5.96 2.02
N LYS E 184 23.90 -6.69 1.31
CA LYS E 184 25.06 -7.31 1.96
C LYS E 184 26.11 -6.27 2.38
N THR E 185 26.22 -5.14 1.66
CA THR E 185 27.33 -4.20 1.89
C THR E 185 26.98 -3.06 2.82
N LEU E 186 25.74 -2.59 2.82
CA LEU E 186 25.36 -1.41 3.57
C LEU E 186 24.26 -1.76 4.56
N ASP E 187 24.18 -1.00 5.64
CA ASP E 187 23.08 -1.17 6.56
C ASP E 187 22.04 -0.03 6.48
N THR E 188 22.15 0.88 5.52
CA THR E 188 21.17 1.96 5.46
C THR E 188 19.76 1.41 5.31
N PRO E 189 18.76 2.01 5.97
CA PRO E 189 17.39 1.60 5.68
C PRO E 189 16.85 2.03 4.32
N LEU E 190 17.51 2.96 3.62
CA LEU E 190 16.90 3.60 2.47
C LEU E 190 17.41 2.90 1.20
N VAL E 191 16.51 2.18 0.54
CA VAL E 191 16.83 1.41 -0.66
C VAL E 191 16.02 2.02 -1.79
N GLY E 192 16.69 2.79 -2.65
CA GLY E 192 16.06 3.38 -3.82
C GLY E 192 16.13 2.45 -5.03
N ILE E 193 15.04 2.40 -5.76
CA ILE E 193 14.95 1.67 -7.00
C ILE E 193 14.69 2.66 -8.10
N ASN E 194 15.61 2.77 -9.05
CA ASN E 194 15.45 3.68 -10.17
C ASN E 194 14.70 2.99 -11.29
N ASN E 195 13.50 3.48 -11.61
CA ASN E 195 12.68 2.91 -12.66
C ASN E 195 13.15 3.26 -14.07
N ARG E 196 14.08 4.19 -14.19
CA ARG E 196 14.63 4.55 -15.50
CA ARG E 196 14.64 4.57 -15.49
C ARG E 196 15.90 3.76 -15.74
N ASN E 197 15.88 2.97 -16.81
CA ASN E 197 17.04 2.24 -17.32
C ASN E 197 18.04 3.21 -17.92
N LEU E 198 19.29 3.17 -17.45
CA LEU E 198 20.27 4.12 -17.96
C LEU E 198 20.91 3.68 -19.29
N HIS E 199 20.73 2.43 -19.72
CA HIS E 199 21.13 2.03 -21.06
C HIS E 199 20.22 2.65 -22.12
N THR E 200 18.91 2.59 -21.91
CA THR E 200 17.93 2.95 -22.91
C THR E 200 17.14 4.20 -22.60
N PHE E 201 17.12 4.64 -21.34
CA PHE E 201 16.23 5.70 -20.86
C PHE E 201 14.75 5.31 -20.89
N GLU E 202 14.42 4.05 -21.12
CA GLU E 202 13.05 3.58 -20.90
C GLU E 202 12.72 3.59 -19.40
N VAL E 203 11.49 3.92 -19.09
CA VAL E 203 10.98 3.95 -17.73
C VAL E 203 10.00 2.80 -17.58
N SER E 204 10.15 2.04 -16.50
CA SER E 204 9.18 1.02 -16.17
C SER E 204 9.00 0.94 -14.68
N LEU E 205 7.79 1.24 -14.22
CA LEU E 205 7.50 1.15 -12.78
C LEU E 205 7.55 -0.28 -12.29
N GLU E 206 7.45 -1.24 -13.20
CA GLU E 206 7.59 -2.64 -12.84
C GLU E 206 9.01 -2.96 -12.35
N THR E 207 9.97 -2.07 -12.59
CA THR E 207 11.29 -2.23 -12.00
C THR E 207 11.20 -2.25 -10.47
N THR E 208 10.43 -1.33 -9.91
CA THR E 208 10.16 -1.34 -8.48
C THR E 208 9.32 -2.55 -8.08
N LEU E 209 8.17 -2.76 -8.74
CA LEU E 209 7.27 -3.82 -8.28
C LEU E 209 7.95 -5.18 -8.25
N ASP E 210 8.80 -5.47 -9.25
CA ASP E 210 9.46 -6.77 -9.34
C ASP E 210 10.55 -6.98 -8.32
N LEU E 211 11.02 -5.94 -7.65
CA LEU E 211 12.02 -6.10 -6.61
C LEU E 211 11.43 -6.13 -5.20
N LEU E 212 10.17 -5.75 -5.04
CA LEU E 212 9.56 -5.74 -3.71
C LEU E 212 9.61 -7.10 -3.03
N PRO E 213 9.46 -8.25 -3.74
CA PRO E 213 9.54 -9.56 -3.06
C PRO E 213 10.89 -9.88 -2.48
N GLU E 214 11.91 -9.04 -2.70
CA GLU E 214 13.24 -9.29 -2.17
C GLU E 214 13.72 -8.24 -1.21
N ILE E 215 12.91 -7.25 -0.90
CA ILE E 215 13.33 -6.15 -0.03
C ILE E 215 12.92 -6.50 1.41
N PRO E 216 13.86 -6.61 2.35
CA PRO E 216 13.50 -6.88 3.75
C PRO E 216 12.60 -5.82 4.33
N ARG E 217 11.72 -6.27 5.24
CA ARG E 217 10.81 -5.33 5.87
C ARG E 217 11.55 -4.32 6.74
N ASP E 218 12.79 -4.57 7.13
CA ASP E 218 13.48 -3.55 7.90
C ASP E 218 14.17 -2.51 7.01
N ARG E 219 13.93 -2.54 5.70
CA ARG E 219 14.35 -1.50 4.77
C ARG E 219 13.11 -0.79 4.27
N LEU E 220 13.33 0.43 3.81
CA LEU E 220 12.31 1.26 3.21
C LEU E 220 12.59 1.42 1.73
N VAL E 221 11.61 1.07 0.91
CA VAL E 221 11.69 1.24 -0.54
C VAL E 221 11.42 2.71 -0.87
N VAL E 222 12.32 3.30 -1.66
CA VAL E 222 12.10 4.58 -2.31
C VAL E 222 12.04 4.35 -3.81
N THR E 223 10.87 4.57 -4.42
CA THR E 223 10.75 4.44 -5.87
C THR E 223 11.12 5.76 -6.54
N GLU E 224 11.98 5.67 -7.55
CA GLU E 224 12.59 6.83 -8.22
C GLU E 224 12.33 6.79 -9.72
N SER E 225 11.84 7.92 -10.25
CA SER E 225 11.63 8.18 -11.67
C SER E 225 10.29 7.65 -12.18
N GLY E 226 9.72 8.32 -13.19
CA GLY E 226 8.55 7.78 -13.85
C GLY E 226 7.23 8.02 -13.16
N ILE E 227 7.20 8.75 -12.06
CA ILE E 227 5.96 9.06 -11.37
C ILE E 227 5.41 10.32 -12.04
N LEU E 228 4.37 10.17 -12.83
CA LEU E 228 3.86 11.30 -13.58
C LEU E 228 2.39 11.59 -13.35
N ASN E 229 1.61 10.62 -12.89
CA ASN E 229 0.18 10.85 -12.72
C ASN E 229 -0.39 10.03 -11.56
N ARG E 230 -1.66 10.33 -11.26
CA ARG E 230 -2.32 9.75 -10.10
C ARG E 230 -2.30 8.24 -10.15
N ALA E 231 -2.50 7.66 -11.34
CA ALA E 231 -2.49 6.20 -11.45
C ALA E 231 -1.15 5.61 -11.05
N ASP E 232 -0.04 6.31 -11.35
CA ASP E 232 1.28 5.83 -10.96
C ASP E 232 1.41 5.79 -9.44
N VAL E 233 0.92 6.85 -8.79
CA VAL E 233 0.99 6.93 -7.34
C VAL E 233 0.12 5.84 -6.70
N GLU E 234 -1.11 5.68 -7.21
CA GLU E 234 -2.02 4.66 -6.65
C GLU E 234 -1.42 3.27 -6.78
N LEU E 235 -0.82 2.95 -7.92
CA LEU E 235 -0.20 1.63 -8.10
C LEU E 235 0.83 1.38 -7.01
N MET E 236 1.71 2.36 -6.75
CA MET E 236 2.74 2.20 -5.72
C MET E 236 2.12 2.06 -4.33
N GLU E 237 1.14 2.90 -4.01
CA GLU E 237 0.55 2.86 -2.68
C GLU E 237 -0.18 1.54 -2.44
N VAL E 238 -0.93 1.04 -3.44
CA VAL E 238 -1.50 -0.31 -3.32
C VAL E 238 -0.42 -1.37 -3.11
N SER E 239 0.76 -1.17 -3.66
CA SER E 239 1.87 -2.09 -3.42
C SER E 239 2.66 -1.75 -2.16
N GLU E 240 2.12 -0.89 -1.29
CA GLU E 240 2.77 -0.54 -0.02
C GLU E 240 4.12 0.12 -0.24
N VAL E 241 4.23 0.90 -1.31
CA VAL E 241 5.34 1.81 -1.49
C VAL E 241 4.86 3.20 -1.15
N TYR E 242 5.55 3.88 -0.22
CA TYR E 242 5.14 5.18 0.29
C TYR E 242 6.17 6.28 0.10
N ALA E 243 7.40 5.94 -0.19
CA ALA E 243 8.46 6.90 -0.44
C ALA E 243 8.74 7.01 -1.93
N PHE E 244 8.82 8.25 -2.41
CA PHE E 244 8.89 8.55 -3.82
C PHE E 244 9.91 9.65 -4.06
N LEU E 245 10.63 9.54 -5.17
CA LEU E 245 11.54 10.58 -5.65
C LEU E 245 11.02 11.02 -7.01
N VAL E 246 10.67 12.31 -7.11
CA VAL E 246 9.90 12.85 -8.23
C VAL E 246 10.50 14.19 -8.62
N GLY E 247 10.91 14.31 -9.90
CA GLY E 247 11.36 15.56 -10.47
C GLY E 247 10.53 16.10 -11.63
N GLU E 248 10.56 15.38 -12.76
CA GLU E 248 9.94 15.87 -13.98
C GLU E 248 8.50 16.33 -13.77
N ALA E 249 7.66 15.49 -13.14
CA ALA E 249 6.25 15.87 -12.99
C ALA E 249 6.11 17.24 -12.36
N PHE E 250 6.99 17.58 -11.41
CA PHE E 250 6.85 18.88 -10.76
C PHE E 250 7.55 20.00 -11.54
N MET E 251 8.71 19.71 -12.12
CA MET E 251 9.48 20.72 -12.86
C MET E 251 8.74 21.20 -14.10
N ARG E 252 7.92 20.35 -14.72
CA ARG E 252 7.07 20.78 -15.83
C ARG E 252 5.83 21.55 -15.39
N ALA E 253 5.48 21.56 -14.11
CA ALA E 253 4.23 22.18 -13.68
C ALA E 253 4.47 23.65 -13.43
N ASP E 254 3.41 24.46 -13.59
CA ASP E 254 3.55 25.88 -13.30
C ASP E 254 3.90 26.10 -11.84
N ASP E 255 3.23 25.37 -10.94
CA ASP E 255 3.47 25.50 -9.51
C ASP E 255 3.90 24.12 -9.01
N PRO E 256 5.20 23.90 -8.79
CA PRO E 256 5.67 22.53 -8.53
C PRO E 256 5.10 21.94 -7.25
N GLY E 257 4.98 22.74 -6.19
CA GLY E 257 4.34 22.28 -4.95
C GLY E 257 2.87 21.99 -5.12
N LEU E 258 2.19 22.73 -6.01
CA LEU E 258 0.79 22.44 -6.23
C LEU E 258 0.61 21.13 -7.01
N GLU E 259 1.52 20.82 -7.94
CA GLU E 259 1.46 19.54 -8.62
C GLU E 259 1.72 18.39 -7.64
N LEU E 260 2.66 18.58 -6.71
CA LEU E 260 2.88 17.58 -5.64
C LEU E 260 1.60 17.35 -4.83
N LYS E 261 0.99 18.43 -4.34
CA LYS E 261 -0.32 18.34 -3.67
C LYS E 261 -1.35 17.58 -4.50
N ARG E 262 -1.47 17.92 -5.77
CA ARG E 262 -2.45 17.25 -6.63
C ARG E 262 -2.18 15.76 -6.78
N LEU E 263 -0.91 15.37 -6.94
CA LEU E 263 -0.61 13.97 -7.18
C LEU E 263 -0.69 13.11 -5.92
N PHE E 264 -0.41 13.67 -4.75
CA PHE E 264 -0.21 12.87 -3.54
C PHE E 264 -1.20 13.19 -2.42
N PHE E 265 -1.79 14.38 -2.37
CA PHE E 265 -2.65 14.79 -1.26
C PHE E 265 -3.97 15.36 -1.76
N GLN E 266 -4.52 14.82 -2.83
CA GLN E 266 -5.85 15.16 -3.40
C GLN E 266 -5.91 16.53 -4.10
N SER F 2 -5.20 12.15 -18.63
CA SER F 2 -4.38 13.29 -19.06
C SER F 2 -5.15 14.25 -19.95
N VAL F 3 -5.91 13.73 -20.91
CA VAL F 3 -6.82 14.63 -21.65
C VAL F 3 -7.92 15.08 -20.70
N PRO F 4 -8.19 16.38 -20.58
CA PRO F 4 -9.29 16.84 -19.73
C PRO F 4 -10.55 16.03 -19.96
N THR F 5 -11.17 15.62 -18.86
CA THR F 5 -12.38 14.82 -18.97
C THR F 5 -13.44 15.55 -19.79
N VAL F 6 -13.64 16.85 -19.53
CA VAL F 6 -14.67 17.54 -20.28
C VAL F 6 -14.40 17.43 -21.77
N LEU F 7 -13.13 17.51 -22.16
CA LEU F 7 -12.78 17.44 -23.58
C LEU F 7 -12.97 16.03 -24.14
N GLN F 8 -12.68 15.00 -23.33
CA GLN F 8 -12.99 13.63 -23.74
C GLN F 8 -14.46 13.49 -24.09
N LYS F 9 -15.33 13.96 -23.20
CA LYS F 9 -16.77 14.01 -23.47
C LYS F 9 -17.10 14.71 -24.78
N ILE F 10 -16.57 15.93 -24.94
CA ILE F 10 -16.91 16.73 -26.11
C ILE F 10 -16.44 16.04 -27.38
N LEU F 11 -15.18 15.58 -27.37
CA LEU F 11 -14.64 14.95 -28.58
C LEU F 11 -15.35 13.64 -28.92
N ALA F 12 -15.71 12.83 -27.91
CA ALA F 12 -16.50 11.62 -28.22
C ALA F 12 -17.82 11.99 -28.88
N ARG F 13 -18.48 13.05 -28.38
CA ARG F 13 -19.69 13.51 -29.05
C ARG F 13 -19.42 14.01 -30.47
N LYS F 14 -18.30 14.73 -30.68
CA LYS F 14 -17.95 15.19 -32.03
C LYS F 14 -17.81 14.03 -33.01
N ALA F 15 -17.21 12.93 -32.59
CA ALA F 15 -17.06 11.82 -33.54
C ALA F 15 -18.42 11.30 -34.01
N GLU F 16 -19.39 11.24 -33.10
CA GLU F 16 -20.76 10.88 -33.47
C GLU F 16 -21.35 11.90 -34.42
N GLU F 17 -21.26 13.19 -34.05
CA GLU F 17 -21.80 14.24 -34.92
C GLU F 17 -21.19 14.20 -36.30
N VAL F 18 -19.87 14.07 -36.40
CA VAL F 18 -19.25 13.98 -37.72
C VAL F 18 -19.81 12.81 -38.50
N ALA F 19 -19.92 11.64 -37.85
CA ALA F 19 -20.38 10.46 -38.58
C ALA F 19 -21.82 10.66 -39.03
N GLU F 20 -22.67 11.17 -38.13
CA GLU F 20 -24.06 11.48 -38.48
C GLU F 20 -24.14 12.47 -39.64
N ARG F 21 -23.45 13.61 -39.55
CA ARG F 21 -23.60 14.62 -40.59
C ARG F 21 -23.05 14.12 -41.91
N ARG F 22 -21.95 13.37 -41.88
CA ARG F 22 -21.33 12.93 -43.12
C ARG F 22 -22.23 11.94 -43.88
N ALA F 23 -23.05 11.18 -43.17
CA ALA F 23 -23.91 10.21 -43.84
C ALA F 23 -25.01 10.89 -44.62
N ARG F 24 -25.46 12.06 -44.17
CA ARG F 24 -26.51 12.78 -44.87
C ARG F 24 -25.95 13.73 -45.93
N VAL F 25 -24.82 14.38 -45.66
CA VAL F 25 -24.20 15.30 -46.59
C VAL F 25 -22.74 14.90 -46.71
N ASN F 26 -22.38 14.33 -47.85
CA ASN F 26 -21.07 13.73 -47.97
C ASN F 26 -20.01 14.79 -48.31
N LEU F 27 -18.75 14.36 -48.21
CA LEU F 27 -17.64 15.29 -48.39
C LEU F 27 -17.77 16.09 -49.67
N ALA F 28 -18.10 15.42 -50.78
CA ALA F 28 -18.19 16.10 -52.06
C ALA F 28 -19.23 17.21 -52.02
N GLU F 29 -20.39 16.95 -51.41
CA GLU F 29 -21.36 18.03 -51.32
C GLU F 29 -20.86 19.17 -50.45
N VAL F 30 -20.20 18.89 -49.31
CA VAL F 30 -19.72 20.00 -48.50
CA VAL F 30 -19.69 19.98 -48.48
C VAL F 30 -18.62 20.75 -49.23
N GLU F 31 -17.84 20.07 -50.10
CA GLU F 31 -16.83 20.75 -50.91
C GLU F 31 -17.47 21.69 -51.94
N ARG F 32 -18.54 21.22 -52.60
CA ARG F 32 -19.26 22.08 -53.52
C ARG F 32 -19.79 23.32 -52.79
N LEU F 33 -20.46 23.13 -51.65
CA LEU F 33 -20.92 24.27 -50.87
C LEU F 33 -19.77 25.20 -50.53
N ALA F 34 -18.64 24.64 -50.09
CA ALA F 34 -17.51 25.50 -49.74
C ALA F 34 -17.08 26.37 -50.91
N ARG F 35 -16.96 25.77 -52.11
CA ARG F 35 -16.44 26.50 -53.27
C ARG F 35 -17.36 27.63 -53.69
N SER F 36 -18.65 27.52 -53.38
CA SER F 36 -19.62 28.54 -53.71
C SER F 36 -19.85 29.50 -52.56
N ALA F 37 -19.19 29.33 -51.43
CA ALA F 37 -19.36 30.25 -50.33
C ALA F 37 -18.70 31.58 -50.65
N ASP F 38 -19.20 32.62 -49.99
CA ASP F 38 -18.59 33.95 -49.95
C ASP F 38 -17.08 33.86 -49.71
N ALA F 39 -16.32 34.85 -50.15
CA ALA F 39 -14.87 34.79 -50.02
C ALA F 39 -14.43 35.03 -48.57
N PRO F 40 -13.42 34.32 -48.09
CA PRO F 40 -12.96 34.55 -46.72
C PRO F 40 -12.60 36.02 -46.51
N ARG F 41 -12.87 36.50 -45.31
CA ARG F 41 -12.73 37.92 -44.99
C ARG F 41 -11.35 38.28 -44.47
N GLY F 42 -10.50 37.31 -44.15
CA GLY F 42 -9.16 37.64 -43.69
C GLY F 42 -9.01 37.78 -42.20
N PHE F 43 -9.20 36.67 -41.47
CA PHE F 43 -9.23 36.69 -40.02
C PHE F 43 -7.86 37.07 -39.43
N ALA F 44 -6.79 36.40 -39.86
CA ALA F 44 -5.47 36.66 -39.30
C ALA F 44 -5.04 38.11 -39.55
N ASN F 45 -5.20 38.56 -40.79
CA ASN F 45 -4.81 39.93 -41.14
C ASN F 45 -5.58 40.99 -40.35
N ALA F 46 -6.87 40.79 -40.08
CA ALA F 46 -7.58 41.77 -39.28
C ALA F 46 -6.95 41.91 -37.91
N LEU F 47 -6.44 40.80 -37.35
CA LEU F 47 -5.76 40.84 -36.06
C LEU F 47 -4.36 41.42 -36.16
N LEU F 48 -3.58 40.95 -37.14
CA LEU F 48 -2.21 41.43 -37.30
C LEU F 48 -2.18 42.93 -37.55
N GLU F 49 -3.10 43.41 -38.39
CA GLU F 49 -3.12 44.83 -38.74
CA GLU F 49 -3.19 44.82 -38.75
C GLU F 49 -3.27 45.70 -37.51
N ARG F 50 -4.06 45.28 -36.53
CA ARG F 50 -4.20 46.08 -35.32
C ARG F 50 -3.07 45.83 -34.34
N ALA F 51 -2.68 44.56 -34.18
CA ALA F 51 -1.78 44.22 -33.09
C ALA F 51 -0.39 44.77 -33.33
N LYS F 52 0.00 44.94 -34.59
CA LYS F 52 1.32 45.51 -34.87
C LYS F 52 1.34 47.01 -34.61
N ARG F 53 0.19 47.68 -34.68
CA ARG F 53 0.06 49.07 -34.27
C ARG F 53 -0.23 49.20 -32.79
N LYS F 54 -0.04 48.14 -32.02
CA LYS F 54 -0.32 48.14 -30.58
C LYS F 54 -1.76 48.57 -30.30
N GLU F 55 -2.66 48.33 -31.26
CA GLU F 55 -4.08 48.58 -31.07
C GLU F 55 -4.80 47.27 -30.73
N PRO F 56 -5.70 47.25 -29.76
CA PRO F 56 -6.40 46.00 -29.43
C PRO F 56 -6.98 45.31 -30.66
N ALA F 57 -6.73 44.01 -30.76
CA ALA F 57 -7.31 43.14 -31.78
C ALA F 57 -8.20 42.14 -31.03
N VAL F 58 -9.48 42.43 -30.92
CA VAL F 58 -10.38 41.69 -30.04
C VAL F 58 -11.21 40.74 -30.89
N ILE F 59 -11.10 39.42 -30.62
CA ILE F 59 -12.04 38.44 -31.14
C ILE F 59 -13.17 38.33 -30.14
N ALA F 60 -14.34 38.82 -30.52
CA ALA F 60 -15.48 38.91 -29.62
C ALA F 60 -16.37 37.69 -29.78
N GLU F 61 -16.59 36.96 -28.71
CA GLU F 61 -17.18 35.63 -28.82
C GLU F 61 -18.67 35.64 -28.53
N ILE F 62 -19.43 35.04 -29.44
CA ILE F 62 -20.88 34.87 -29.35
C ILE F 62 -21.14 33.47 -28.78
N LYS F 63 -21.46 33.41 -27.49
CA LYS F 63 -21.46 32.17 -26.71
C LYS F 63 -22.65 32.17 -25.77
N LYS F 64 -23.60 31.27 -26.03
CA LYS F 64 -24.82 31.21 -25.23
C LYS F 64 -24.57 30.59 -23.84
N ALA F 65 -23.82 29.48 -23.79
CA ALA F 65 -23.58 28.75 -22.55
C ALA F 65 -22.21 28.08 -22.62
N SER F 66 -21.73 27.57 -21.48
CA SER F 66 -20.46 26.86 -21.48
C SER F 66 -20.47 25.81 -20.37
N PRO F 67 -19.61 24.78 -20.47
CA PRO F 67 -19.57 23.79 -19.38
C PRO F 67 -19.09 24.36 -18.05
N SER F 68 -18.27 25.41 -18.05
CA SER F 68 -17.74 25.91 -16.80
C SER F 68 -18.67 26.93 -16.14
N LYS F 69 -19.69 27.41 -16.84
CA LYS F 69 -20.48 28.54 -16.36
C LYS F 69 -21.99 28.36 -16.52
N GLY F 70 -22.46 27.24 -17.03
CA GLY F 70 -23.84 27.14 -17.45
C GLY F 70 -24.21 28.24 -18.44
N VAL F 71 -25.52 28.51 -18.53
CA VAL F 71 -26.00 29.51 -19.49
C VAL F 71 -25.47 30.88 -19.10
N LEU F 72 -25.11 31.67 -20.12
CA LEU F 72 -24.50 32.97 -19.91
C LEU F 72 -25.38 34.12 -20.36
N ARG F 73 -26.33 33.87 -21.24
CA ARG F 73 -27.15 34.94 -21.79
C ARG F 73 -28.47 34.32 -22.20
N GLU F 74 -29.57 34.76 -21.58
CA GLU F 74 -30.88 34.21 -21.88
C GLU F 74 -31.43 34.77 -23.19
N HIS F 75 -31.36 36.08 -23.40
CA HIS F 75 -31.86 36.65 -24.65
C HIS F 75 -30.71 36.63 -25.65
N PHE F 76 -30.70 35.60 -26.50
CA PHE F 76 -29.55 35.27 -27.33
C PHE F 76 -29.90 35.45 -28.80
N VAL F 77 -29.47 36.58 -29.36
CA VAL F 77 -29.77 36.96 -30.75
C VAL F 77 -28.47 37.22 -31.52
N PRO F 78 -27.90 36.19 -32.17
CA PRO F 78 -26.55 36.36 -32.78
C PRO F 78 -26.39 37.55 -33.69
N ALA F 79 -27.35 37.81 -34.58
CA ALA F 79 -27.24 38.94 -35.48
C ALA F 79 -27.14 40.26 -34.71
N GLU F 80 -27.91 40.38 -33.63
CA GLU F 80 -27.84 41.60 -32.83
C GLU F 80 -26.49 41.70 -32.15
N ILE F 81 -26.02 40.60 -31.58
CA ILE F 81 -24.76 40.63 -30.83
C ILE F 81 -23.62 41.00 -31.75
N ALA F 82 -23.64 40.51 -32.99
CA ALA F 82 -22.56 40.80 -33.91
C ALA F 82 -22.48 42.30 -34.20
N ARG F 83 -23.62 42.94 -34.45
CA ARG F 83 -23.60 44.39 -34.70
C ARG F 83 -23.10 45.14 -33.50
N SER F 84 -23.52 44.74 -32.30
CA SER F 84 -23.00 45.36 -31.10
C SER F 84 -21.47 45.25 -31.06
N TYR F 85 -20.95 44.06 -31.38
CA TYR F 85 -19.51 43.85 -31.36
C TYR F 85 -18.81 44.68 -32.43
N GLU F 86 -19.34 44.70 -33.64
CA GLU F 86 -18.67 45.49 -34.66
C GLU F 86 -18.61 46.96 -34.26
N ALA F 87 -19.70 47.48 -33.69
CA ALA F 87 -19.73 48.90 -33.32
C ALA F 87 -18.82 49.16 -32.14
N GLY F 88 -18.75 48.20 -31.23
CA GLY F 88 -17.89 48.34 -30.08
C GLY F 88 -16.41 48.26 -30.35
N GLY F 89 -16.00 48.09 -31.62
CA GLY F 89 -14.61 47.97 -31.99
C GLY F 89 -14.02 46.57 -32.10
N ALA F 90 -14.80 45.57 -32.47
CA ALA F 90 -14.27 44.20 -32.56
C ALA F 90 -13.54 44.04 -33.88
N ALA F 91 -12.40 43.35 -33.83
CA ALA F 91 -11.69 43.06 -35.05
C ALA F 91 -12.23 41.79 -35.71
N CYS F 92 -12.68 40.82 -34.90
CA CYS F 92 -13.18 39.56 -35.41
C CYS F 92 -14.25 39.01 -34.46
N LEU F 93 -15.08 38.11 -34.98
CA LEU F 93 -16.00 37.33 -34.17
C LEU F 93 -15.56 35.87 -34.02
N SER F 94 -15.91 35.29 -32.87
CA SER F 94 -15.92 33.85 -32.67
C SER F 94 -17.35 33.45 -32.38
N VAL F 95 -17.86 32.46 -33.11
CA VAL F 95 -19.22 31.97 -32.90
C VAL F 95 -19.17 30.49 -32.56
N LEU F 96 -19.69 30.14 -31.40
CA LEU F 96 -19.76 28.74 -31.03
C LEU F 96 -20.76 28.06 -31.93
N THR F 97 -20.36 26.92 -32.52
CA THR F 97 -21.29 26.11 -33.29
C THR F 97 -21.50 24.74 -32.69
N ASP F 98 -20.92 24.46 -31.52
CA ASP F 98 -21.26 23.26 -30.78
C ASP F 98 -22.60 23.39 -30.06
N VAL F 99 -23.47 22.40 -30.25
CA VAL F 99 -24.81 22.43 -29.70
C VAL F 99 -24.87 21.92 -28.26
N ASP F 100 -24.50 20.67 -28.03
CA ASP F 100 -24.77 20.05 -26.73
C ASP F 100 -24.07 20.75 -25.57
N PHE F 101 -22.92 21.38 -25.81
CA PHE F 101 -22.14 21.87 -24.68
C PHE F 101 -22.09 23.38 -24.59
N PHE F 102 -22.34 24.10 -25.69
CA PHE F 102 -22.29 25.55 -25.67
C PHE F 102 -23.58 26.17 -26.18
N GLN F 103 -24.57 25.36 -26.54
CA GLN F 103 -25.88 25.84 -27.03
C GLN F 103 -25.72 26.77 -28.19
N GLY F 104 -24.69 26.52 -29.01
CA GLY F 104 -24.48 27.25 -30.23
C GLY F 104 -25.09 26.53 -31.42
N ALA F 105 -24.79 27.04 -32.61
CA ALA F 105 -25.36 26.44 -33.81
C ALA F 105 -24.67 26.99 -35.03
N ASP F 106 -24.60 26.16 -36.09
CA ASP F 106 -24.08 26.66 -37.36
C ASP F 106 -24.86 27.87 -37.85
N ALA F 107 -26.18 27.90 -37.59
CA ALA F 107 -27.03 29.00 -38.04
C ALA F 107 -26.65 30.31 -37.34
N TYR F 108 -26.27 30.23 -36.08
CA TYR F 108 -25.80 31.45 -35.39
C TYR F 108 -24.56 32.05 -36.06
N LEU F 109 -23.69 31.19 -36.60
CA LEU F 109 -22.51 31.70 -37.29
C LEU F 109 -22.90 32.40 -38.57
N LYS F 110 -23.77 31.76 -39.36
CA LYS F 110 -24.25 32.36 -40.60
C LYS F 110 -24.96 33.68 -40.34
N GLU F 111 -25.76 33.74 -39.27
CA GLU F 111 -26.48 34.96 -38.88
C GLU F 111 -25.51 36.05 -38.44
N ALA F 112 -24.56 35.71 -37.55
CA ALA F 112 -23.61 36.71 -37.08
C ALA F 112 -22.82 37.28 -38.23
N ARG F 113 -22.38 36.44 -39.15
CA ARG F 113 -21.45 36.92 -40.18
C ARG F 113 -22.17 37.78 -41.18
N ALA F 114 -23.42 37.45 -41.50
CA ALA F 114 -24.20 38.24 -42.44
C ALA F 114 -24.57 39.60 -41.87
N ALA F 115 -24.56 39.72 -40.54
CA ALA F 115 -24.99 40.93 -39.84
C ALA F 115 -23.85 41.94 -39.63
N CYS F 116 -22.63 41.63 -40.09
CA CYS F 116 -21.51 42.57 -39.99
C CYS F 116 -20.55 42.29 -41.13
N ALA F 117 -19.39 42.96 -41.11
CA ALA F 117 -18.33 42.74 -42.07
C ALA F 117 -17.06 42.12 -41.50
N LEU F 118 -17.04 41.72 -40.20
CA LEU F 118 -15.85 41.20 -39.53
C LEU F 118 -15.58 39.75 -39.92
N PRO F 119 -14.31 39.34 -40.04
CA PRO F 119 -14.02 37.90 -40.21
C PRO F 119 -14.48 37.12 -39.00
N VAL F 120 -14.84 35.84 -39.21
CA VAL F 120 -15.44 35.02 -38.16
C VAL F 120 -14.71 33.67 -38.04
N ILE F 121 -14.44 33.24 -36.81
CA ILE F 121 -13.88 31.92 -36.57
C ILE F 121 -14.99 31.01 -36.10
N ARG F 122 -15.11 29.86 -36.74
CA ARG F 122 -15.98 28.82 -36.23
C ARG F 122 -15.39 28.26 -34.96
N LYS F 123 -16.05 28.50 -33.83
CA LYS F 123 -15.57 28.00 -32.53
C LYS F 123 -16.24 26.67 -32.27
N ASP F 124 -15.48 25.61 -32.46
CA ASP F 124 -15.98 24.25 -32.36
C ASP F 124 -14.75 23.36 -32.26
N PHE F 125 -14.96 22.07 -32.26
CA PHE F 125 -13.95 21.10 -31.85
C PHE F 125 -13.63 20.26 -33.07
N MET F 126 -12.56 20.66 -33.76
CA MET F 126 -12.18 20.12 -35.07
C MET F 126 -11.36 18.84 -34.89
N ILE F 127 -11.87 17.72 -35.40
CA ILE F 127 -11.13 16.46 -35.35
C ILE F 127 -11.06 15.77 -36.68
N ASP F 128 -11.68 16.31 -37.73
CA ASP F 128 -11.76 15.56 -38.98
C ASP F 128 -11.78 16.55 -40.12
N PRO F 129 -11.10 16.24 -41.22
CA PRO F 129 -11.08 17.15 -42.37
C PRO F 129 -12.46 17.56 -42.81
N TYR F 130 -13.45 16.67 -42.66
CA TYR F 130 -14.82 17.00 -43.05
C TYR F 130 -15.28 18.29 -42.39
N GLN F 131 -15.02 18.43 -41.10
CA GLN F 131 -15.49 19.61 -40.37
C GLN F 131 -14.78 20.86 -40.86
N ILE F 132 -13.56 20.71 -41.35
CA ILE F 132 -12.81 21.86 -41.85
C ILE F 132 -13.46 22.39 -43.12
N VAL F 133 -13.77 21.49 -44.05
CA VAL F 133 -14.45 21.90 -45.27
C VAL F 133 -15.85 22.44 -44.95
N GLU F 134 -16.54 21.78 -44.02
CA GLU F 134 -17.86 22.26 -43.60
C GLU F 134 -17.79 23.67 -43.02
N ALA F 135 -16.74 23.97 -42.25
CA ALA F 135 -16.56 25.33 -41.77
C ALA F 135 -16.55 26.33 -42.93
N ARG F 136 -15.86 26.00 -44.02
CA ARG F 136 -15.83 26.95 -45.12
C ARG F 136 -17.21 27.07 -45.77
N ALA F 137 -17.94 25.95 -45.83
CA ALA F 137 -19.26 25.94 -46.45
C ALA F 137 -20.24 26.82 -45.69
N ILE F 138 -20.11 26.92 -44.37
CA ILE F 138 -21.02 27.76 -43.62
C ILE F 138 -20.54 29.21 -43.57
N GLY F 139 -19.44 29.54 -44.25
CA GLY F 139 -18.95 30.90 -44.34
C GLY F 139 -17.84 31.28 -43.38
N ALA F 140 -17.43 30.40 -42.48
CA ALA F 140 -16.35 30.72 -41.57
C ALA F 140 -15.13 31.22 -42.31
N ASP F 141 -14.37 32.09 -41.65
CA ASP F 141 -13.13 32.61 -42.20
C ASP F 141 -11.90 32.02 -41.56
N CYS F 142 -12.06 31.30 -40.46
CA CYS F 142 -10.95 30.75 -39.71
C CYS F 142 -11.46 29.55 -38.93
N ILE F 143 -10.57 28.58 -38.64
CA ILE F 143 -10.92 27.44 -37.79
C ILE F 143 -9.95 27.33 -36.62
N LEU F 144 -10.33 26.50 -35.66
CA LEU F 144 -9.57 26.33 -34.44
C LEU F 144 -8.99 24.93 -34.40
N LEU F 145 -7.72 24.82 -34.04
CA LEU F 145 -7.09 23.54 -33.75
C LEU F 145 -6.64 23.56 -32.30
N ILE F 146 -7.05 22.56 -31.53
CA ILE F 146 -6.75 22.52 -30.11
C ILE F 146 -5.70 21.44 -29.88
N VAL F 147 -4.51 21.83 -29.43
CA VAL F 147 -3.42 20.86 -29.34
C VAL F 147 -3.75 19.75 -28.36
N SER F 148 -4.43 20.09 -27.26
CA SER F 148 -4.79 19.03 -26.32
C SER F 148 -5.69 17.96 -26.95
N ALA F 149 -6.37 18.26 -28.07
CA ALA F 149 -7.31 17.33 -28.68
C ALA F 149 -6.72 16.50 -29.82
N LEU F 150 -5.50 16.81 -30.26
CA LEU F 150 -4.99 16.30 -31.52
C LEU F 150 -3.56 15.80 -31.38
N ASP F 151 -3.21 14.71 -32.06
CA ASP F 151 -1.80 14.42 -32.26
C ASP F 151 -1.28 15.23 -33.45
N ASP F 152 0.05 15.24 -33.60
CA ASP F 152 0.68 16.13 -34.58
C ASP F 152 0.26 15.78 -36.00
N VAL F 153 0.18 14.50 -36.33
CA VAL F 153 -0.19 14.11 -37.69
C VAL F 153 -1.58 14.64 -38.03
N LEU F 154 -2.56 14.37 -37.18
CA LEU F 154 -3.91 14.83 -37.45
C LEU F 154 -3.96 16.35 -37.47
N MET F 155 -3.22 16.99 -36.56
CA MET F 155 -3.21 18.46 -36.53
C MET F 155 -2.68 19.01 -37.84
N ALA F 156 -1.59 18.43 -38.36
CA ALA F 156 -1.05 18.87 -39.65
C ALA F 156 -2.05 18.66 -40.79
N GLU F 157 -2.76 17.55 -40.78
CA GLU F 157 -3.73 17.26 -41.83
C GLU F 157 -4.91 18.23 -41.80
N LEU F 158 -5.40 18.56 -40.60
CA LEU F 158 -6.47 19.54 -40.48
C LEU F 158 -6.02 20.91 -40.94
N ALA F 159 -4.81 21.33 -40.58
CA ALA F 159 -4.30 22.61 -41.07
C ALA F 159 -4.11 22.61 -42.59
N ALA F 160 -3.64 21.49 -43.15
CA ALA F 160 -3.52 21.39 -44.61
C ALA F 160 -4.88 21.44 -45.30
N THR F 161 -5.88 20.81 -44.70
CA THR F 161 -7.25 20.94 -45.20
C THR F 161 -7.71 22.39 -45.16
N ALA F 162 -7.48 23.08 -44.04
CA ALA F 162 -7.88 24.48 -43.96
C ALA F 162 -7.25 25.30 -45.08
N LYS F 163 -5.94 25.12 -45.28
CA LYS F 163 -5.24 25.87 -46.31
C LYS F 163 -5.81 25.60 -47.70
N SER F 164 -6.21 24.35 -47.96
CA SER F 164 -6.79 24.03 -49.26
CA SER F 164 -6.80 24.01 -49.25
C SER F 164 -8.06 24.83 -49.54
N VAL F 165 -8.88 25.07 -48.52
CA VAL F 165 -10.15 25.76 -48.75
C VAL F 165 -10.12 27.20 -48.28
N GLY F 166 -8.93 27.77 -48.03
CA GLY F 166 -8.81 29.19 -47.81
C GLY F 166 -9.14 29.68 -46.42
N LEU F 167 -9.17 28.79 -45.44
CA LEU F 167 -9.41 29.16 -44.05
C LEU F 167 -8.09 29.50 -43.35
N ASP F 168 -8.13 30.55 -42.55
CA ASP F 168 -7.10 30.80 -41.55
C ASP F 168 -7.20 29.78 -40.40
N VAL F 169 -6.15 29.74 -39.59
CA VAL F 169 -6.00 28.77 -38.52
C VAL F 169 -5.63 29.51 -37.24
N LEU F 170 -6.38 29.26 -36.19
CA LEU F 170 -5.96 29.62 -34.85
C LEU F 170 -5.63 28.33 -34.10
N VAL F 171 -4.39 28.16 -33.68
CA VAL F 171 -4.00 26.98 -32.90
C VAL F 171 -3.97 27.38 -31.43
N GLU F 172 -4.49 26.50 -30.59
CA GLU F 172 -4.64 26.80 -29.17
C GLU F 172 -3.75 25.89 -28.34
N VAL F 173 -2.94 26.48 -27.48
CA VAL F 173 -2.05 25.74 -26.60
C VAL F 173 -2.30 26.18 -25.15
N HIS F 174 -1.87 25.34 -24.21
CA HIS F 174 -1.99 25.65 -22.79
C HIS F 174 -0.66 25.57 -22.02
N ASP F 175 0.39 24.99 -22.58
CA ASP F 175 1.69 24.93 -21.91
C ASP F 175 2.80 24.94 -22.96
N GLY F 176 4.04 24.83 -22.46
CA GLY F 176 5.22 24.95 -23.32
C GLY F 176 5.41 23.76 -24.22
N THR F 177 4.91 22.60 -23.80
CA THR F 177 5.04 21.42 -24.62
C THR F 177 4.07 21.49 -25.79
N GLU F 178 2.83 21.86 -25.52
CA GLU F 178 1.89 22.05 -26.60
C GLU F 178 2.39 23.12 -27.55
N LEU F 179 2.98 24.20 -27.00
CA LEU F 179 3.44 25.31 -27.85
C LEU F 179 4.50 24.83 -28.84
N GLU F 180 5.46 24.04 -28.37
CA GLU F 180 6.53 23.54 -29.21
C GLU F 180 5.99 22.64 -30.32
N ARG F 181 5.04 21.74 -29.99
CA ARG F 181 4.43 20.91 -31.02
C ARG F 181 3.72 21.76 -32.05
N ALA F 182 3.00 22.81 -31.60
CA ALA F 182 2.32 23.66 -32.55
C ALA F 182 3.32 24.38 -33.44
N LEU F 183 4.43 24.89 -32.86
CA LEU F 183 5.38 25.70 -33.63
C LEU F 183 6.07 24.88 -34.70
N LYS F 184 6.33 23.63 -34.42
CA LYS F 184 7.04 22.80 -35.37
C LYS F 184 6.10 22.14 -36.38
N THR F 185 4.81 22.09 -36.08
CA THR F 185 3.86 21.41 -36.95
C THR F 185 3.15 22.37 -37.88
N LEU F 186 2.95 23.62 -37.47
CA LEU F 186 2.05 24.55 -38.15
C LEU F 186 2.77 25.85 -38.43
N ASP F 187 2.42 26.48 -39.55
CA ASP F 187 3.03 27.76 -39.89
C ASP F 187 2.11 28.93 -39.60
N THR F 188 0.93 28.70 -39.02
CA THR F 188 0.00 29.79 -38.81
C THR F 188 0.61 30.84 -37.89
N PRO F 189 0.41 32.15 -38.16
CA PRO F 189 0.87 33.17 -37.22
C PRO F 189 0.04 33.27 -35.96
N LEU F 190 -1.15 32.67 -35.93
CA LEU F 190 -2.08 32.88 -34.83
C LEU F 190 -1.89 31.78 -33.78
N VAL F 191 -1.23 32.13 -32.68
CA VAL F 191 -0.99 31.20 -31.58
C VAL F 191 -1.83 31.65 -30.39
N GLY F 192 -2.88 30.90 -30.10
CA GLY F 192 -3.72 31.17 -28.97
C GLY F 192 -3.24 30.43 -27.74
N ILE F 193 -3.30 31.11 -26.59
CA ILE F 193 -3.02 30.50 -25.31
C ILE F 193 -4.28 30.57 -24.49
N ASN F 194 -4.78 29.41 -24.07
CA ASN F 194 -6.00 29.35 -23.27
C ASN F 194 -5.62 29.45 -21.79
N ASN F 195 -6.05 30.53 -21.14
CA ASN F 195 -5.79 30.70 -19.73
C ASN F 195 -6.66 29.82 -18.84
N ARG F 196 -7.71 29.22 -19.38
CA ARG F 196 -8.55 28.32 -18.61
C ARG F 196 -8.03 26.90 -18.67
N ASN F 197 -7.63 26.38 -17.54
CA ASN F 197 -7.27 24.97 -17.42
C ASN F 197 -8.53 24.10 -17.49
N LEU F 198 -8.58 23.17 -18.44
CA LEU F 198 -9.79 22.40 -18.65
C LEU F 198 -9.83 21.14 -17.82
N HIS F 199 -8.77 20.87 -17.06
CA HIS F 199 -8.82 19.88 -16.00
C HIS F 199 -9.62 20.42 -14.81
N THR F 200 -9.36 21.66 -14.41
CA THR F 200 -9.90 22.24 -13.19
C THR F 200 -10.86 23.40 -13.42
N PHE F 201 -10.91 23.96 -14.62
CA PHE F 201 -11.62 25.20 -14.94
C PHE F 201 -11.06 26.40 -14.19
N GLU F 202 -9.94 26.25 -13.49
CA GLU F 202 -9.23 27.42 -12.97
C GLU F 202 -8.66 28.26 -14.10
N VAL F 203 -8.63 29.57 -13.88
CA VAL F 203 -8.15 30.53 -14.87
C VAL F 203 -6.98 31.32 -14.29
N SER F 204 -5.88 31.38 -15.03
CA SER F 204 -4.72 32.20 -14.69
C SER F 204 -4.23 32.94 -15.92
N LEU F 205 -4.28 34.27 -15.88
CA LEU F 205 -3.63 35.05 -16.94
C LEU F 205 -2.13 34.79 -17.02
N GLU F 206 -1.52 34.20 -15.99
CA GLU F 206 -0.09 33.91 -16.06
C GLU F 206 0.23 32.74 -16.98
N THR F 207 -0.76 31.95 -17.37
CA THR F 207 -0.54 30.95 -18.40
C THR F 207 0.00 31.61 -19.67
N THR F 208 -0.65 32.68 -20.12
CA THR F 208 -0.13 33.47 -21.24
C THR F 208 1.23 34.08 -20.90
N LEU F 209 1.27 34.90 -19.85
CA LEU F 209 2.45 35.72 -19.57
C LEU F 209 3.71 34.89 -19.42
N ASP F 210 3.60 33.72 -18.81
CA ASP F 210 4.76 32.86 -18.62
C ASP F 210 5.25 32.22 -19.92
N LEU F 211 4.44 32.24 -20.99
CA LEU F 211 4.83 31.62 -22.26
C LEU F 211 5.40 32.61 -23.27
N LEU F 212 5.19 33.90 -23.04
CA LEU F 212 5.57 34.92 -24.01
C LEU F 212 7.03 34.80 -24.48
N PRO F 213 8.02 34.62 -23.60
CA PRO F 213 9.40 34.48 -24.11
C PRO F 213 9.62 33.28 -25.01
N GLU F 214 8.72 32.30 -24.98
CA GLU F 214 8.87 31.06 -25.73
C GLU F 214 8.27 31.16 -27.12
N ILE F 215 7.65 32.27 -27.43
CA ILE F 215 6.87 32.41 -28.64
C ILE F 215 7.71 33.20 -29.64
N PRO F 216 7.83 32.72 -30.87
CA PRO F 216 8.62 33.47 -31.86
C PRO F 216 8.06 34.86 -32.08
N ARG F 217 8.94 35.77 -32.52
CA ARG F 217 8.57 37.15 -32.79
C ARG F 217 7.63 37.26 -33.96
N ASP F 218 7.74 36.37 -34.93
CA ASP F 218 6.92 36.45 -36.12
C ASP F 218 5.58 35.74 -35.96
N ARG F 219 5.22 35.35 -34.75
CA ARG F 219 3.90 34.80 -34.44
C ARG F 219 3.14 35.80 -33.56
N LEU F 220 1.81 35.79 -33.67
CA LEU F 220 0.94 36.67 -32.89
C LEU F 220 0.32 35.90 -31.73
N VAL F 221 0.52 36.40 -30.52
CA VAL F 221 -0.10 35.85 -29.33
C VAL F 221 -1.56 36.28 -29.26
N VAL F 222 -2.46 35.30 -29.12
CA VAL F 222 -3.88 35.53 -28.90
C VAL F 222 -4.20 34.95 -27.52
N THR F 223 -4.44 35.82 -26.55
CA THR F 223 -4.77 35.34 -25.22
C THR F 223 -6.26 35.09 -25.16
N GLU F 224 -6.62 33.93 -24.61
CA GLU F 224 -7.98 33.41 -24.59
C GLU F 224 -8.40 33.14 -23.16
N SER F 225 -9.61 33.59 -22.81
CA SER F 225 -10.24 33.31 -21.52
C SER F 225 -9.69 34.16 -20.38
N GLY F 226 -10.58 34.58 -19.47
CA GLY F 226 -10.17 35.20 -18.22
C GLY F 226 -10.07 36.71 -18.22
N ILE F 227 -10.36 37.36 -19.33
CA ILE F 227 -10.32 38.82 -19.44
C ILE F 227 -11.65 39.36 -18.93
N LEU F 228 -11.64 39.95 -17.73
CA LEU F 228 -12.87 40.36 -17.06
C LEU F 228 -12.94 41.84 -16.75
N ASN F 229 -11.81 42.53 -16.63
CA ASN F 229 -11.80 43.95 -16.31
C ASN F 229 -10.61 44.60 -16.99
N ARG F 230 -10.64 45.92 -17.09
CA ARG F 230 -9.53 46.60 -17.76
C ARG F 230 -8.22 46.44 -16.99
N ALA F 231 -8.25 45.97 -15.76
CA ALA F 231 -6.99 45.61 -15.11
C ALA F 231 -6.34 44.45 -15.86
N ASP F 232 -7.12 43.40 -16.12
CA ASP F 232 -6.65 42.28 -16.94
C ASP F 232 -6.16 42.77 -18.31
N VAL F 233 -6.90 43.65 -18.96
CA VAL F 233 -6.48 44.15 -20.26
C VAL F 233 -5.11 44.81 -20.15
N GLU F 234 -5.01 45.83 -19.29
CA GLU F 234 -3.76 46.57 -19.15
C GLU F 234 -2.60 45.64 -18.80
N LEU F 235 -2.87 44.62 -18.01
CA LEU F 235 -1.80 43.71 -17.65
C LEU F 235 -1.25 43.02 -18.89
N MET F 236 -2.12 42.72 -19.85
CA MET F 236 -1.69 42.05 -21.07
C MET F 236 -0.98 43.02 -21.98
N GLU F 237 -1.58 44.18 -22.21
CA GLU F 237 -0.97 45.15 -23.11
C GLU F 237 0.36 45.66 -22.58
N VAL F 238 0.60 45.57 -21.27
CA VAL F 238 1.90 45.94 -20.72
C VAL F 238 2.96 44.92 -21.07
N SER F 239 2.58 43.70 -21.43
CA SER F 239 3.53 42.69 -21.86
C SER F 239 3.44 42.43 -23.36
N GLU F 240 2.99 43.44 -24.12
CA GLU F 240 2.95 43.41 -25.58
C GLU F 240 1.94 42.42 -26.17
N VAL F 241 0.90 42.04 -25.43
CA VAL F 241 -0.17 41.19 -25.95
C VAL F 241 -1.34 42.10 -26.32
N TYR F 242 -1.72 42.07 -27.59
CA TYR F 242 -2.77 42.96 -28.09
C TYR F 242 -3.91 42.24 -28.79
N ALA F 243 -3.90 40.92 -28.80
CA ALA F 243 -4.94 40.13 -29.43
C ALA F 243 -5.60 39.28 -28.37
N PHE F 244 -6.91 39.40 -28.25
CA PHE F 244 -7.69 38.76 -27.21
C PHE F 244 -8.90 38.04 -27.81
N LEU F 245 -9.28 36.96 -27.13
CA LEU F 245 -10.54 36.24 -27.38
C LEU F 245 -11.36 36.32 -26.10
N VAL F 246 -12.51 37.00 -26.16
CA VAL F 246 -13.31 37.31 -24.97
C VAL F 246 -14.78 36.96 -25.24
N GLY F 247 -15.38 36.21 -24.31
CA GLY F 247 -16.81 35.91 -24.38
C GLY F 247 -17.63 36.32 -23.16
N GLU F 248 -17.26 35.79 -21.98
CA GLU F 248 -18.09 35.92 -20.78
C GLU F 248 -18.30 37.39 -20.40
N ALA F 249 -17.22 38.18 -20.35
CA ALA F 249 -17.36 39.56 -19.94
C ALA F 249 -18.43 40.29 -20.74
N PHE F 250 -18.64 39.92 -22.01
CA PHE F 250 -19.59 40.60 -22.86
C PHE F 250 -20.98 39.94 -22.84
N MET F 251 -21.04 38.62 -22.77
CA MET F 251 -22.32 37.94 -22.74
C MET F 251 -23.08 38.24 -21.45
N ARG F 252 -22.36 38.48 -20.36
CA ARG F 252 -23.01 38.82 -19.09
C ARG F 252 -23.35 40.30 -19.00
N ALA F 253 -22.90 41.10 -19.96
CA ALA F 253 -23.15 42.53 -19.97
C ALA F 253 -24.40 42.83 -20.78
N ASP F 254 -25.21 43.78 -20.29
CA ASP F 254 -26.45 44.11 -20.98
C ASP F 254 -26.18 44.49 -22.43
N ASP F 255 -25.14 45.28 -22.68
CA ASP F 255 -24.75 45.64 -24.03
C ASP F 255 -23.39 45.03 -24.32
N PRO F 256 -23.29 43.91 -25.05
CA PRO F 256 -21.97 43.27 -25.25
C PRO F 256 -20.95 44.18 -25.92
N GLY F 257 -21.32 44.81 -27.04
CA GLY F 257 -20.40 45.69 -27.72
C GLY F 257 -19.89 46.82 -26.85
N LEU F 258 -20.76 47.32 -25.98
CA LEU F 258 -20.39 48.47 -25.11
C LEU F 258 -19.28 48.04 -24.12
N GLU F 259 -19.50 46.92 -23.44
CA GLU F 259 -18.53 46.44 -22.46
C GLU F 259 -17.18 46.21 -23.11
N LEU F 260 -17.17 45.89 -24.41
CA LEU F 260 -15.90 45.74 -25.13
C LEU F 260 -15.22 47.10 -25.27
N LYS F 261 -16.00 48.12 -25.65
CA LYS F 261 -15.51 49.50 -25.65
C LYS F 261 -14.94 49.91 -24.28
N ARG F 262 -15.62 49.52 -23.19
CA ARG F 262 -15.12 49.88 -21.86
C ARG F 262 -13.76 49.25 -21.59
N LEU F 263 -13.65 47.94 -21.79
CA LEU F 263 -12.43 47.23 -21.42
C LEU F 263 -11.25 47.52 -22.36
N PHE F 264 -11.49 47.97 -23.58
CA PHE F 264 -10.44 48.05 -24.61
C PHE F 264 -10.28 49.40 -25.30
N PHE F 265 -11.19 50.36 -25.10
CA PHE F 265 -11.16 51.61 -25.87
C PHE F 265 -11.59 52.82 -25.02
N GLN F 266 -10.87 53.10 -23.96
CA GLN F 266 -11.16 54.22 -23.05
C GLN F 266 -11.76 55.44 -23.74
N UNK G 1 40.57 -19.18 -74.39
CA UNK G 1 39.35 -19.91 -74.03
C UNK G 1 39.51 -20.64 -72.69
N UNK G 2 40.47 -21.56 -72.62
CA UNK G 2 40.71 -22.38 -71.43
C UNK G 2 41.04 -21.56 -70.18
N UNK G 3 42.24 -20.97 -70.12
CA UNK G 3 42.61 -20.18 -68.94
C UNK G 3 41.73 -18.95 -68.76
N UNK G 4 40.95 -18.56 -69.78
CA UNK G 4 40.01 -17.46 -69.62
C UNK G 4 38.82 -17.86 -68.77
N UNK G 5 38.38 -19.12 -68.89
CA UNK G 5 37.32 -19.66 -68.04
C UNK G 5 37.83 -19.97 -66.64
N UNK G 6 38.99 -20.62 -66.56
CA UNK G 6 39.66 -20.80 -65.27
C UNK G 6 39.87 -19.46 -64.57
N UNK G 7 40.14 -18.40 -65.33
CA UNK G 7 40.43 -17.09 -64.74
C UNK G 7 39.18 -16.48 -64.10
N UNK G 8 38.00 -16.66 -64.70
CA UNK G 8 36.77 -16.13 -64.11
C UNK G 8 36.30 -16.97 -62.93
N UNK G 9 36.66 -18.26 -62.90
CA UNK G 9 36.39 -19.08 -61.73
C UNK G 9 37.33 -18.72 -60.58
N UNK G 10 38.60 -18.42 -60.88
CA UNK G 10 39.58 -18.10 -59.83
C UNK G 10 39.19 -16.83 -59.06
N UNK G 11 38.82 -15.77 -59.79
CA UNK G 11 38.30 -14.58 -59.13
C UNK G 11 37.17 -14.94 -58.17
N UNK G 12 36.20 -15.73 -58.67
CA UNK G 12 35.02 -16.08 -57.90
C UNK G 12 35.38 -16.67 -56.53
N UNK G 13 36.26 -17.67 -56.53
CA UNK G 13 36.70 -18.28 -55.29
C UNK G 13 37.27 -17.22 -54.35
N UNK G 14 38.30 -16.51 -54.80
CA UNK G 14 38.93 -15.47 -53.99
C UNK G 14 37.92 -14.37 -53.65
N VAL G 15 34.68 -20.00 -56.76
CA VAL G 15 33.31 -20.46 -56.96
C VAL G 15 32.30 -19.31 -56.77
N ASN G 16 31.73 -18.84 -57.88
CA ASN G 16 30.84 -17.69 -57.87
C ASN G 16 29.39 -18.16 -57.65
N LEU G 17 28.51 -17.18 -57.43
CA LEU G 17 27.13 -17.50 -57.06
C LEU G 17 26.45 -18.36 -58.13
N ALA G 18 26.71 -18.08 -59.42
CA ALA G 18 26.11 -18.88 -60.48
C ALA G 18 26.51 -20.34 -60.38
N GLU G 19 27.68 -20.62 -59.81
CA GLU G 19 28.14 -21.99 -59.65
C GLU G 19 27.61 -22.64 -58.38
N VAL G 20 27.65 -21.93 -57.26
CA VAL G 20 27.06 -22.45 -56.03
C VAL G 20 25.59 -22.79 -56.26
N GLU G 21 24.87 -21.93 -56.99
CA GLU G 21 23.46 -22.20 -57.26
C GLU G 21 23.28 -23.47 -58.08
N ARG G 22 24.19 -23.72 -59.03
CA ARG G 22 24.09 -24.94 -59.82
C ARG G 22 24.33 -26.18 -58.96
N LEU G 23 25.32 -26.10 -58.05
CA LEU G 23 25.58 -27.23 -57.16
C LEU G 23 24.39 -27.49 -56.24
N ALA G 24 23.75 -26.44 -55.73
CA ALA G 24 22.62 -26.61 -54.84
C ALA G 24 21.51 -27.40 -55.52
N ARG G 25 21.24 -27.13 -56.80
CA ARG G 25 20.21 -27.86 -57.52
C ARG G 25 20.60 -29.32 -57.73
N SER G 26 21.89 -29.61 -57.82
CA SER G 26 22.38 -30.97 -58.04
C SER G 26 22.52 -31.77 -56.76
N ALA G 27 22.33 -31.14 -55.60
CA ALA G 27 22.61 -31.79 -54.32
C ALA G 27 21.50 -32.76 -53.92
N ASP G 28 21.90 -33.78 -53.15
CA ASP G 28 20.99 -34.74 -52.54
C ASP G 28 19.81 -34.02 -51.92
N ALA G 29 18.60 -34.55 -52.13
CA ALA G 29 17.40 -33.82 -51.73
C ALA G 29 17.48 -33.47 -50.25
N PRO G 30 16.87 -32.38 -49.82
CA PRO G 30 16.77 -32.10 -48.38
C PRO G 30 16.04 -33.21 -47.64
N ARG G 31 16.47 -33.47 -46.40
CA ARG G 31 15.87 -34.56 -45.61
C ARG G 31 14.66 -34.14 -44.82
N GLY G 32 14.42 -32.84 -44.65
CA GLY G 32 13.19 -32.43 -44.01
C GLY G 32 13.42 -32.17 -42.54
N PHE G 33 14.27 -31.18 -42.26
CA PHE G 33 14.69 -30.85 -40.91
C PHE G 33 13.52 -30.46 -40.04
N ALA G 34 12.69 -29.53 -40.53
CA ALA G 34 11.57 -29.06 -39.73
C ALA G 34 10.58 -30.19 -39.48
N ASN G 35 10.32 -30.96 -40.52
CA ASN G 35 9.34 -32.03 -40.43
C ASN G 35 9.74 -33.07 -39.37
N ALA G 36 11.01 -33.44 -39.34
CA ALA G 36 11.49 -34.41 -38.34
C ALA G 36 11.23 -33.94 -36.91
N LEU G 37 11.33 -32.62 -36.68
CA LEU G 37 11.05 -32.09 -35.34
C LEU G 37 9.56 -31.97 -35.09
N LEU G 38 8.81 -31.38 -36.05
CA LEU G 38 7.35 -31.21 -35.93
C LEU G 38 6.63 -32.55 -35.75
N GLU G 39 7.00 -33.56 -36.52
CA GLU G 39 6.27 -34.81 -36.44
C GLU G 39 6.43 -35.45 -35.07
N ARG G 40 7.58 -35.26 -34.42
CA ARG G 40 7.74 -35.77 -33.05
C ARG G 40 7.05 -34.86 -32.03
N ALA G 41 7.24 -33.54 -32.16
CA ALA G 41 6.67 -32.63 -31.15
C ALA G 41 5.15 -32.70 -31.16
N LYS G 42 4.54 -32.89 -32.33
CA LYS G 42 3.08 -33.04 -32.39
C LYS G 42 2.61 -34.24 -31.59
N ARG G 43 3.45 -35.26 -31.45
CA ARG G 43 3.09 -36.43 -30.65
C ARG G 43 3.61 -36.35 -29.24
N LYS G 44 4.05 -35.16 -28.81
CA LYS G 44 4.58 -34.95 -27.47
C LYS G 44 5.72 -35.93 -27.18
N GLU G 45 6.55 -36.14 -28.17
CA GLU G 45 7.77 -36.90 -28.09
C GLU G 45 8.96 -35.98 -28.26
N PRO G 46 10.07 -36.27 -27.59
CA PRO G 46 11.23 -35.40 -27.70
C PRO G 46 11.76 -35.36 -29.13
N ALA G 47 12.14 -34.16 -29.55
CA ALA G 47 12.64 -33.86 -30.88
C ALA G 47 14.01 -33.23 -30.69
N VAL G 48 15.04 -34.07 -30.66
CA VAL G 48 16.36 -33.62 -30.24
C VAL G 48 17.23 -33.35 -31.45
N ILE G 49 17.79 -32.15 -31.48
CA ILE G 49 18.83 -31.78 -32.42
C ILE G 49 20.12 -32.01 -31.68
N ALA G 50 20.88 -33.02 -32.08
CA ALA G 50 22.08 -33.40 -31.35
C ALA G 50 23.27 -32.75 -32.03
N GLU G 51 24.08 -32.06 -31.25
CA GLU G 51 25.13 -31.20 -31.80
C GLU G 51 26.47 -31.94 -31.79
N ILE G 52 27.15 -31.91 -32.93
CA ILE G 52 28.48 -32.47 -33.07
C ILE G 52 29.44 -31.30 -32.95
N LYS G 53 30.08 -31.19 -31.79
CA LYS G 53 30.84 -30.01 -31.41
C LYS G 53 32.19 -30.49 -30.94
N LYS G 54 33.24 -30.14 -31.68
CA LYS G 54 34.60 -30.46 -31.28
C LYS G 54 35.07 -29.54 -30.15
N ALA G 55 34.89 -28.23 -30.33
CA ALA G 55 35.32 -27.23 -29.37
C ALA G 55 34.40 -26.03 -29.45
N SER G 56 34.58 -25.08 -28.54
CA SER G 56 33.81 -23.85 -28.53
C SER G 56 34.56 -22.82 -27.70
N PRO G 57 34.14 -21.53 -27.75
CA PRO G 57 34.68 -20.53 -26.81
C PRO G 57 34.07 -20.64 -25.42
N SER G 58 32.82 -21.12 -25.33
CA SER G 58 32.14 -21.20 -24.03
C SER G 58 32.64 -22.35 -23.17
N LYS G 59 33.34 -23.34 -23.76
CA LYS G 59 33.82 -24.48 -22.97
C LYS G 59 35.12 -25.08 -23.52
N GLY G 60 35.77 -24.48 -24.52
CA GLY G 60 36.97 -25.09 -25.11
C GLY G 60 36.69 -26.44 -25.78
N VAL G 61 37.77 -27.18 -26.06
CA VAL G 61 37.62 -28.50 -26.68
C VAL G 61 36.87 -29.42 -25.73
N LEU G 62 35.94 -30.21 -26.29
CA LEU G 62 35.05 -31.06 -25.51
C LEU G 62 35.21 -32.54 -25.82
N ARG G 63 36.10 -32.92 -26.73
CA ARG G 63 36.30 -34.33 -27.05
C ARG G 63 37.53 -34.53 -27.94
N GLU G 64 38.53 -35.27 -27.43
CA GLU G 64 39.78 -35.49 -28.14
C GLU G 64 39.63 -36.52 -29.26
N HIS G 65 38.92 -37.62 -29.00
CA HIS G 65 38.62 -38.59 -30.04
C HIS G 65 37.37 -38.11 -30.77
N PHE G 66 37.56 -37.47 -31.92
CA PHE G 66 36.51 -36.76 -32.65
C PHE G 66 36.39 -37.35 -34.04
N VAL G 67 35.41 -38.23 -34.24
CA VAL G 67 35.04 -38.75 -35.56
C VAL G 67 33.58 -38.38 -35.84
N PRO G 68 33.30 -37.40 -36.72
CA PRO G 68 31.91 -36.99 -36.92
C PRO G 68 30.99 -38.09 -37.39
N ALA G 69 31.50 -39.01 -38.22
CA ALA G 69 30.62 -40.05 -38.73
C ALA G 69 30.14 -40.95 -37.61
N GLU G 70 31.04 -41.31 -36.70
CA GLU G 70 30.68 -42.18 -35.58
C GLU G 70 29.72 -41.50 -34.63
N ILE G 71 29.97 -40.20 -34.35
CA ILE G 71 29.10 -39.46 -33.46
C ILE G 71 27.71 -39.37 -34.07
N ALA G 72 27.61 -39.12 -35.36
CA ALA G 72 26.31 -39.05 -36.01
C ALA G 72 25.55 -40.36 -35.83
N ARG G 73 26.22 -41.49 -36.11
CA ARG G 73 25.55 -42.77 -35.95
C ARG G 73 25.16 -42.96 -34.50
N SER G 74 26.05 -42.61 -33.57
CA SER G 74 25.73 -42.76 -32.16
C SER G 74 24.48 -41.95 -31.80
N TYR G 75 24.47 -40.69 -32.21
CA TYR G 75 23.32 -39.84 -31.93
C TYR G 75 22.06 -40.39 -32.54
N GLU G 76 22.12 -40.82 -33.81
CA GLU G 76 20.91 -41.36 -34.40
C GLU G 76 20.47 -42.63 -33.66
N ALA G 77 21.42 -43.46 -33.25
CA ALA G 77 21.03 -44.68 -32.57
C ALA G 77 20.39 -44.34 -31.23
N GLY G 78 20.84 -43.24 -30.62
CA GLY G 78 20.30 -42.83 -29.35
C GLY G 78 18.89 -42.28 -29.41
N GLY G 79 18.45 -41.83 -30.58
CA GLY G 79 17.09 -41.31 -30.76
C GLY G 79 17.00 -39.86 -31.26
N ALA G 80 18.15 -39.25 -31.61
CA ALA G 80 18.19 -37.90 -32.16
C ALA G 80 17.27 -37.77 -33.37
N ALA G 81 16.66 -36.60 -33.50
CA ALA G 81 15.79 -36.33 -34.65
C ALA G 81 16.58 -35.68 -35.77
N CYS G 82 17.57 -34.88 -35.40
CA CYS G 82 18.36 -34.12 -36.34
C CYS G 82 19.71 -33.97 -35.70
N LEU G 83 20.66 -33.55 -36.52
CA LEU G 83 21.99 -33.17 -36.08
C LEU G 83 22.25 -31.70 -36.35
N SER G 84 23.10 -31.13 -35.51
CA SER G 84 23.74 -29.85 -35.75
C SER G 84 25.24 -30.08 -35.80
N VAL G 85 25.87 -29.58 -36.86
CA VAL G 85 27.31 -29.71 -37.05
C VAL G 85 27.89 -28.32 -37.19
N LEU G 86 28.88 -28.03 -36.37
CA LEU G 86 29.69 -26.84 -36.53
C LEU G 86 30.49 -26.95 -37.82
N THR G 87 30.16 -26.11 -38.82
CA THR G 87 30.99 -25.91 -40.00
C THR G 87 31.85 -24.66 -39.90
N ASP G 88 31.78 -23.92 -38.79
CA ASP G 88 32.75 -22.88 -38.53
C ASP G 88 34.05 -23.52 -38.07
N GLN G 93 35.28 -25.46 -33.69
CA GLN G 93 36.38 -26.09 -34.42
C GLN G 93 35.80 -26.97 -35.54
N GLY G 94 35.07 -26.33 -36.47
CA GLY G 94 34.30 -27.02 -37.47
C GLY G 94 34.92 -27.00 -38.86
N ALA G 95 34.23 -27.69 -39.76
CA ALA G 95 34.52 -27.69 -41.20
C ALA G 95 33.29 -28.17 -41.94
N ASP G 96 33.07 -27.62 -43.14
CA ASP G 96 32.03 -28.17 -43.99
C ASP G 96 32.18 -29.68 -44.11
N ALA G 97 33.41 -30.19 -43.98
CA ALA G 97 33.67 -31.62 -44.04
C ALA G 97 32.83 -32.38 -43.02
N TYR G 98 32.88 -31.95 -41.76
CA TYR G 98 32.17 -32.65 -40.68
C TYR G 98 30.69 -32.80 -41.01
N LEU G 99 30.09 -31.78 -41.64
CA LEU G 99 28.70 -31.86 -42.02
C LEU G 99 28.50 -32.95 -43.07
N LYS G 100 29.36 -33.00 -44.08
CA LYS G 100 29.25 -34.03 -45.11
C LYS G 100 29.42 -35.43 -44.52
N GLU G 101 30.46 -35.61 -43.70
CA GLU G 101 30.71 -36.89 -43.05
C GLU G 101 29.54 -37.29 -42.14
N ALA G 102 29.09 -36.37 -41.29
CA ALA G 102 27.97 -36.68 -40.40
C ALA G 102 26.77 -37.13 -41.21
N ARG G 103 26.47 -36.37 -42.25
CA ARG G 103 25.20 -36.60 -42.95
C ARG G 103 25.27 -37.88 -43.77
N ALA G 104 26.44 -38.13 -44.36
CA ALA G 104 26.67 -39.38 -45.06
C ALA G 104 26.53 -40.58 -44.13
N ALA G 105 26.95 -40.42 -42.87
CA ALA G 105 27.03 -41.57 -41.96
C ALA G 105 25.69 -41.97 -41.38
N CYS G 106 24.61 -41.22 -41.66
CA CYS G 106 23.33 -41.53 -41.04
C CYS G 106 22.21 -41.01 -41.94
N ALA G 107 20.97 -41.19 -41.48
CA ALA G 107 19.80 -40.76 -42.21
C ALA G 107 19.18 -39.45 -41.68
N LEU G 108 19.84 -38.73 -40.77
CA LEU G 108 19.08 -37.64 -40.14
C LEU G 108 19.29 -36.31 -40.87
N PRO G 109 18.28 -35.45 -40.89
CA PRO G 109 18.49 -34.06 -41.36
C PRO G 109 19.56 -33.39 -40.53
N VAL G 110 20.31 -32.47 -41.16
CA VAL G 110 21.42 -31.79 -40.53
C VAL G 110 21.29 -30.28 -40.74
N ILE G 111 21.54 -29.51 -39.69
CA ILE G 111 21.63 -28.06 -39.76
C ILE G 111 23.09 -27.71 -39.73
N ARG G 112 23.48 -26.83 -40.65
CA ARG G 112 24.76 -26.15 -40.63
C ARG G 112 24.75 -25.14 -39.49
N LYS G 113 25.56 -25.37 -38.48
CA LYS G 113 25.69 -24.43 -37.36
C LYS G 113 26.83 -23.50 -37.69
N ASP G 114 26.49 -22.31 -38.16
CA ASP G 114 27.45 -21.36 -38.68
C ASP G 114 26.81 -19.98 -38.60
N PHE G 115 27.51 -18.96 -39.08
CA PHE G 115 27.06 -17.56 -38.99
C PHE G 115 26.69 -17.08 -40.38
N MET G 116 25.38 -17.05 -40.65
CA MET G 116 24.84 -16.74 -41.97
C MET G 116 24.57 -15.24 -42.05
N ILE G 117 25.27 -14.57 -42.97
CA ILE G 117 25.05 -13.15 -43.22
C ILE G 117 24.91 -12.81 -44.69
N ASP G 118 25.07 -13.78 -45.59
CA ASP G 118 25.07 -13.49 -47.02
C ASP G 118 24.37 -14.56 -47.85
N PRO G 119 23.50 -14.19 -48.79
CA PRO G 119 22.76 -15.23 -49.53
C PRO G 119 23.66 -16.29 -50.15
N TYR G 120 24.90 -15.93 -50.48
CA TYR G 120 25.83 -16.90 -51.04
C TYR G 120 26.01 -18.10 -50.09
N GLN G 121 26.15 -17.86 -48.78
CA GLN G 121 26.36 -18.95 -47.83
C GLN G 121 25.14 -19.87 -47.72
N ILE G 122 23.93 -19.32 -47.91
CA ILE G 122 22.71 -20.10 -47.87
C ILE G 122 22.68 -21.06 -49.06
N VAL G 123 22.95 -20.54 -50.26
CA VAL G 123 22.97 -21.41 -51.43
C VAL G 123 24.02 -22.48 -51.23
N GLU G 124 25.19 -22.08 -50.71
CA GLU G 124 26.31 -22.98 -50.47
C GLU G 124 25.94 -24.05 -49.46
N ALA G 125 25.20 -23.64 -48.42
CA ALA G 125 24.66 -24.59 -47.45
C ALA G 125 23.98 -25.77 -48.15
N ARG G 126 23.06 -25.47 -49.08
CA ARG G 126 22.35 -26.54 -49.76
C ARG G 126 23.29 -27.37 -50.61
N ALA G 127 24.27 -26.72 -51.22
CA ALA G 127 25.19 -27.40 -52.12
C ALA G 127 26.01 -28.45 -51.38
N ILE G 128 26.47 -28.17 -50.16
CA ILE G 128 27.18 -29.18 -49.36
C ILE G 128 26.25 -30.17 -48.69
N GLY G 129 24.94 -30.04 -48.87
CA GLY G 129 24.00 -31.01 -48.35
C GLY G 129 23.29 -30.63 -47.07
N ALA G 130 23.53 -29.44 -46.53
CA ALA G 130 22.77 -29.02 -45.36
C ALA G 130 21.28 -29.10 -45.65
N ASP G 131 20.51 -29.42 -44.61
CA ASP G 131 19.07 -29.47 -44.73
C ASP G 131 18.37 -28.27 -44.08
N CYS G 132 19.11 -27.44 -43.36
CA CYS G 132 18.52 -26.36 -42.60
C CYS G 132 19.60 -25.34 -42.42
N ILE G 133 19.22 -24.06 -42.31
CA ILE G 133 20.24 -23.08 -41.95
C ILE G 133 19.79 -22.31 -40.71
N LEU G 134 20.76 -21.63 -40.12
CA LEU G 134 20.59 -20.89 -38.88
C LEU G 134 20.61 -19.39 -39.16
N LEU G 135 19.64 -18.67 -38.64
CA LEU G 135 19.64 -17.20 -38.69
C LEU G 135 19.59 -16.70 -37.25
N ILE G 136 20.57 -15.89 -36.91
CA ILE G 136 20.76 -15.40 -35.55
C ILE G 136 20.31 -13.94 -35.52
N VAL G 137 19.21 -13.66 -34.80
CA VAL G 137 18.66 -12.30 -34.79
C VAL G 137 19.71 -11.29 -34.33
N SER G 138 20.49 -11.63 -33.32
CA SER G 138 21.53 -10.76 -32.80
CA SER G 138 21.50 -10.72 -32.81
C SER G 138 22.56 -10.38 -33.85
N ALA G 139 22.59 -11.07 -34.97
CA ALA G 139 23.61 -10.88 -35.98
C ALA G 139 23.10 -10.17 -37.23
N LEU G 140 21.80 -9.90 -37.32
CA LEU G 140 21.19 -9.47 -38.57
C LEU G 140 20.19 -8.36 -38.31
N ASP G 141 20.11 -7.43 -39.25
CA ASP G 141 18.96 -6.54 -39.32
C ASP G 141 17.81 -7.29 -39.99
N ASP G 142 16.59 -6.84 -39.74
CA ASP G 142 15.43 -7.61 -40.19
C ASP G 142 15.40 -7.78 -41.70
N VAL G 143 15.87 -6.78 -42.47
CA VAL G 143 15.77 -6.89 -43.92
C VAL G 143 16.71 -7.96 -44.44
N LEU G 144 17.97 -7.94 -43.99
CA LEU G 144 18.91 -9.01 -44.32
C LEU G 144 18.35 -10.37 -43.93
N MET G 145 17.78 -10.45 -42.73
CA MET G 145 17.23 -11.71 -42.23
C MET G 145 16.14 -12.24 -43.16
N ALA G 146 15.25 -11.35 -43.60
CA ALA G 146 14.18 -11.76 -44.50
C ALA G 146 14.75 -12.17 -45.84
N GLU G 147 15.85 -11.52 -46.25
CA GLU G 147 16.48 -11.87 -47.52
C GLU G 147 17.11 -13.26 -47.47
N LEU G 148 17.77 -13.58 -46.37
CA LEU G 148 18.42 -14.89 -46.24
C LEU G 148 17.39 -16.00 -46.13
N ALA G 149 16.32 -15.78 -45.38
CA ALA G 149 15.25 -16.76 -45.29
C ALA G 149 14.60 -17.01 -46.65
N ALA G 150 14.37 -15.95 -47.44
CA ALA G 150 13.82 -16.11 -48.78
C ALA G 150 14.75 -16.95 -49.64
N THR G 151 16.05 -16.70 -49.52
CA THR G 151 17.02 -17.48 -50.29
C THR G 151 16.99 -18.94 -49.86
N ALA G 152 16.85 -19.20 -48.57
CA ALA G 152 16.80 -20.57 -48.08
C ALA G 152 15.57 -21.28 -48.65
N LYS G 153 14.43 -20.60 -48.64
CA LYS G 153 13.23 -21.21 -49.21
C LYS G 153 13.47 -21.52 -50.68
N SER G 154 14.16 -20.65 -51.38
CA SER G 154 14.29 -20.82 -52.83
C SER G 154 15.19 -22.00 -53.18
N VAL G 155 16.01 -22.49 -52.26
CA VAL G 155 16.83 -23.68 -52.54
C VAL G 155 16.37 -24.89 -51.73
N GLY G 156 15.20 -24.82 -51.10
CA GLY G 156 14.65 -25.93 -50.35
C GLY G 156 15.20 -26.14 -48.96
N LEU G 157 15.89 -25.15 -48.39
CA LEU G 157 16.40 -25.23 -47.03
C LEU G 157 15.35 -24.84 -46.01
N ASP G 158 15.33 -25.56 -44.88
CA ASP G 158 14.55 -25.11 -43.75
C ASP G 158 15.33 -24.02 -42.99
N VAL G 159 14.64 -23.35 -42.09
CA VAL G 159 15.21 -22.18 -41.41
C VAL G 159 14.96 -22.32 -39.91
N LEU G 160 16.03 -22.21 -39.14
CA LEU G 160 15.96 -22.09 -37.69
C LEU G 160 16.37 -20.66 -37.31
N VAL G 161 15.45 -19.91 -36.73
CA VAL G 161 15.75 -18.54 -36.30
C VAL G 161 16.01 -18.57 -34.80
N GLU G 162 17.11 -17.99 -34.40
CA GLU G 162 17.56 -18.06 -33.01
C GLU G 162 17.44 -16.71 -32.32
N VAL G 163 16.68 -16.66 -31.22
CA VAL G 163 16.52 -15.47 -30.39
C VAL G 163 17.09 -15.71 -28.99
N HIS G 164 17.45 -14.59 -28.33
CA HIS G 164 17.92 -14.55 -26.94
C HIS G 164 17.00 -13.80 -26.00
N ASP G 165 16.10 -12.94 -26.49
CA ASP G 165 15.20 -12.19 -25.61
C ASP G 165 13.91 -11.83 -26.34
N GLY G 166 13.01 -11.13 -25.62
CA GLY G 166 11.69 -10.87 -26.17
C GLY G 166 11.69 -9.89 -27.32
N THR G 167 12.68 -9.00 -27.37
CA THR G 167 12.81 -8.04 -28.46
C THR G 167 13.20 -8.75 -29.75
N GLU G 168 14.26 -9.59 -29.67
CA GLU G 168 14.61 -10.45 -30.80
C GLU G 168 13.46 -11.36 -31.17
N LEU G 169 12.74 -11.92 -30.18
CA LEU G 169 11.61 -12.78 -30.53
C LEU G 169 10.58 -12.04 -31.38
N GLU G 170 10.16 -10.83 -30.93
CA GLU G 170 9.11 -10.13 -31.67
C GLU G 170 9.57 -9.80 -33.08
N ARG G 171 10.82 -9.39 -33.22
CA ARG G 171 11.41 -9.19 -34.54
C ARG G 171 11.35 -10.46 -35.38
N ALA G 172 11.74 -11.60 -34.81
CA ALA G 172 11.80 -12.80 -35.62
C ALA G 172 10.40 -13.19 -36.08
N LEU G 173 9.43 -13.02 -35.19
CA LEU G 173 8.09 -13.46 -35.52
C LEU G 173 7.43 -12.55 -36.55
N LYS G 174 7.76 -11.27 -36.54
CA LYS G 174 7.10 -10.39 -37.48
C LYS G 174 7.78 -10.43 -38.84
N THR G 175 9.06 -10.77 -38.86
CA THR G 175 9.85 -10.84 -40.08
C THR G 175 9.75 -12.18 -40.79
N LEU G 176 9.79 -13.31 -40.06
CA LEU G 176 9.93 -14.65 -40.63
C LEU G 176 8.70 -15.47 -40.32
N ASP G 177 8.31 -16.34 -41.24
CA ASP G 177 7.21 -17.24 -40.95
C ASP G 177 7.68 -18.71 -40.79
N THR G 178 8.97 -18.98 -40.65
CA THR G 178 9.41 -20.35 -40.35
C THR G 178 8.76 -20.86 -39.06
N PRO G 179 8.33 -22.12 -39.01
CA PRO G 179 7.84 -22.64 -37.72
C PRO G 179 8.93 -22.72 -36.67
N LEU G 180 10.21 -22.79 -37.03
CA LEU G 180 11.28 -23.17 -36.09
C LEU G 180 11.83 -21.93 -35.39
N VAL G 181 11.47 -21.76 -34.11
CA VAL G 181 11.95 -20.64 -33.31
C VAL G 181 12.87 -21.16 -32.20
N GLY G 182 14.16 -20.91 -32.35
CA GLY G 182 15.14 -21.32 -31.37
C GLY G 182 15.35 -20.25 -30.32
N ILE G 183 15.32 -20.67 -29.06
CA ILE G 183 15.60 -19.78 -27.94
C ILE G 183 16.92 -20.25 -27.33
N ASN G 184 17.92 -19.40 -27.43
CA ASN G 184 19.23 -19.72 -26.88
C ASN G 184 19.25 -19.28 -25.44
N ASN G 185 19.31 -20.24 -24.51
CA ASN G 185 19.33 -19.94 -23.09
C ASN G 185 20.67 -19.46 -22.59
N ARG G 186 21.68 -19.43 -23.45
CA ARG G 186 23.00 -18.93 -23.09
C ARG G 186 23.05 -17.46 -23.51
N ASN G 187 23.08 -16.58 -22.52
CA ASN G 187 23.30 -15.17 -22.77
C ASN G 187 24.70 -14.98 -23.34
N LEU G 188 24.81 -14.37 -24.51
CA LEU G 188 26.10 -14.36 -25.18
C LEU G 188 26.99 -13.19 -24.75
N HIS G 189 26.42 -12.21 -24.04
CA HIS G 189 27.24 -11.21 -23.35
C HIS G 189 27.89 -11.78 -22.09
N THR G 190 27.10 -12.42 -21.23
CA THR G 190 27.60 -12.90 -19.93
C THR G 190 27.93 -14.39 -19.89
N PHE G 191 27.61 -15.15 -20.95
CA PHE G 191 27.78 -16.60 -21.06
C PHE G 191 27.07 -17.40 -19.95
N GLU G 192 26.24 -16.76 -19.12
CA GLU G 192 25.43 -17.51 -18.17
C GLU G 192 24.26 -18.21 -18.89
N VAL G 193 23.82 -19.33 -18.32
CA VAL G 193 22.78 -20.15 -18.94
C VAL G 193 21.62 -20.24 -17.99
N SER G 194 20.41 -20.06 -18.52
CA SER G 194 19.22 -20.22 -17.70
C SER G 194 18.05 -20.65 -18.57
N LEU G 195 17.41 -21.73 -18.17
CA LEU G 195 16.25 -22.21 -18.86
C LEU G 195 15.07 -21.27 -18.68
N GLU G 196 15.11 -20.37 -17.69
CA GLU G 196 14.08 -19.36 -17.56
C GLU G 196 14.00 -18.47 -18.80
N THR G 197 15.11 -18.34 -19.55
CA THR G 197 15.08 -17.56 -20.79
C THR G 197 14.00 -18.09 -21.72
N THR G 198 13.94 -19.43 -21.88
CA THR G 198 12.88 -20.05 -22.66
C THR G 198 11.53 -19.89 -21.97
N LEU G 199 11.44 -20.22 -20.70
CA LEU G 199 10.12 -20.30 -20.07
C LEU G 199 9.44 -18.93 -20.05
N ASP G 200 10.24 -17.87 -19.87
CA ASP G 200 9.73 -16.51 -19.85
C ASP G 200 9.19 -16.06 -21.20
N LEU G 201 9.62 -16.68 -22.30
CA LEU G 201 9.15 -16.28 -23.63
C LEU G 201 7.99 -17.11 -24.16
N LEU G 202 7.72 -18.27 -23.56
CA LEU G 202 6.62 -19.11 -24.03
C LEU G 202 5.29 -18.34 -24.08
N PRO G 203 4.97 -17.45 -23.12
CA PRO G 203 3.66 -16.76 -23.16
C PRO G 203 3.49 -15.84 -24.35
N GLU G 204 4.54 -15.55 -25.12
CA GLU G 204 4.49 -14.74 -26.32
C GLU G 204 4.62 -15.54 -27.62
N ILE G 205 4.80 -16.86 -27.57
CA ILE G 205 5.14 -17.63 -28.76
C ILE G 205 3.86 -18.26 -29.31
N PRO G 206 3.46 -17.94 -30.54
CA PRO G 206 2.21 -18.49 -31.09
C PRO G 206 2.25 -19.99 -31.17
N ARG G 207 1.07 -20.60 -31.02
CA ARG G 207 1.02 -22.05 -31.04
C ARG G 207 1.36 -22.63 -32.40
N ASP G 208 1.42 -21.80 -33.44
CA ASP G 208 1.78 -22.31 -34.75
C ASP G 208 3.27 -22.25 -34.97
N ARG G 209 4.04 -21.89 -33.96
CA ARG G 209 5.48 -21.99 -34.01
C ARG G 209 5.90 -23.16 -33.12
N LEU G 210 7.05 -23.75 -33.46
CA LEU G 210 7.67 -24.80 -32.65
C LEU G 210 8.85 -24.19 -31.91
N VAL G 211 8.80 -24.19 -30.59
CA VAL G 211 9.95 -23.77 -29.80
C VAL G 211 11.00 -24.87 -29.77
N VAL G 212 12.24 -24.47 -30.01
CA VAL G 212 13.43 -25.29 -29.91
C VAL G 212 14.29 -24.65 -28.82
N THR G 213 14.32 -25.25 -27.63
CA THR G 213 15.13 -24.70 -26.54
C THR G 213 16.59 -25.18 -26.65
N GLU G 214 17.54 -24.24 -26.53
CA GLU G 214 18.94 -24.45 -26.87
C GLU G 214 19.81 -24.10 -25.68
N SER G 215 20.67 -25.02 -25.26
CA SER G 215 21.68 -24.79 -24.24
C SER G 215 21.10 -25.11 -22.87
N GLY G 216 21.95 -25.53 -21.94
CA GLY G 216 21.49 -25.71 -20.58
C GLY G 216 20.64 -26.91 -20.28
N ILE G 217 20.46 -27.83 -21.24
CA ILE G 217 19.74 -29.07 -20.98
C ILE G 217 20.80 -30.06 -20.55
N LEU G 218 20.85 -30.34 -19.25
CA LEU G 218 21.90 -31.15 -18.68
C LEU G 218 21.43 -32.38 -17.96
N ASN G 219 20.20 -32.41 -17.46
CA ASN G 219 19.78 -33.60 -16.74
C ASN G 219 18.29 -33.81 -16.93
N ARG G 220 17.80 -34.89 -16.35
CA ARG G 220 16.46 -35.32 -16.66
C ARG G 220 15.42 -34.33 -16.13
N ALA G 221 15.75 -33.65 -15.03
CA ALA G 221 14.82 -32.72 -14.43
C ALA G 221 14.61 -31.53 -15.36
N ASP G 222 15.68 -31.08 -16.02
CA ASP G 222 15.60 -30.04 -17.05
C ASP G 222 14.64 -30.43 -18.16
N VAL G 223 14.75 -31.69 -18.60
CA VAL G 223 13.93 -32.19 -19.70
C VAL G 223 12.48 -32.23 -19.26
N GLU G 224 12.25 -32.71 -18.03
CA GLU G 224 10.90 -32.85 -17.54
C GLU G 224 10.22 -31.48 -17.45
N LEU G 225 10.93 -30.51 -16.87
CA LEU G 225 10.38 -29.15 -16.80
C LEU G 225 9.94 -28.70 -18.17
N MET G 226 10.81 -28.89 -19.18
CA MET G 226 10.49 -28.37 -20.49
C MET G 226 9.27 -29.06 -21.06
N GLU G 227 9.19 -30.39 -20.89
CA GLU G 227 8.06 -31.14 -21.42
C GLU G 227 6.76 -30.80 -20.70
N VAL G 228 6.81 -30.61 -19.39
CA VAL G 228 5.62 -30.16 -18.68
C VAL G 228 5.15 -28.80 -19.22
N SER G 229 6.09 -27.94 -19.60
CA SER G 229 5.78 -26.64 -20.23
C SER G 229 5.51 -26.73 -21.74
N GLU G 230 5.34 -27.95 -22.27
CA GLU G 230 4.98 -28.19 -23.68
C GLU G 230 6.08 -27.74 -24.64
N VAL G 231 7.31 -27.82 -24.19
CA VAL G 231 8.48 -27.66 -25.03
C VAL G 231 9.03 -29.05 -25.30
N TYR G 232 8.98 -29.48 -26.56
CA TYR G 232 9.47 -30.81 -26.89
C TYR G 232 10.69 -30.85 -27.79
N ALA G 233 11.12 -29.71 -28.34
CA ALA G 233 12.26 -29.67 -29.23
C ALA G 233 13.45 -29.06 -28.50
N PHE G 234 14.62 -29.66 -28.68
CA PHE G 234 15.80 -29.33 -27.90
C PHE G 234 17.02 -29.30 -28.78
N LEU G 235 17.94 -28.39 -28.50
CA LEU G 235 19.27 -28.46 -29.10
C LEU G 235 20.26 -28.66 -27.97
N VAL G 236 20.98 -29.79 -28.01
CA VAL G 236 21.86 -30.26 -26.94
C VAL G 236 23.18 -30.71 -27.53
N GLY G 237 24.27 -30.39 -26.84
CA GLY G 237 25.58 -30.83 -27.29
C GLY G 237 26.48 -31.31 -26.17
N GLU G 238 26.82 -30.39 -25.27
CA GLU G 238 27.80 -30.67 -24.21
C GLU G 238 27.34 -31.78 -23.28
N ALA G 239 26.04 -31.80 -22.92
CA ALA G 239 25.51 -32.90 -22.10
C ALA G 239 25.91 -34.27 -22.67
N PHE G 240 26.07 -34.36 -23.99
CA PHE G 240 26.40 -35.61 -24.67
C PHE G 240 27.90 -35.80 -24.90
N MET G 241 28.60 -34.76 -25.34
CA MET G 241 30.03 -34.88 -25.65
C MET G 241 30.83 -35.13 -24.37
N ARG G 242 30.22 -34.90 -23.20
CA ARG G 242 30.86 -35.25 -21.94
C ARG G 242 30.83 -36.75 -21.65
N ALA G 243 29.88 -37.49 -22.23
CA ALA G 243 29.69 -38.90 -21.91
C ALA G 243 30.52 -39.80 -22.84
N ASP G 244 30.64 -41.07 -22.43
CA ASP G 244 31.45 -42.01 -23.19
C ASP G 244 30.81 -42.30 -24.54
N ASP G 245 29.52 -42.59 -24.56
CA ASP G 245 28.82 -42.70 -25.84
C ASP G 245 27.81 -41.54 -25.90
N PRO G 246 27.99 -40.57 -26.81
CA PRO G 246 27.07 -39.42 -26.81
C PRO G 246 25.61 -39.82 -26.98
N GLY G 247 25.33 -40.76 -27.89
CA GLY G 247 23.97 -41.16 -28.16
C GLY G 247 23.34 -41.92 -27.03
N LEU G 248 24.13 -42.64 -26.25
CA LEU G 248 23.54 -43.32 -25.10
C LEU G 248 23.13 -42.32 -24.02
N GLU G 249 23.91 -41.24 -23.85
CA GLU G 249 23.54 -40.15 -22.94
C GLU G 249 22.27 -39.46 -23.39
N LEU G 250 22.15 -39.19 -24.70
CA LEU G 250 20.89 -38.73 -25.27
C LEU G 250 19.75 -39.65 -24.89
N LYS G 251 19.93 -40.97 -25.10
CA LYS G 251 18.84 -41.88 -24.75
C LYS G 251 18.53 -41.79 -23.27
N ARG G 252 19.55 -41.66 -22.43
CA ARG G 252 19.33 -41.60 -20.99
C ARG G 252 18.56 -40.35 -20.62
N LEU G 253 18.88 -39.20 -21.22
CA LEU G 253 18.21 -37.96 -20.84
C LEU G 253 16.77 -37.92 -21.33
N PHE G 254 16.48 -38.46 -22.51
CA PHE G 254 15.22 -38.18 -23.16
C PHE G 254 14.32 -39.39 -23.36
N PHE G 255 14.86 -40.61 -23.39
CA PHE G 255 14.08 -41.79 -23.79
C PHE G 255 14.28 -42.97 -22.81
N GLN G 256 14.00 -42.78 -21.54
CA GLN G 256 14.06 -43.88 -20.56
C GLN G 256 13.36 -45.15 -21.07
N GLU G 257 14.14 -46.23 -21.25
CA GLU G 257 13.76 -47.49 -21.94
C GLU G 257 12.96 -47.33 -23.27
N SER H 2 -10.03 5.55 -34.63
CA SER H 2 -9.21 4.53 -33.99
C SER H 2 -9.96 3.95 -32.79
N VAL H 3 -10.05 4.67 -31.67
CA VAL H 3 -10.85 4.20 -30.54
C VAL H 3 -12.32 4.22 -30.96
N PRO H 4 -13.03 3.11 -30.89
CA PRO H 4 -14.46 3.15 -31.25
C PRO H 4 -15.20 4.27 -30.53
N THR H 5 -16.13 4.88 -31.25
CA THR H 5 -16.83 6.04 -30.73
C THR H 5 -17.61 5.68 -29.48
N VAL H 6 -18.26 4.52 -29.47
CA VAL H 6 -19.02 4.20 -28.27
C VAL H 6 -18.07 4.06 -27.09
N LEU H 7 -16.84 3.63 -27.36
CA LEU H 7 -15.89 3.45 -26.28
C LEU H 7 -15.37 4.79 -25.77
N GLN H 8 -15.17 5.73 -26.69
CA GLN H 8 -14.79 7.07 -26.26
C GLN H 8 -15.82 7.64 -25.28
N LYS H 9 -17.11 7.46 -25.59
CA LYS H 9 -18.15 8.03 -24.74
C LYS H 9 -18.18 7.37 -23.37
N ILE H 10 -18.13 6.03 -23.34
CA ILE H 10 -18.13 5.28 -22.08
C ILE H 10 -16.94 5.68 -21.20
N LEU H 11 -15.75 5.75 -21.80
CA LEU H 11 -14.55 5.95 -21.01
C LEU H 11 -14.46 7.38 -20.48
N ALA H 12 -14.98 8.37 -21.22
CA ALA H 12 -15.08 9.73 -20.72
C ALA H 12 -16.01 9.79 -19.53
N ARG H 13 -17.15 9.10 -19.60
CA ARG H 13 -18.03 8.99 -18.45
C ARG H 13 -17.32 8.29 -17.29
N LYS H 14 -16.57 7.23 -17.59
CA LYS H 14 -15.84 6.49 -16.55
C LYS H 14 -14.88 7.39 -15.79
N ALA H 15 -14.21 8.30 -16.50
CA ALA H 15 -13.30 9.20 -15.81
C ALA H 15 -14.05 10.06 -14.79
N GLU H 16 -15.27 10.50 -15.13
CA GLU H 16 -16.12 11.24 -14.18
C GLU H 16 -16.52 10.38 -13.00
N GLU H 17 -17.04 9.18 -13.28
CA GLU H 17 -17.44 8.29 -12.21
C GLU H 17 -16.31 8.05 -11.23
N VAL H 18 -15.10 7.80 -11.74
CA VAL H 18 -13.98 7.48 -10.86
C VAL H 18 -13.69 8.65 -9.93
N ALA H 19 -13.59 9.85 -10.49
CA ALA H 19 -13.30 11.01 -9.66
C ALA H 19 -14.39 11.23 -8.61
N GLU H 20 -15.66 11.05 -8.98
CA GLU H 20 -16.74 11.22 -7.99
C GLU H 20 -16.67 10.15 -6.91
N ARG H 21 -16.45 8.89 -7.29
CA ARG H 21 -16.39 7.86 -6.26
C ARG H 21 -15.18 8.05 -5.36
N ARG H 22 -14.05 8.47 -5.93
CA ARG H 22 -12.83 8.59 -5.13
C ARG H 22 -12.92 9.78 -4.18
N ALA H 23 -13.58 10.86 -4.58
CA ALA H 23 -13.83 11.95 -3.64
C ALA H 23 -14.61 11.45 -2.44
N ARG H 24 -15.49 10.47 -2.65
CA ARG H 24 -16.37 10.01 -1.59
C ARG H 24 -15.73 8.94 -0.72
N VAL H 25 -15.04 7.98 -1.32
CA VAL H 25 -14.39 6.91 -0.58
C VAL H 25 -12.97 6.80 -1.14
N ASN H 26 -11.98 7.24 -0.38
CA ASN H 26 -10.68 7.42 -1.00
C ASN H 26 -9.98 6.07 -1.14
N LEU H 27 -8.85 6.07 -1.86
CA LEU H 27 -8.18 4.81 -2.18
C LEU H 27 -7.84 4.03 -0.91
N ALA H 28 -7.25 4.70 0.09
CA ALA H 28 -6.86 4.01 1.31
C ALA H 28 -8.07 3.31 1.96
N GLU H 29 -9.25 3.94 1.90
CA GLU H 29 -10.45 3.30 2.46
C GLU H 29 -10.88 2.11 1.61
N VAL H 30 -10.92 2.27 0.28
CA VAL H 30 -11.26 1.13 -0.57
C VAL H 30 -10.33 -0.04 -0.31
N GLU H 31 -9.05 0.23 -0.07
CA GLU H 31 -8.12 -0.87 0.23
C GLU H 31 -8.48 -1.58 1.53
N ARG H 32 -8.83 -0.82 2.59
CA ARG H 32 -9.25 -1.48 3.83
C ARG H 32 -10.47 -2.35 3.58
N LEU H 33 -11.42 -1.85 2.78
CA LEU H 33 -12.62 -2.63 2.50
C LEU H 33 -12.31 -3.87 1.66
N ALA H 34 -11.33 -3.78 0.76
CA ALA H 34 -10.99 -4.96 -0.02
C ALA H 34 -10.36 -6.03 0.86
N ARG H 35 -9.67 -5.67 1.94
CA ARG H 35 -9.13 -6.68 2.85
C ARG H 35 -10.23 -7.53 3.49
N SER H 36 -11.39 -6.92 3.78
CA SER H 36 -12.50 -7.63 4.40
C SER H 36 -13.29 -8.46 3.44
N ALA H 37 -13.02 -8.37 2.16
CA ALA H 37 -13.83 -9.14 1.23
C ALA H 37 -13.47 -10.61 1.29
N ASP H 38 -14.48 -11.44 1.09
CA ASP H 38 -14.38 -12.84 0.75
C ASP H 38 -13.14 -13.15 -0.09
N ALA H 39 -12.60 -14.35 0.04
CA ALA H 39 -11.46 -14.69 -0.79
C ALA H 39 -11.88 -14.86 -2.25
N PRO H 40 -10.99 -14.57 -3.20
CA PRO H 40 -11.29 -14.86 -4.61
C PRO H 40 -11.69 -16.31 -4.80
N ARG H 41 -12.60 -16.56 -5.76
CA ARG H 41 -13.08 -17.91 -6.00
C ARG H 41 -12.31 -18.64 -7.09
N GLY H 42 -11.44 -17.95 -7.81
CA GLY H 42 -10.61 -18.61 -8.78
C GLY H 42 -11.23 -18.65 -10.15
N PHE H 43 -11.38 -17.44 -10.73
CA PHE H 43 -12.00 -17.28 -12.04
C PHE H 43 -11.27 -18.07 -13.13
N ALA H 44 -9.98 -17.79 -13.34
CA ALA H 44 -9.24 -18.49 -14.38
C ALA H 44 -9.18 -20.00 -14.13
N ASN H 45 -9.00 -20.42 -12.88
CA ASN H 45 -8.90 -21.85 -12.61
C ASN H 45 -10.20 -22.57 -12.95
N ALA H 46 -11.35 -21.95 -12.64
CA ALA H 46 -12.63 -22.54 -12.99
C ALA H 46 -12.75 -22.80 -14.49
N LEU H 47 -12.23 -21.91 -15.33
CA LEU H 47 -12.35 -22.12 -16.77
C LEU H 47 -11.31 -23.11 -17.28
N LEU H 48 -10.07 -22.95 -16.84
CA LEU H 48 -8.99 -23.84 -17.29
C LEU H 48 -9.30 -25.28 -16.92
N GLU H 49 -9.93 -25.49 -15.77
CA GLU H 49 -10.25 -26.83 -15.31
C GLU H 49 -11.18 -27.53 -16.28
N ARG H 50 -12.25 -26.85 -16.70
CA ARG H 50 -13.14 -27.40 -17.71
C ARG H 50 -12.46 -27.44 -19.08
N ALA H 51 -11.75 -26.38 -19.45
CA ALA H 51 -11.17 -26.32 -20.79
C ALA H 51 -10.11 -27.39 -21.00
N LYS H 52 -9.40 -27.77 -19.93
CA LYS H 52 -8.35 -28.79 -20.04
C LYS H 52 -8.95 -30.18 -20.21
N ARG H 53 -10.08 -30.45 -19.55
CA ARG H 53 -10.87 -31.65 -19.79
C ARG H 53 -11.69 -31.54 -21.08
N LYS H 54 -11.30 -30.64 -21.99
CA LYS H 54 -12.08 -30.34 -23.19
C LYS H 54 -13.58 -30.23 -22.94
N GLU H 55 -14.00 -29.67 -21.75
CA GLU H 55 -15.42 -29.42 -21.50
C GLU H 55 -15.71 -27.92 -21.61
N PRO H 56 -16.94 -27.53 -21.96
CA PRO H 56 -17.21 -26.11 -22.22
C PRO H 56 -17.11 -25.28 -20.95
N ALA H 57 -16.33 -24.19 -21.04
CA ALA H 57 -16.11 -23.24 -19.95
C ALA H 57 -16.89 -21.96 -20.25
N VAL H 58 -18.06 -21.80 -19.63
CA VAL H 58 -19.02 -20.78 -20.01
C VAL H 58 -18.99 -19.67 -18.98
N ILE H 59 -18.65 -18.46 -19.42
CA ILE H 59 -18.84 -17.26 -18.62
C ILE H 59 -20.22 -16.72 -18.98
N ALA H 60 -21.17 -16.87 -18.06
CA ALA H 60 -22.56 -16.47 -18.32
C ALA H 60 -22.80 -15.04 -17.84
N GLU H 61 -23.25 -14.18 -18.73
CA GLU H 61 -23.28 -12.75 -18.47
C GLU H 61 -24.67 -12.30 -18.01
N ILE H 62 -24.69 -11.53 -16.93
CA ILE H 62 -25.88 -10.93 -16.37
C ILE H 62 -25.91 -9.47 -16.84
N LYS H 63 -26.68 -9.20 -17.89
CA LYS H 63 -26.62 -7.95 -18.63
C LYS H 63 -28.04 -7.50 -19.00
N LYS H 64 -28.49 -6.42 -18.37
CA LYS H 64 -29.86 -5.90 -18.55
C LYS H 64 -30.03 -5.21 -19.92
N ALA H 65 -29.05 -4.39 -20.35
CA ALA H 65 -29.16 -3.61 -21.59
C ALA H 65 -27.79 -3.49 -22.23
N SER H 66 -27.75 -3.02 -23.47
CA SER H 66 -26.46 -2.81 -24.11
C SER H 66 -26.58 -1.70 -25.15
N PRO H 67 -25.46 -1.11 -25.56
CA PRO H 67 -25.51 -0.11 -26.64
C PRO H 67 -25.97 -0.69 -27.96
N SER H 68 -25.64 -1.94 -28.27
CA SER H 68 -25.97 -2.49 -29.57
C SER H 68 -27.37 -3.09 -29.64
N LYS H 69 -28.02 -3.35 -28.51
CA LYS H 69 -29.31 -4.03 -28.50
C LYS H 69 -30.41 -3.30 -27.75
N GLY H 70 -30.11 -2.21 -27.05
CA GLY H 70 -31.06 -1.64 -26.12
C GLY H 70 -31.31 -2.58 -24.96
N VAL H 71 -32.51 -2.50 -24.38
CA VAL H 71 -32.83 -3.37 -23.26
C VAL H 71 -32.98 -4.81 -23.76
N LEU H 72 -32.40 -5.74 -23.01
CA LEU H 72 -32.42 -7.16 -23.34
C LEU H 72 -33.36 -7.98 -22.45
N ARG H 73 -33.76 -7.47 -21.29
CA ARG H 73 -34.57 -8.27 -20.37
C ARG H 73 -35.26 -7.33 -19.38
N GLU H 74 -36.60 -7.28 -19.43
CA GLU H 74 -37.35 -6.34 -18.61
C GLU H 74 -37.36 -6.78 -17.15
N HIS H 75 -37.76 -8.02 -16.89
CA HIS H 75 -37.74 -8.55 -15.52
C HIS H 75 -36.34 -9.07 -15.26
N PHE H 76 -35.58 -8.32 -14.48
CA PHE H 76 -34.13 -8.49 -14.34
C PHE H 76 -33.82 -8.61 -12.86
N VAL H 77 -33.53 -9.82 -12.40
CA VAL H 77 -33.22 -10.05 -10.98
C VAL H 77 -31.89 -10.81 -10.89
N PRO H 78 -30.77 -10.12 -10.59
CA PRO H 78 -29.45 -10.78 -10.67
C PRO H 78 -29.31 -12.06 -9.85
N ALA H 79 -29.79 -12.08 -8.59
CA ALA H 79 -29.61 -13.28 -7.79
C ALA H 79 -30.29 -14.49 -8.40
N GLU H 80 -31.50 -14.31 -8.94
CA GLU H 80 -32.19 -15.45 -9.55
C GLU H 80 -31.46 -15.92 -10.79
N ILE H 81 -30.99 -14.97 -11.62
CA ILE H 81 -30.30 -15.33 -12.85
C ILE H 81 -29.04 -16.11 -12.54
N ALA H 82 -28.38 -15.74 -11.44
CA ALA H 82 -27.16 -16.42 -11.05
C ALA H 82 -27.43 -17.90 -10.75
N ARG H 83 -28.37 -18.16 -9.84
CA ARG H 83 -28.71 -19.54 -9.50
C ARG H 83 -29.17 -20.31 -10.73
N SER H 84 -29.91 -19.66 -11.62
CA SER H 84 -30.30 -20.32 -12.88
C SER H 84 -29.07 -20.66 -13.70
N TYR H 85 -28.13 -19.72 -13.82
CA TYR H 85 -26.90 -19.96 -14.56
C TYR H 85 -26.08 -21.08 -13.94
N GLU H 86 -25.99 -21.10 -12.61
CA GLU H 86 -25.21 -22.15 -11.96
C GLU H 86 -25.85 -23.52 -12.20
N ALA H 87 -27.17 -23.63 -12.01
CA ALA H 87 -27.86 -24.88 -12.28
C ALA H 87 -27.71 -25.30 -13.74
N GLY H 88 -27.66 -24.33 -14.65
CA GLY H 88 -27.53 -24.66 -16.06
C GLY H 88 -26.16 -25.12 -16.48
N GLY H 89 -25.15 -24.99 -15.63
CA GLY H 89 -23.79 -25.42 -15.94
C GLY H 89 -22.76 -24.34 -16.26
N ALA H 90 -23.05 -23.07 -15.94
CA ALA H 90 -22.07 -22.03 -16.14
C ALA H 90 -20.84 -22.27 -15.25
N ALA H 91 -19.65 -21.99 -15.79
CA ALA H 91 -18.42 -22.04 -15.02
C ALA H 91 -18.18 -20.79 -14.17
N CYS H 92 -18.48 -19.61 -14.72
CA CYS H 92 -18.34 -18.33 -14.02
C CYS H 92 -19.46 -17.41 -14.49
N LEU H 93 -19.67 -16.34 -13.72
CA LEU H 93 -20.56 -15.26 -14.12
C LEU H 93 -19.78 -14.01 -14.50
N SER H 94 -20.39 -13.23 -15.39
CA SER H 94 -20.01 -11.86 -15.70
C SER H 94 -21.20 -10.96 -15.38
N VAL H 95 -20.97 -9.92 -14.58
CA VAL H 95 -22.03 -9.00 -14.18
C VAL H 95 -21.61 -7.59 -14.55
N LEU H 96 -22.42 -6.93 -15.38
CA LEU H 96 -22.18 -5.54 -15.71
C LEU H 96 -22.39 -4.69 -14.48
N THR H 97 -21.44 -3.81 -14.21
CA THR H 97 -21.58 -2.84 -13.14
C THR H 97 -21.61 -1.44 -13.70
N ASP H 98 -21.55 -1.31 -15.03
CA ASP H 98 -21.74 0.00 -15.64
C ASP H 98 -23.21 0.39 -15.66
N VAL H 99 -23.50 1.57 -15.13
CA VAL H 99 -24.87 2.05 -14.97
C VAL H 99 -25.41 2.65 -16.26
N ASP H 100 -24.72 3.67 -16.80
CA ASP H 100 -25.33 4.49 -17.84
C ASP H 100 -25.55 3.76 -19.16
N PHE H 101 -24.70 2.78 -19.50
CA PHE H 101 -24.73 2.18 -20.84
C PHE H 101 -25.24 0.75 -20.86
N PHE H 102 -25.17 0.03 -19.74
CA PHE H 102 -25.65 -1.35 -19.68
C PHE H 102 -26.67 -1.56 -18.56
N GLN H 103 -26.99 -0.50 -17.81
CA GLN H 103 -28.00 -0.54 -16.74
C GLN H 103 -27.66 -1.62 -15.73
N GLY H 104 -26.36 -1.79 -15.49
CA GLY H 104 -25.86 -2.61 -14.41
C GLY H 104 -25.73 -1.81 -13.12
N ALA H 105 -25.12 -2.45 -12.12
CA ALA H 105 -24.91 -1.87 -10.80
C ALA H 105 -23.91 -2.73 -10.03
N ASP H 106 -23.11 -2.10 -9.18
CA ASP H 106 -22.26 -2.88 -8.28
C ASP H 106 -23.10 -3.79 -7.40
N ALA H 107 -24.26 -3.28 -6.95
CA ALA H 107 -25.19 -4.11 -6.18
C ALA H 107 -25.51 -5.42 -6.90
N TYR H 108 -25.72 -5.35 -8.23
CA TYR H 108 -26.08 -6.57 -8.97
C TYR H 108 -24.98 -7.63 -8.91
N LEU H 109 -23.71 -7.22 -8.91
CA LEU H 109 -22.64 -8.21 -8.80
C LEU H 109 -22.64 -8.85 -7.43
N LYS H 110 -22.78 -8.07 -6.35
CA LYS H 110 -22.86 -8.65 -5.02
C LYS H 110 -24.03 -9.64 -4.93
N GLU H 111 -25.23 -9.18 -5.31
CA GLU H 111 -26.42 -10.03 -5.29
C GLU H 111 -26.17 -11.36 -5.98
N ALA H 112 -25.69 -11.30 -7.23
CA ALA H 112 -25.45 -12.51 -8.01
C ALA H 112 -24.42 -13.41 -7.32
N ARG H 113 -23.31 -12.84 -6.87
CA ARG H 113 -22.26 -13.70 -6.33
C ARG H 113 -22.69 -14.32 -5.02
N ALA H 114 -23.49 -13.60 -4.23
CA ALA H 114 -23.97 -14.12 -2.96
C ALA H 114 -24.99 -15.24 -3.15
N ALA H 115 -25.63 -15.30 -4.32
CA ALA H 115 -26.65 -16.30 -4.58
C ALA H 115 -26.11 -17.54 -5.26
N CYS H 116 -24.81 -17.66 -5.46
CA CYS H 116 -24.25 -18.88 -6.03
C CYS H 116 -22.84 -19.04 -5.48
N ALA H 117 -22.10 -19.99 -6.05
CA ALA H 117 -20.72 -20.23 -5.65
C ALA H 117 -19.74 -19.99 -6.78
N LEU H 118 -20.18 -19.42 -7.91
CA LEU H 118 -19.26 -19.35 -9.03
C LEU H 118 -18.35 -18.13 -8.91
N PRO H 119 -17.18 -18.17 -9.52
CA PRO H 119 -16.37 -16.94 -9.65
C PRO H 119 -17.05 -15.94 -10.56
N VAL H 120 -16.82 -14.65 -10.27
CA VAL H 120 -17.48 -13.55 -10.96
C VAL H 120 -16.45 -12.55 -11.50
N ILE H 121 -16.58 -12.18 -12.77
CA ILE H 121 -15.81 -11.05 -13.31
C ILE H 121 -16.66 -9.79 -13.21
N ARG H 122 -16.04 -8.71 -12.73
CA ARG H 122 -16.66 -7.39 -12.75
C ARG H 122 -16.58 -6.89 -14.19
N LYS H 123 -17.72 -6.80 -14.85
CA LYS H 123 -17.77 -6.43 -16.26
C LYS H 123 -18.03 -4.93 -16.32
N ASP H 124 -16.99 -4.16 -16.60
CA ASP H 124 -17.01 -2.71 -16.53
C ASP H 124 -15.76 -2.24 -17.26
N PHE H 125 -15.51 -0.94 -17.23
CA PHE H 125 -14.54 -0.32 -18.13
C PHE H 125 -13.44 0.24 -17.23
N MET H 126 -12.35 -0.54 -17.11
CA MET H 126 -11.29 -0.22 -16.17
C MET H 126 -10.32 0.75 -16.83
N ILE H 127 -10.11 1.91 -16.20
CA ILE H 127 -9.12 2.88 -16.65
C ILE H 127 -8.22 3.37 -15.50
N ASP H 128 -8.53 2.96 -14.27
CA ASP H 128 -7.79 3.50 -13.13
C ASP H 128 -7.57 2.45 -12.05
N PRO H 129 -6.39 2.40 -11.42
CA PRO H 129 -6.17 1.45 -10.32
C PRO H 129 -7.25 1.50 -9.24
N TYR H 130 -7.78 2.67 -8.93
CA TYR H 130 -8.88 2.75 -7.97
C TYR H 130 -9.98 1.74 -8.28
N GLN H 131 -10.40 1.66 -9.55
CA GLN H 131 -11.50 0.76 -9.88
C GLN H 131 -11.11 -0.71 -9.73
N ILE H 132 -9.82 -1.04 -9.88
CA ILE H 132 -9.37 -2.41 -9.68
C ILE H 132 -9.49 -2.82 -8.22
N VAL H 133 -9.03 -1.93 -7.31
CA VAL H 133 -9.14 -2.22 -5.86
C VAL H 133 -10.61 -2.28 -5.45
N GLU H 134 -11.42 -1.35 -5.98
CA GLU H 134 -12.86 -1.32 -5.74
C GLU H 134 -13.53 -2.62 -6.16
N ALA H 135 -13.13 -3.17 -7.32
CA ALA H 135 -13.65 -4.46 -7.79
C ALA H 135 -13.46 -5.54 -6.74
N ARG H 136 -12.28 -5.61 -6.12
CA ARG H 136 -12.08 -6.59 -5.05
C ARG H 136 -12.95 -6.25 -3.83
N ALA H 137 -13.08 -4.97 -3.48
CA ALA H 137 -13.92 -4.58 -2.35
C ALA H 137 -15.38 -5.04 -2.52
N ILE H 138 -15.89 -5.09 -3.75
CA ILE H 138 -17.26 -5.55 -3.95
C ILE H 138 -17.34 -7.05 -4.19
N GLY H 139 -16.22 -7.74 -4.10
CA GLY H 139 -16.20 -9.19 -4.11
C GLY H 139 -15.86 -9.81 -5.45
N ALA H 140 -15.60 -9.03 -6.48
CA ALA H 140 -15.29 -9.62 -7.78
C ALA H 140 -14.09 -10.54 -7.66
N ASP H 141 -14.03 -11.53 -8.55
CA ASP H 141 -12.94 -12.50 -8.61
C ASP H 141 -11.97 -12.27 -9.77
N CYS H 142 -12.35 -11.39 -10.70
CA CYS H 142 -11.63 -11.14 -11.93
C CYS H 142 -12.06 -9.76 -12.41
N ILE H 143 -11.17 -9.09 -13.15
CA ILE H 143 -11.51 -7.84 -13.79
C ILE H 143 -11.16 -7.95 -15.27
N LEU H 144 -11.65 -6.98 -16.04
CA LEU H 144 -11.49 -6.94 -17.49
C LEU H 144 -10.56 -5.80 -17.88
N LEU H 145 -9.65 -6.08 -18.80
CA LEU H 145 -8.84 -5.02 -19.42
C LEU H 145 -9.12 -5.03 -20.91
N ILE H 146 -9.48 -3.87 -21.46
CA ILE H 146 -9.86 -3.75 -22.86
C ILE H 146 -8.72 -3.08 -23.60
N VAL H 147 -8.06 -3.82 -24.50
CA VAL H 147 -6.86 -3.28 -25.12
C VAL H 147 -7.19 -2.04 -25.95
N SER H 148 -8.34 -2.02 -26.62
CA SER H 148 -8.57 -0.84 -27.44
C SER H 148 -8.84 0.41 -26.59
N ALA H 149 -9.04 0.25 -25.27
CA ALA H 149 -9.25 1.37 -24.36
C ALA H 149 -7.97 1.86 -23.66
N LEU H 150 -6.85 1.18 -23.82
CA LEU H 150 -5.72 1.38 -22.93
C LEU H 150 -4.41 1.44 -23.71
N ASP H 151 -3.50 2.33 -23.32
CA ASP H 151 -2.15 2.12 -23.79
C ASP H 151 -1.43 1.07 -22.91
N ASP H 152 -0.32 0.57 -23.44
CA ASP H 152 0.41 -0.52 -22.80
C ASP H 152 0.78 -0.21 -21.34
N VAL H 153 1.22 1.03 -21.08
CA VAL H 153 1.68 1.37 -19.74
C VAL H 153 0.53 1.25 -18.74
N LEU H 154 -0.62 1.83 -19.08
CA LEU H 154 -1.75 1.78 -18.16
C LEU H 154 -2.27 0.35 -18.02
N MET H 155 -2.33 -0.38 -19.14
CA MET H 155 -2.75 -1.77 -19.10
C MET H 155 -1.90 -2.57 -18.13
N ALA H 156 -0.58 -2.39 -18.20
CA ALA H 156 0.34 -3.04 -17.28
C ALA H 156 0.08 -2.62 -15.84
N GLU H 157 -0.08 -1.31 -15.61
CA GLU H 157 -0.35 -0.83 -14.26
C GLU H 157 -1.65 -1.41 -13.71
N LEU H 158 -2.70 -1.49 -14.53
CA LEU H 158 -3.96 -2.04 -14.01
C LEU H 158 -3.82 -3.52 -13.72
N ALA H 159 -3.11 -4.27 -14.59
CA ALA H 159 -2.88 -5.69 -14.30
C ALA H 159 -2.06 -5.87 -13.04
N ALA H 160 -1.09 -4.98 -12.81
CA ALA H 160 -0.26 -5.11 -11.61
C ALA H 160 -1.08 -4.81 -10.36
N THR H 161 -2.02 -3.85 -10.45
CA THR H 161 -2.90 -3.61 -9.32
C THR H 161 -3.78 -4.82 -9.05
N ALA H 162 -4.31 -5.44 -10.11
CA ALA H 162 -5.15 -6.62 -9.96
C ALA H 162 -4.39 -7.74 -9.25
N LYS H 163 -3.16 -8.00 -9.66
CA LYS H 163 -2.35 -9.03 -9.02
C LYS H 163 -2.12 -8.67 -7.56
N SER H 164 -1.90 -7.40 -7.28
CA SER H 164 -1.68 -6.97 -5.91
C SER H 164 -2.85 -7.34 -5.01
N VAL H 165 -4.08 -7.27 -5.49
CA VAL H 165 -5.24 -7.50 -4.63
C VAL H 165 -5.85 -8.89 -4.85
N GLY H 166 -5.17 -9.75 -5.60
CA GLY H 166 -5.66 -11.10 -5.84
C GLY H 166 -6.74 -11.27 -6.87
N LEU H 167 -6.81 -10.39 -7.87
CA LEU H 167 -7.81 -10.50 -8.93
C LEU H 167 -7.22 -11.18 -10.14
N ASP H 168 -8.00 -12.05 -10.76
CA ASP H 168 -7.67 -12.52 -12.08
C ASP H 168 -7.93 -11.40 -13.10
N VAL H 169 -7.38 -11.58 -14.28
CA VAL H 169 -7.43 -10.61 -15.36
C VAL H 169 -7.89 -11.33 -16.60
N LEU H 170 -8.93 -10.79 -17.25
CA LEU H 170 -9.29 -11.15 -18.61
C LEU H 170 -8.97 -9.96 -19.50
N VAL H 171 -8.12 -10.18 -20.49
CA VAL H 171 -7.75 -9.13 -21.43
C VAL H 171 -8.48 -9.39 -22.74
N GLU H 172 -9.09 -8.36 -23.27
CA GLU H 172 -9.97 -8.49 -24.41
C GLU H 172 -9.32 -7.82 -25.60
N VAL H 173 -9.12 -8.60 -26.67
CA VAL H 173 -8.54 -8.11 -27.91
C VAL H 173 -9.53 -8.31 -29.05
N HIS H 174 -9.32 -7.57 -30.15
CA HIS H 174 -10.15 -7.66 -31.34
C HIS H 174 -9.39 -7.97 -32.62
N ASP H 175 -8.08 -7.78 -32.66
CA ASP H 175 -7.32 -8.00 -33.87
C ASP H 175 -5.92 -8.43 -33.46
N GLY H 176 -5.09 -8.70 -34.46
CA GLY H 176 -3.81 -9.30 -34.18
C GLY H 176 -2.83 -8.33 -33.57
N THR H 177 -2.93 -7.05 -33.93
CA THR H 177 -2.12 -6.02 -33.29
C THR H 177 -2.45 -5.90 -31.80
N GLU H 178 -3.73 -5.89 -31.45
CA GLU H 178 -4.09 -5.82 -30.04
C GLU H 178 -3.59 -7.05 -29.31
N LEU H 179 -3.65 -8.20 -29.97
CA LEU H 179 -3.21 -9.45 -29.37
C LEU H 179 -1.74 -9.39 -29.04
N GLU H 180 -0.94 -8.91 -29.99
CA GLU H 180 0.49 -8.78 -29.77
C GLU H 180 0.80 -7.88 -28.59
N ARG H 181 0.08 -6.75 -28.47
CA ARG H 181 0.30 -5.90 -27.30
C ARG H 181 -0.07 -6.63 -26.03
N ALA H 182 -1.18 -7.37 -26.05
CA ALA H 182 -1.62 -8.07 -24.87
C ALA H 182 -0.59 -9.11 -24.45
N LEU H 183 -0.13 -9.95 -25.39
CA LEU H 183 0.81 -11.02 -25.05
C LEU H 183 2.14 -10.45 -24.57
N LYS H 184 2.59 -9.36 -25.16
CA LYS H 184 3.85 -8.76 -24.75
C LYS H 184 3.70 -8.02 -23.42
N THR H 185 2.51 -7.59 -23.05
CA THR H 185 2.38 -6.74 -21.87
C THR H 185 1.94 -7.51 -20.64
N LEU H 186 1.12 -8.54 -20.81
CA LEU H 186 0.43 -9.19 -19.71
C LEU H 186 0.75 -10.68 -19.70
N ASP H 187 0.78 -11.26 -18.50
CA ASP H 187 1.01 -12.68 -18.41
C ASP H 187 -0.26 -13.46 -18.10
N THR H 188 -1.43 -12.80 -18.02
CA THR H 188 -2.63 -13.57 -17.67
C THR H 188 -2.86 -14.68 -18.68
N PRO H 189 -3.32 -15.86 -18.23
CA PRO H 189 -3.74 -16.89 -19.18
C PRO H 189 -5.03 -16.55 -19.95
N LEU H 190 -5.88 -15.64 -19.47
CA LEU H 190 -7.19 -15.43 -20.09
C LEU H 190 -7.09 -14.37 -21.18
N VAL H 191 -7.22 -14.80 -22.43
CA VAL H 191 -7.17 -13.92 -23.58
C VAL H 191 -8.54 -13.98 -24.24
N GLY H 192 -9.34 -12.93 -24.03
CA GLY H 192 -10.62 -12.80 -24.70
C GLY H 192 -10.48 -12.20 -26.09
N ILE H 193 -11.19 -12.79 -27.03
CA ILE H 193 -11.33 -12.22 -28.35
C ILE H 193 -12.78 -11.82 -28.50
N ASN H 194 -13.02 -10.54 -28.81
CA ASN H 194 -14.37 -10.04 -28.95
C ASN H 194 -14.76 -10.13 -30.43
N ASN H 195 -15.81 -10.90 -30.71
CA ASN H 195 -16.25 -11.05 -32.09
C ASN H 195 -17.05 -9.85 -32.61
N ARG H 196 -17.54 -9.00 -31.71
CA ARG H 196 -18.27 -7.80 -32.10
C ARG H 196 -17.29 -6.66 -32.33
N ASN H 197 -17.22 -6.17 -33.57
CA ASN H 197 -16.52 -4.93 -33.89
C ASN H 197 -17.27 -3.76 -33.25
N LEU H 198 -16.57 -2.95 -32.46
CA LEU H 198 -17.24 -1.88 -31.71
C LEU H 198 -17.33 -0.56 -32.48
N HIS H 199 -16.61 -0.45 -33.61
CA HIS H 199 -16.85 0.67 -34.53
C HIS H 199 -18.21 0.50 -35.23
N THR H 200 -18.50 -0.72 -35.71
CA THR H 200 -19.67 -1.02 -36.54
C THR H 200 -20.75 -1.85 -35.85
N PHE H 201 -20.43 -2.52 -34.75
CA PHE H 201 -21.29 -3.50 -34.08
C PHE H 201 -21.53 -4.74 -34.92
N GLU H 202 -20.85 -4.90 -36.05
CA GLU H 202 -20.94 -6.17 -36.76
C GLU H 202 -20.24 -7.27 -35.99
N VAL H 203 -20.84 -8.46 -35.98
CA VAL H 203 -20.31 -9.63 -35.31
C VAL H 203 -19.84 -10.63 -36.34
N SER H 204 -18.58 -11.08 -36.19
CA SER H 204 -18.05 -12.20 -36.96
C SER H 204 -17.37 -13.18 -36.01
N LEU H 205 -17.84 -14.42 -35.98
CA LEU H 205 -17.16 -15.44 -35.21
C LEU H 205 -15.80 -15.81 -35.80
N GLU H 206 -15.48 -15.32 -37.00
CA GLU H 206 -14.16 -15.59 -37.55
C GLU H 206 -13.11 -14.66 -37.00
N THR H 207 -13.52 -13.58 -36.31
CA THR H 207 -12.55 -12.79 -35.57
C THR H 207 -11.78 -13.68 -34.60
N THR H 208 -12.49 -14.55 -33.89
CA THR H 208 -11.83 -15.54 -33.04
C THR H 208 -11.03 -16.52 -33.90
N LEU H 209 -11.69 -17.19 -34.85
CA LEU H 209 -11.07 -18.30 -35.58
C LEU H 209 -9.80 -17.86 -36.32
N ASP H 210 -9.80 -16.67 -36.92
CA ASP H 210 -8.63 -16.16 -37.63
C ASP H 210 -7.42 -15.89 -36.72
N LEU H 211 -7.59 -15.84 -35.39
CA LEU H 211 -6.50 -15.49 -34.49
C LEU H 211 -5.94 -16.69 -33.72
N LEU H 212 -6.65 -17.82 -33.72
CA LEU H 212 -6.16 -18.97 -32.96
C LEU H 212 -4.71 -19.33 -33.22
N PRO H 213 -4.19 -19.33 -34.45
CA PRO H 213 -2.79 -19.77 -34.63
C PRO H 213 -1.78 -18.80 -34.05
N GLU H 214 -2.19 -17.57 -33.78
CA GLU H 214 -1.32 -16.57 -33.20
C GLU H 214 -1.33 -16.62 -31.68
N ILE H 215 -2.20 -17.42 -31.11
CA ILE H 215 -2.37 -17.45 -29.66
C ILE H 215 -1.45 -18.50 -29.07
N PRO H 216 -0.64 -18.15 -28.07
CA PRO H 216 0.28 -19.14 -27.49
C PRO H 216 -0.47 -20.30 -26.87
N ARG H 217 0.23 -21.44 -26.79
CA ARG H 217 -0.33 -22.63 -26.15
C ARG H 217 -0.64 -22.41 -24.69
N ASP H 218 0.13 -21.56 -24.02
CA ASP H 218 -0.09 -21.37 -22.60
C ASP H 218 -1.12 -20.30 -22.28
N ARG H 219 -1.91 -19.88 -23.27
CA ARG H 219 -3.05 -19.01 -23.01
C ARG H 219 -4.34 -19.73 -23.38
N LEU H 220 -5.40 -19.42 -22.64
CA LEU H 220 -6.75 -19.90 -22.87
C LEU H 220 -7.57 -18.86 -23.65
N VAL H 221 -8.06 -19.24 -24.83
CA VAL H 221 -8.95 -18.36 -25.60
C VAL H 221 -10.33 -18.34 -24.95
N VAL H 222 -10.85 -17.15 -24.70
CA VAL H 222 -12.23 -16.93 -24.30
C VAL H 222 -12.88 -16.17 -25.43
N THR H 223 -13.77 -16.82 -26.18
CA THR H 223 -14.43 -16.16 -27.28
C THR H 223 -15.64 -15.40 -26.74
N GLU H 224 -15.84 -14.18 -27.27
CA GLU H 224 -16.82 -13.23 -26.71
C GLU H 224 -17.72 -12.71 -27.81
N SER H 225 -19.03 -12.74 -27.56
CA SER H 225 -20.04 -12.16 -28.44
C SER H 225 -20.35 -13.06 -29.63
N GLY H 226 -21.63 -13.17 -29.99
CA GLY H 226 -22.02 -13.86 -31.20
C GLY H 226 -22.39 -15.31 -31.02
N ILE H 227 -22.26 -15.83 -29.80
CA ILE H 227 -22.66 -17.21 -29.54
C ILE H 227 -24.17 -17.19 -29.37
N LEU H 228 -24.89 -17.68 -30.38
CA LEU H 228 -26.34 -17.62 -30.41
C LEU H 228 -27.01 -18.98 -30.51
N ASN H 229 -26.39 -19.96 -31.15
CA ASN H 229 -27.03 -21.24 -31.44
C ASN H 229 -26.03 -22.37 -31.27
N ARG H 230 -26.55 -23.60 -31.16
CA ARG H 230 -25.68 -24.74 -30.93
C ARG H 230 -24.63 -24.87 -32.02
N ALA H 231 -24.92 -24.43 -33.23
CA ALA H 231 -23.92 -24.54 -34.28
C ALA H 231 -22.74 -23.65 -33.98
N ASP H 232 -23.01 -22.42 -33.55
CA ASP H 232 -21.95 -21.51 -33.12
C ASP H 232 -21.03 -22.18 -32.11
N VAL H 233 -21.61 -22.77 -31.05
CA VAL H 233 -20.82 -23.42 -30.01
C VAL H 233 -20.00 -24.56 -30.59
N GLU H 234 -20.53 -25.22 -31.62
CA GLU H 234 -19.89 -26.40 -32.17
C GLU H 234 -18.69 -26.01 -33.03
N LEU H 235 -18.84 -24.99 -33.86
CA LEU H 235 -17.72 -24.51 -34.67
C LEU H 235 -16.55 -24.07 -33.79
N MET H 236 -16.83 -23.54 -32.60
CA MET H 236 -15.75 -23.13 -31.71
C MET H 236 -15.09 -24.34 -31.09
N GLU H 237 -15.90 -25.27 -30.58
CA GLU H 237 -15.37 -26.44 -29.88
C GLU H 237 -14.52 -27.29 -30.82
N VAL H 238 -14.95 -27.40 -32.08
CA VAL H 238 -14.20 -28.16 -33.08
C VAL H 238 -12.83 -27.54 -33.33
N SER H 239 -12.69 -26.23 -33.17
CA SER H 239 -11.39 -25.59 -33.31
C SER H 239 -10.69 -25.41 -31.98
N GLU H 240 -11.17 -26.12 -30.95
CA GLU H 240 -10.51 -26.23 -29.65
C GLU H 240 -10.67 -24.95 -28.81
N VAL H 241 -11.73 -24.18 -29.05
CA VAL H 241 -12.13 -23.10 -28.15
C VAL H 241 -13.19 -23.67 -27.24
N TYR H 242 -12.91 -23.69 -25.95
CA TYR H 242 -13.84 -24.22 -24.97
C TYR H 242 -14.33 -23.17 -23.98
N ALA H 243 -13.85 -21.93 -24.05
CA ALA H 243 -14.25 -20.92 -23.09
C ALA H 243 -15.06 -19.82 -23.80
N PHE H 244 -16.16 -19.41 -23.18
CA PHE H 244 -17.17 -18.60 -23.84
C PHE H 244 -17.65 -17.49 -22.92
N LEU H 245 -17.87 -16.31 -23.48
CA LEU H 245 -18.59 -15.24 -22.79
C LEU H 245 -19.89 -15.00 -23.54
N VAL H 246 -21.03 -15.26 -22.89
CA VAL H 246 -22.32 -15.25 -23.57
C VAL H 246 -23.33 -14.49 -22.73
N GLY H 247 -24.01 -13.52 -23.37
CA GLY H 247 -25.00 -12.69 -22.71
C GLY H 247 -26.37 -12.70 -23.37
N GLU H 248 -26.44 -12.13 -24.57
CA GLU H 248 -27.71 -11.89 -25.25
C GLU H 248 -28.56 -13.16 -25.34
N ALA H 249 -27.98 -14.22 -25.90
CA ALA H 249 -28.72 -15.46 -26.10
C ALA H 249 -29.39 -15.96 -24.82
N PHE H 250 -28.81 -15.68 -23.66
CA PHE H 250 -29.44 -16.13 -22.42
C PHE H 250 -30.40 -15.10 -21.87
N MET H 251 -30.06 -13.80 -21.97
CA MET H 251 -30.91 -12.75 -21.45
C MET H 251 -32.22 -12.64 -22.20
N ARG H 252 -32.26 -13.09 -23.45
CA ARG H 252 -33.47 -13.06 -24.26
C ARG H 252 -34.36 -14.28 -24.07
N ALA H 253 -33.89 -15.31 -23.37
CA ALA H 253 -34.63 -16.56 -23.24
C ALA H 253 -35.41 -16.59 -21.92
N ASP H 254 -36.44 -17.44 -21.90
CA ASP H 254 -37.29 -17.59 -20.70
C ASP H 254 -36.45 -17.88 -19.48
N ASP H 255 -35.77 -19.03 -19.48
CA ASP H 255 -34.87 -19.41 -18.39
C ASP H 255 -33.45 -19.37 -18.93
N PRO H 256 -32.64 -18.38 -18.55
CA PRO H 256 -31.28 -18.29 -19.11
C PRO H 256 -30.41 -19.52 -18.85
N GLY H 257 -30.50 -20.13 -17.66
CA GLY H 257 -29.70 -21.30 -17.38
C GLY H 257 -30.08 -22.50 -18.22
N LEU H 258 -31.37 -22.62 -18.56
CA LEU H 258 -31.83 -23.68 -19.44
C LEU H 258 -31.29 -23.47 -20.85
N GLU H 259 -31.38 -22.24 -21.35
CA GLU H 259 -30.78 -21.93 -22.65
C GLU H 259 -29.29 -22.22 -22.65
N LEU H 260 -28.60 -21.92 -21.54
CA LEU H 260 -27.19 -22.25 -21.44
C LEU H 260 -26.98 -23.75 -21.62
N LYS H 261 -27.71 -24.55 -20.83
CA LYS H 261 -27.64 -26.00 -20.95
C LYS H 261 -27.92 -26.46 -22.37
N ARG H 262 -28.96 -25.91 -23.00
CA ARG H 262 -29.33 -26.34 -24.34
C ARG H 262 -28.21 -26.06 -25.34
N LEU H 263 -27.59 -24.87 -25.26
CA LEU H 263 -26.51 -24.52 -26.17
C LEU H 263 -25.22 -25.29 -25.89
N PHE H 264 -24.99 -25.67 -24.63
CA PHE H 264 -23.67 -26.16 -24.23
C PHE H 264 -23.66 -27.60 -23.72
N PHE H 265 -24.74 -28.08 -23.11
CA PHE H 265 -24.80 -29.44 -22.58
C PHE H 265 -25.97 -30.24 -23.16
#